data_9GZ1
#
_entry.id   9GZ1
#
loop_
_entity.id
_entity.type
_entity.pdbx_description
1 polymer Myosin-7
2 polymer 'Myosin light chain 1/3, skeletal muscle isoform'
3 polymer 'Myosin regulatory light chain 11'
4 non-polymer 'MAGNESIUM ION'
5 non-polymer "ADENOSINE-5'-DIPHOSPHATE"
6 non-polymer 'PHOSPHATE ION'
7 non-polymer Mavacamten
#
loop_
_entity_poly.entity_id
_entity_poly.type
_entity_poly.pdbx_seq_one_letter_code
_entity_poly.pdbx_strand_id
1 'polypeptide(L)'
;GDSEMAVFGAAAPYLRKSEKERLEAQTRPFDLKKDVFVPDDKQEFVKAKIVSREGGKVTAETEYGKTVTVKEDQVMQQNP
PKFDKIEDMAMLTFLHEPAVLYNLKDRYGSWMIYTYSGLFCVTVNPYKWLPVYTPEVVAAYRGKKRSEAPPHIFSISDNA
YQYMLTDRENQSILITGESGAGKTVNTKRVIQYFAVIAAIGDRSKKDQSPGKGTLEDQIIQANPALEAFGNAKTVRNDNS
SRFGKFIRIHFGATGKLASADIETYLLEKSRVIFQLKAERDYHIFYQILSNKKPELLDMLLITNNPYDYAFISQGETTVA
SIDDAEELMATDNAFDVLGFTSEEKNSMYKLTGAIMHFGNMKFKLKQREEQAEPDGTEEADKSAYLMGLNSADLLKGLCH
PRVKVGNEYVTKGQNVQQVIYATGALAKAVYERMFNWMVTRINATLETKQPRQYFIGVLDIAGFEIFDFNSFEQLCINFT
NEKLQQFFNHHMFVLEQEEYKKEGIEWTFIDFGMDLQACIDLIEKPMGIMSILEEECMFPKATDMTFKAKLFDNHLGKSA
NFQKPRNIKGKPEAHFSLIHYAGIVDYNIIGWLQKNKDPLNETVVGLYQKSSLKLLSTLFANYAGADAPIEKGKGKAKKG
SSFQTVSALHRENLNKLMTNLRSTHPHFVRCIIPNETKSPGVMDNPLVMHQLRCNGVLEGIRICRKGFPNRILYGDFRQR
YRILNPAAIPEGQFIDSRKGAEKLLSSLDIDHNQYKFGHTKVFFKAGLLGLLEEMRDERLSRIITRIQAQSRGVLARMEY
KKLLERRDSLLVIQWNIRAFMGVKNWPWMKLYFKIKPLLKSAEREKEMASMKEEFTRLKEALEKSEARRKELEEKMVSLL
QEKNDLQLQVQAEQDNLADAEERCDQLIKNKIQLEAKVKEMNERLEDEEEMNAELTAKKRKLEDECSELKRDIDDLELTL
AKVEKEKHATENKVKNLTEEMAGLDEIIAKLTKEKKALQEAHQQALDDLQAEEDKVNTLTKAKVKLEQQVDDLEGSLEQE
KKVRMDLERAKRKLEGDLKLTQESIMDLENDKQQLDERLKKKDFELNALNARIEDEQALGSQLQKKLKELQARIEELEEE
LESERTARAKVEKLRSDDYKDDDDK
;
A,B
2 'polypeptide(L)'
;APKKDVKKPAAAPAPAPAPAPAPAKPKEEKIDLSAIKIEFSKEQQEDFKEAFLLFDRTGECKITLSQVGDVLRALGTNPT
NAEVKKVLGNPSNEEMNAKKIEFEQFLPMMQAISNNKDQGGYEDFVEGLRVFDKEGNGTVMGAELRHVLATLGEKMKEEE
VEALLAGQEDSNGCINYEAFVKHIMSV
;
C,E
3 'polypeptide(L)'
;APKKAKRRAGAEGSSNVFSMFDQTQIQEFKEAFTVIDQNRDGIIDKEDLRDTFAAMGRLNVKNEELDAMMKEASGPINFT
VFLTMFGEKLKGADPEDVITGAFKVLDPEGKGTIKKQFLEELLTTQCDRFSQEEIKNMWAAFPPDVGGNVDYKNICYVIT
HGDAKDQE
;
D,F
#
# COMPACT_ATOMS: atom_id res chain seq x y z
N ASP A 2 -8.93 60.28 -1.68
CA ASP A 2 -7.82 61.02 -1.09
C ASP A 2 -6.48 60.62 -1.71
N SER A 3 -5.39 61.15 -1.14
CA SER A 3 -4.05 60.78 -1.59
C SER A 3 -3.68 59.36 -1.19
N GLU A 4 -4.21 58.85 -0.08
CA GLU A 4 -3.79 57.55 0.43
C GLU A 4 -4.42 56.39 -0.34
N MET A 5 -5.64 56.58 -0.87
CA MET A 5 -6.34 55.54 -1.62
C MET A 5 -5.61 55.11 -2.89
N ALA A 6 -4.65 55.92 -3.36
CA ALA A 6 -3.80 55.52 -4.48
C ALA A 6 -3.02 54.23 -4.23
N VAL A 7 -2.81 53.82 -2.98
CA VAL A 7 -2.16 52.54 -2.75
C VAL A 7 -3.03 51.38 -3.23
N PHE A 8 -4.35 51.56 -3.24
CA PHE A 8 -5.28 50.57 -3.78
C PHE A 8 -5.32 50.54 -5.30
N GLY A 9 -4.60 51.42 -5.98
CA GLY A 9 -4.42 51.41 -7.43
C GLY A 9 -5.73 51.47 -8.21
N ALA A 10 -5.73 50.81 -9.37
CA ALA A 10 -6.91 50.78 -10.24
C ALA A 10 -8.11 50.08 -9.62
N ALA A 11 -7.94 49.35 -8.52
CA ALA A 11 -9.08 48.75 -7.83
C ALA A 11 -9.85 49.76 -7.01
N ALA A 12 -9.27 50.92 -6.74
CA ALA A 12 -9.91 51.92 -5.88
C ALA A 12 -11.33 52.31 -6.27
N PRO A 13 -11.70 52.54 -7.53
CA PRO A 13 -13.12 52.77 -7.83
C PRO A 13 -14.04 51.62 -7.45
N TYR A 14 -13.52 50.39 -7.34
CA TYR A 14 -14.31 49.25 -6.91
C TYR A 14 -14.20 48.95 -5.42
N LEU A 15 -13.60 49.85 -4.65
CA LEU A 15 -13.52 49.62 -3.20
C LEU A 15 -14.20 50.71 -2.38
N ARG A 16 -14.02 51.98 -2.73
CA ARG A 16 -14.55 53.09 -1.96
C ARG A 16 -15.27 54.05 -2.87
N LYS A 17 -16.47 54.47 -2.47
CA LYS A 17 -17.06 55.66 -3.05
C LYS A 17 -16.09 56.83 -2.89
N SER A 18 -15.89 57.57 -3.98
CA SER A 18 -14.92 58.65 -3.95
C SER A 18 -15.40 59.79 -3.04
N GLU A 19 -14.44 60.59 -2.57
CA GLU A 19 -14.75 61.83 -1.88
C GLU A 19 -15.53 62.78 -2.78
N LYS A 20 -15.24 62.77 -4.08
CA LYS A 20 -16.02 63.58 -5.00
C LYS A 20 -17.43 63.03 -5.13
N GLU A 21 -17.59 61.71 -5.00
CA GLU A 21 -18.93 61.15 -4.94
C GLU A 21 -19.62 61.48 -3.63
N ARG A 22 -18.89 61.53 -2.51
CA ARG A 22 -19.50 61.93 -1.26
C ARG A 22 -20.03 63.36 -1.32
N LEU A 23 -19.23 64.30 -1.81
CA LEU A 23 -19.72 65.66 -2.00
C LEU A 23 -20.88 65.71 -2.99
N GLU A 24 -20.77 64.98 -4.10
CA GLU A 24 -21.89 64.85 -5.03
C GLU A 24 -23.16 64.35 -4.33
N ALA A 25 -23.02 63.32 -3.50
CA ALA A 25 -24.16 62.84 -2.72
C ALA A 25 -24.72 63.93 -1.84
N GLN A 26 -23.86 64.75 -1.24
CA GLN A 26 -24.38 65.88 -0.47
C GLN A 26 -25.08 66.90 -1.36
N THR A 27 -24.68 67.03 -2.63
CA THR A 27 -25.43 67.91 -3.52
C THR A 27 -26.79 67.31 -3.88
N ARG A 28 -26.91 65.98 -3.85
CA ARG A 28 -28.17 65.32 -4.17
C ARG A 28 -29.32 65.95 -3.39
N PRO A 29 -30.50 66.12 -4.01
CA PRO A 29 -31.68 66.49 -3.24
C PRO A 29 -32.06 65.35 -2.30
N PHE A 30 -32.00 65.63 -1.00
CA PHE A 30 -32.28 64.60 -0.01
C PHE A 30 -32.99 65.23 1.18
N ASP A 31 -33.87 64.46 1.80
CA ASP A 31 -34.55 64.91 3.02
C ASP A 31 -34.80 63.69 3.88
N LEU A 32 -34.22 63.68 5.08
CA LEU A 32 -34.51 62.63 6.06
C LEU A 32 -36.00 62.49 6.31
N LYS A 33 -36.75 63.60 6.23
CA LYS A 33 -38.18 63.56 6.47
C LYS A 33 -38.98 63.05 5.29
N LYS A 34 -38.35 62.86 4.12
CA LYS A 34 -39.09 62.54 2.91
C LYS A 34 -38.60 61.32 2.15
N ASP A 35 -37.36 60.87 2.35
CA ASP A 35 -36.79 59.81 1.55
C ASP A 35 -36.84 58.49 2.30
N VAL A 36 -37.48 57.49 1.69
CA VAL A 36 -37.94 56.28 2.36
C VAL A 36 -37.89 55.15 1.34
N PHE A 37 -37.77 53.92 1.84
CA PHE A 37 -37.90 52.76 0.96
C PHE A 37 -39.29 52.13 1.08
N VAL A 38 -39.71 51.50 -0.02
CA VAL A 38 -41.03 50.89 -0.17
C VAL A 38 -40.82 49.53 -0.82
N PRO A 39 -41.58 48.50 -0.45
CA PRO A 39 -41.34 47.16 -1.01
C PRO A 39 -42.14 46.88 -2.27
N ASP A 40 -41.56 46.00 -3.09
CA ASP A 40 -42.09 45.69 -4.41
C ASP A 40 -41.75 44.24 -4.75
N ASP A 41 -42.42 43.73 -5.79
CA ASP A 41 -42.27 42.32 -6.18
C ASP A 41 -40.96 42.07 -6.92
N LYS A 42 -40.80 42.69 -8.10
CA LYS A 42 -39.66 42.41 -8.98
C LYS A 42 -38.35 42.89 -8.38
N GLN A 43 -38.38 43.94 -7.58
CA GLN A 43 -37.24 44.34 -6.76
C GLN A 43 -37.74 44.41 -5.33
N GLU A 44 -37.06 43.66 -4.45
CA GLU A 44 -37.54 43.49 -3.08
C GLU A 44 -37.77 44.82 -2.38
N PHE A 45 -36.93 45.81 -2.67
CA PHE A 45 -37.15 47.16 -2.16
C PHE A 45 -36.74 48.15 -3.24
N VAL A 46 -37.31 49.35 -3.17
CA VAL A 46 -37.02 50.39 -4.15
C VAL A 46 -37.01 51.75 -3.48
N LYS A 47 -36.23 52.67 -4.04
CA LYS A 47 -36.18 54.04 -3.55
C LYS A 47 -37.49 54.76 -3.87
N ALA A 48 -37.93 55.59 -2.94
CA ALA A 48 -39.19 56.32 -3.10
C ALA A 48 -39.11 57.62 -2.30
N LYS A 49 -40.10 58.49 -2.55
CA LYS A 49 -40.24 59.73 -1.81
C LYS A 49 -41.67 59.86 -1.31
N ILE A 50 -41.82 60.17 -0.02
CA ILE A 50 -43.14 60.31 0.57
C ILE A 50 -43.85 61.48 -0.09
N VAL A 51 -45.10 61.28 -0.47
CA VAL A 51 -45.95 62.35 -0.97
C VAL A 51 -47.00 62.77 0.05
N SER A 52 -47.54 61.83 0.83
CA SER A 52 -48.55 62.16 1.81
C SER A 52 -48.46 61.23 3.01
N ARG A 53 -48.93 61.72 4.16
CA ARG A 53 -49.19 60.90 5.34
C ARG A 53 -50.69 60.88 5.58
N GLU A 54 -51.24 59.68 5.79
CA GLU A 54 -52.68 59.46 5.80
C GLU A 54 -53.09 58.72 7.08
N GLY A 55 -52.72 59.28 8.22
CA GLY A 55 -52.90 58.54 9.47
C GLY A 55 -51.96 57.36 9.55
N GLY A 56 -52.49 56.20 9.92
CA GLY A 56 -51.70 54.98 9.91
C GLY A 56 -51.46 54.40 8.53
N LYS A 57 -51.35 55.27 7.53
CA LYS A 57 -51.15 54.87 6.14
C LYS A 57 -50.23 55.87 5.47
N VAL A 58 -49.49 55.41 4.47
CA VAL A 58 -48.53 56.21 3.74
C VAL A 58 -48.80 56.07 2.26
N THR A 59 -48.54 57.13 1.50
CA THR A 59 -48.37 57.01 0.06
C THR A 59 -47.06 57.65 -0.34
N ALA A 60 -46.38 57.04 -1.31
CA ALA A 60 -45.08 57.49 -1.79
C ALA A 60 -44.97 57.17 -3.26
N GLU A 61 -44.13 57.92 -3.96
CA GLU A 61 -43.88 57.68 -5.37
C GLU A 61 -42.43 57.26 -5.57
N THR A 62 -42.23 56.34 -6.51
CA THR A 62 -41.00 55.59 -6.65
C THR A 62 -40.10 56.18 -7.73
N GLU A 63 -38.81 55.90 -7.62
CA GLU A 63 -37.84 56.38 -8.59
C GLU A 63 -38.23 56.01 -10.03
N TYR A 64 -38.80 54.82 -10.22
CA TYR A 64 -39.33 54.45 -11.53
C TYR A 64 -40.82 54.74 -11.71
N GLY A 65 -41.34 55.73 -10.97
CA GLY A 65 -42.59 56.40 -11.28
C GLY A 65 -43.87 55.73 -10.85
N LYS A 66 -43.80 54.65 -10.08
CA LYS A 66 -45.01 54.02 -9.58
C LYS A 66 -45.47 54.70 -8.29
N THR A 67 -46.76 54.54 -7.98
CA THR A 67 -47.32 55.08 -6.75
C THR A 67 -48.09 53.99 -6.03
N VAL A 68 -47.91 53.92 -4.72
CA VAL A 68 -48.35 52.78 -3.92
C VAL A 68 -48.70 53.28 -2.52
N THR A 69 -49.64 52.59 -1.87
CA THR A 69 -49.97 52.90 -0.48
C THR A 69 -49.27 51.88 0.40
N VAL A 70 -48.57 52.38 1.42
CA VAL A 70 -47.62 51.61 2.21
C VAL A 70 -47.92 51.83 3.68
N LYS A 71 -47.64 50.81 4.49
CA LYS A 71 -47.80 50.90 5.94
C LYS A 71 -46.46 51.18 6.63
N GLU A 72 -46.57 51.76 7.83
CA GLU A 72 -45.39 52.29 8.53
C GLU A 72 -44.33 51.22 8.75
N ASP A 73 -44.74 49.98 9.04
CA ASP A 73 -43.73 48.96 9.26
C ASP A 73 -43.09 48.50 7.97
N GLN A 74 -43.66 48.90 6.82
CA GLN A 74 -43.15 48.51 5.52
C GLN A 74 -42.37 49.65 4.88
N VAL A 75 -42.36 50.81 5.53
CA VAL A 75 -41.62 51.99 5.11
C VAL A 75 -40.55 52.25 6.14
N MET A 76 -39.36 52.63 5.68
CA MET A 76 -38.23 52.82 6.58
C MET A 76 -37.28 53.83 5.96
N GLN A 77 -36.57 54.55 6.83
CA GLN A 77 -35.87 55.75 6.41
C GLN A 77 -34.70 55.43 5.47
N GLN A 78 -34.56 56.25 4.45
CA GLN A 78 -33.26 56.44 3.82
C GLN A 78 -32.30 57.11 4.78
N ASN A 79 -31.14 56.51 4.94
CA ASN A 79 -30.05 57.17 5.64
C ASN A 79 -29.57 58.35 4.78
N PRO A 80 -29.06 59.39 5.41
CA PRO A 80 -28.61 60.56 4.64
C PRO A 80 -27.46 60.21 3.72
N PRO A 81 -27.24 61.01 2.67
CA PRO A 81 -26.24 60.65 1.66
C PRO A 81 -24.85 60.42 2.22
N LYS A 82 -24.51 61.02 3.37
CA LYS A 82 -23.23 60.73 4.00
C LYS A 82 -23.09 59.24 4.26
N PHE A 83 -24.11 58.64 4.87
CA PHE A 83 -24.14 57.23 5.22
C PHE A 83 -24.53 56.29 4.09
N ASP A 84 -25.07 56.75 2.97
CA ASP A 84 -25.40 55.79 1.92
C ASP A 84 -24.13 55.18 1.35
N LYS A 85 -24.23 53.93 0.92
CA LYS A 85 -23.09 53.16 0.42
C LYS A 85 -21.95 53.02 1.44
N ILE A 86 -22.25 53.12 2.74
CA ILE A 86 -21.18 53.03 3.75
C ILE A 86 -20.38 51.75 3.64
N GLU A 87 -19.17 51.81 4.20
CA GLU A 87 -18.25 50.67 4.22
C GLU A 87 -18.71 49.60 5.21
N ASP A 88 -19.25 50.01 6.36
CA ASP A 88 -19.65 49.10 7.43
C ASP A 88 -21.10 49.41 7.78
N MET A 89 -21.96 48.44 7.48
CA MET A 89 -23.39 48.52 7.78
C MET A 89 -23.72 48.75 9.25
N ALA A 90 -22.79 48.48 10.17
CA ALA A 90 -23.07 48.82 11.57
C ALA A 90 -23.18 50.32 11.78
N MET A 91 -22.59 51.13 10.91
CA MET A 91 -22.58 52.58 11.07
C MET A 91 -23.85 53.24 10.54
N LEU A 92 -24.68 52.49 9.81
CA LEU A 92 -26.02 52.91 9.40
C LEU A 92 -26.77 53.59 10.54
N THR A 93 -27.43 54.71 10.21
CA THR A 93 -28.28 55.40 11.18
C THR A 93 -29.62 54.70 11.40
N PHE A 94 -30.26 54.24 10.33
CA PHE A 94 -31.59 53.64 10.42
C PHE A 94 -31.45 52.23 9.87
N LEU A 95 -31.53 51.25 10.75
CA LEU A 95 -31.15 49.88 10.44
C LEU A 95 -32.36 49.04 10.07
N HIS A 96 -32.34 48.50 8.85
CA HIS A 96 -33.41 47.69 8.30
C HIS A 96 -32.88 46.96 7.08
N GLU A 97 -33.67 46.00 6.61
CA GLU A 97 -33.25 45.16 5.49
C GLU A 97 -32.93 45.93 4.23
N PRO A 98 -33.76 46.86 3.74
CA PRO A 98 -33.39 47.55 2.50
C PRO A 98 -32.16 48.42 2.60
N ALA A 99 -31.84 49.02 3.75
CA ALA A 99 -30.60 49.77 3.74
C ALA A 99 -29.44 48.84 3.46
N VAL A 100 -29.55 47.59 3.92
CA VAL A 100 -28.58 46.56 3.60
C VAL A 100 -28.59 46.29 2.10
N LEU A 101 -29.78 46.11 1.54
CA LEU A 101 -29.89 45.82 0.11
C LEU A 101 -29.27 46.93 -0.72
N TYR A 102 -29.67 48.19 -0.50
CA TYR A 102 -29.16 49.29 -1.33
C TYR A 102 -27.71 49.69 -1.02
N ASN A 103 -27.21 49.46 0.20
CA ASN A 103 -25.76 49.53 0.40
C ASN A 103 -25.05 48.51 -0.49
N LEU A 104 -25.58 47.30 -0.53
CA LEU A 104 -25.06 46.31 -1.46
C LEU A 104 -25.27 46.76 -2.91
N LYS A 105 -26.48 47.18 -3.25
CA LYS A 105 -26.78 47.35 -4.66
C LYS A 105 -26.06 48.56 -5.24
N ASP A 106 -25.90 49.64 -4.47
CA ASP A 106 -25.09 50.76 -4.95
C ASP A 106 -23.59 50.46 -4.96
N ARG A 107 -23.10 49.67 -4.00
CA ARG A 107 -21.72 49.22 -4.07
C ARG A 107 -21.49 48.29 -5.25
N TYR A 108 -22.28 47.24 -5.36
CA TYR A 108 -22.13 46.29 -6.46
C TYR A 108 -22.47 46.93 -7.79
N GLY A 109 -23.45 47.85 -7.81
CA GLY A 109 -23.67 48.66 -8.99
C GLY A 109 -22.42 49.39 -9.40
N SER A 110 -21.55 49.69 -8.45
CA SER A 110 -20.25 50.24 -8.83
C SER A 110 -19.17 49.18 -8.69
N TRP A 111 -19.58 47.91 -8.68
CA TRP A 111 -18.68 46.75 -8.59
C TRP A 111 -17.79 46.80 -7.35
N MET A 112 -18.31 47.42 -6.30
CA MET A 112 -17.79 47.35 -4.95
C MET A 112 -18.54 46.18 -4.32
N ILE A 113 -17.92 45.00 -4.32
CA ILE A 113 -18.66 43.80 -3.93
C ILE A 113 -18.74 43.62 -2.40
N TYR A 114 -17.68 43.99 -1.68
CA TYR A 114 -17.62 43.71 -0.25
C TYR A 114 -18.22 44.80 0.63
N THR A 115 -18.92 44.37 1.67
CA THR A 115 -19.43 45.22 2.73
C THR A 115 -19.36 44.43 4.02
N TYR A 116 -19.20 45.13 5.15
CA TYR A 116 -19.33 44.47 6.44
C TYR A 116 -20.73 44.61 7.02
N SER A 117 -21.02 43.72 7.95
CA SER A 117 -22.29 43.72 8.67
C SER A 117 -21.95 43.64 10.15
N GLY A 118 -21.26 44.67 10.57
CA GLY A 118 -20.63 44.71 11.89
C GLY A 118 -19.24 44.07 11.85
N LEU A 119 -19.05 43.02 12.65
CA LEU A 119 -17.77 42.35 12.80
C LEU A 119 -17.32 41.55 11.58
N PHE A 120 -18.18 41.34 10.59
CA PHE A 120 -17.85 40.39 9.53
C PHE A 120 -18.33 40.88 8.17
N CYS A 121 -18.09 40.07 7.14
CA CYS A 121 -18.33 40.46 5.76
C CYS A 121 -19.43 39.70 5.05
N VAL A 122 -20.12 40.44 4.18
CA VAL A 122 -21.12 39.93 3.26
C VAL A 122 -20.61 40.27 1.87
N THR A 123 -20.64 39.29 0.97
CA THR A 123 -20.14 39.44 -0.39
C THR A 123 -21.22 39.03 -1.38
N VAL A 124 -21.55 39.93 -2.31
CA VAL A 124 -22.48 39.62 -3.39
C VAL A 124 -21.66 39.43 -4.66
N ASN A 125 -21.93 38.33 -5.36
CA ASN A 125 -21.03 37.80 -6.38
C ASN A 125 -20.99 38.57 -7.70
N PRO A 126 -19.83 39.05 -8.10
CA PRO A 126 -19.62 39.52 -9.47
C PRO A 126 -19.16 38.41 -10.40
N TYR A 127 -19.92 38.10 -11.44
CA TYR A 127 -19.43 37.09 -12.38
C TYR A 127 -18.27 37.64 -13.17
N LYS A 128 -18.10 38.95 -13.20
CA LYS A 128 -16.93 39.57 -13.79
C LYS A 128 -15.75 39.34 -12.85
N TRP A 129 -14.58 39.09 -13.42
CA TRP A 129 -13.36 39.11 -12.62
C TRP A 129 -12.94 40.54 -12.35
N LEU A 130 -13.26 41.02 -11.16
CA LEU A 130 -12.92 42.38 -10.72
C LEU A 130 -11.48 42.44 -10.22
N PRO A 131 -10.88 43.62 -10.23
CA PRO A 131 -9.51 43.81 -9.73
C PRO A 131 -9.35 43.82 -8.21
N VAL A 132 -10.43 43.62 -7.45
CA VAL A 132 -10.38 43.65 -5.99
C VAL A 132 -9.51 42.56 -5.38
N TYR A 133 -8.95 41.68 -6.21
CA TYR A 133 -8.11 40.61 -5.70
C TYR A 133 -6.67 40.70 -6.18
N THR A 134 -6.25 41.83 -6.73
CA THR A 134 -4.88 41.98 -7.19
C THR A 134 -3.92 41.79 -6.02
N PRO A 135 -2.82 41.07 -6.20
CA PRO A 135 -1.91 40.80 -5.07
C PRO A 135 -1.32 42.04 -4.44
N GLU A 136 -1.24 43.15 -5.17
CA GLU A 136 -0.86 44.42 -4.60
C GLU A 136 -1.99 45.12 -3.85
N VAL A 137 -3.23 44.65 -4.02
CA VAL A 137 -4.30 45.08 -3.14
C VAL A 137 -4.26 44.36 -1.81
N VAL A 138 -3.67 43.15 -1.76
CA VAL A 138 -3.53 42.48 -0.47
C VAL A 138 -2.66 43.30 0.47
N ALA A 139 -1.53 43.81 -0.05
CA ALA A 139 -0.61 44.56 0.80
C ALA A 139 -1.28 45.80 1.41
N ALA A 140 -2.23 46.39 0.70
CA ALA A 140 -2.98 47.50 1.27
C ALA A 140 -3.79 47.10 2.49
N TYR A 141 -4.00 45.80 2.72
CA TYR A 141 -4.67 45.39 3.93
C TYR A 141 -3.72 45.07 5.08
N ARG A 142 -2.42 44.93 4.81
CA ARG A 142 -1.46 44.63 5.85
C ARG A 142 -1.61 45.59 7.02
N GLY A 143 -2.13 45.09 8.14
CA GLY A 143 -2.29 45.87 9.33
C GLY A 143 -3.38 46.90 9.28
N LYS A 144 -4.05 47.09 8.14
CA LYS A 144 -5.09 48.12 8.03
C LYS A 144 -6.34 47.56 8.69
N LYS A 145 -6.55 47.98 9.93
CA LYS A 145 -7.65 47.54 10.78
C LYS A 145 -9.03 47.92 10.24
N ARG A 146 -10.02 47.11 10.63
CA ARG A 146 -11.38 47.15 10.06
C ARG A 146 -12.04 48.52 10.07
N SER A 147 -11.64 49.40 10.99
CA SER A 147 -12.26 50.72 11.04
C SER A 147 -11.65 51.66 10.01
N GLU A 148 -10.45 51.35 9.53
CA GLU A 148 -9.73 52.18 8.59
C GLU A 148 -9.90 51.68 7.17
N ALA A 149 -9.81 50.38 6.96
CA ALA A 149 -9.78 49.75 5.65
C ALA A 149 -11.17 49.71 5.02
N PRO A 150 -11.23 49.74 3.68
CA PRO A 150 -12.51 49.49 3.01
C PRO A 150 -12.84 48.00 3.10
N PRO A 151 -14.11 47.65 3.16
CA PRO A 151 -14.47 46.23 3.33
C PRO A 151 -13.90 45.34 2.24
N HIS A 152 -13.40 44.18 2.65
CA HIS A 152 -12.86 43.16 1.76
C HIS A 152 -12.66 41.91 2.57
N ILE A 153 -12.51 40.77 1.88
CA ILE A 153 -12.13 39.53 2.56
C ILE A 153 -10.71 39.64 3.14
N PHE A 154 -9.85 40.44 2.50
CA PHE A 154 -8.49 40.59 2.99
C PHE A 154 -8.46 41.28 4.35
N SER A 155 -9.47 42.09 4.64
CA SER A 155 -9.58 42.69 5.97
C SER A 155 -9.86 41.63 7.01
N ILE A 156 -10.69 40.65 6.69
CA ILE A 156 -10.97 39.60 7.65
C ILE A 156 -9.73 38.74 7.87
N SER A 157 -8.99 38.46 6.81
CA SER A 157 -7.74 37.70 6.99
C SER A 157 -6.72 38.45 7.84
N ASP A 158 -6.61 39.77 7.65
CA ASP A 158 -5.70 40.56 8.51
C ASP A 158 -6.19 40.60 9.94
N ASN A 159 -7.50 40.68 10.13
CA ASN A 159 -8.05 40.71 11.46
C ASN A 159 -7.77 39.40 12.19
N ALA A 160 -7.95 38.27 11.49
CA ALA A 160 -7.62 36.97 12.09
C ALA A 160 -6.13 36.83 12.42
N TYR A 161 -5.25 37.40 11.60
CA TYR A 161 -3.82 37.37 11.93
C TYR A 161 -3.48 38.30 13.10
N GLN A 162 -4.27 39.35 13.27
CA GLN A 162 -4.00 40.26 14.39
C GLN A 162 -4.54 39.67 15.68
N TYR A 163 -5.75 39.14 15.69
CA TYR A 163 -6.25 38.56 16.90
C TYR A 163 -5.37 37.35 17.27
N MET A 164 -4.81 36.63 16.28
CA MET A 164 -3.91 35.54 16.56
C MET A 164 -2.72 36.04 17.36
N LEU A 165 -2.00 37.02 16.82
CA LEU A 165 -0.81 37.50 17.51
C LEU A 165 -1.13 38.17 18.84
N THR A 166 -2.30 38.76 19.04
CA THR A 166 -2.58 39.47 20.28
C THR A 166 -3.10 38.58 21.39
N ASP A 167 -4.08 37.73 21.12
CA ASP A 167 -4.69 36.85 22.13
C ASP A 167 -3.92 35.55 22.34
N ARG A 168 -2.99 35.24 21.42
CA ARG A 168 -2.19 34.01 21.46
C ARG A 168 -3.14 32.81 21.41
N GLU A 169 -4.15 32.87 20.54
CA GLU A 169 -5.18 31.85 20.45
C GLU A 169 -5.37 31.51 18.97
N ASN A 170 -5.79 30.27 18.70
CA ASN A 170 -6.12 29.84 17.35
C ASN A 170 -7.33 30.60 16.81
N GLN A 171 -7.33 30.87 15.50
CA GLN A 171 -8.35 31.65 14.81
C GLN A 171 -8.99 30.81 13.70
N SER A 172 -10.05 31.34 13.11
CA SER A 172 -10.64 30.73 11.92
C SER A 172 -11.39 31.75 11.07
N ILE A 173 -11.57 31.41 9.79
CA ILE A 173 -12.24 32.25 8.80
C ILE A 173 -13.25 31.37 8.07
N LEU A 174 -14.54 31.61 8.26
CA LEU A 174 -15.55 30.61 7.92
C LEU A 174 -16.41 31.04 6.73
N ILE A 175 -15.90 30.75 5.53
CA ILE A 175 -16.51 31.18 4.27
C ILE A 175 -17.75 30.35 3.95
N THR A 176 -18.86 31.00 3.65
CA THR A 176 -20.16 30.33 3.64
C THR A 176 -21.01 30.99 2.55
N GLY A 177 -22.08 30.30 2.13
CA GLY A 177 -23.03 30.85 1.19
C GLY A 177 -23.73 29.75 0.42
N GLU A 178 -24.51 30.16 -0.60
CA GLU A 178 -24.99 29.21 -1.59
C GLU A 178 -23.87 28.77 -2.53
N SER A 179 -24.19 27.77 -3.35
CA SER A 179 -23.29 27.35 -4.43
C SER A 179 -23.18 28.42 -5.51
N GLY A 180 -21.99 28.58 -6.05
CA GLY A 180 -21.74 29.56 -7.08
C GLY A 180 -21.45 30.95 -6.58
N ALA A 181 -21.31 31.14 -5.27
CA ALA A 181 -21.09 32.47 -4.71
C ALA A 181 -19.62 32.86 -4.62
N GLY A 182 -18.72 31.91 -4.57
CA GLY A 182 -17.34 32.32 -4.47
C GLY A 182 -16.59 31.75 -3.28
N LYS A 183 -17.13 30.74 -2.63
CA LYS A 183 -16.48 30.18 -1.45
C LYS A 183 -15.13 29.56 -1.81
N THR A 184 -15.08 28.82 -2.91
CA THR A 184 -13.80 28.28 -3.37
C THR A 184 -12.83 29.37 -3.79
N VAL A 185 -13.32 30.41 -4.49
CA VAL A 185 -12.40 31.46 -4.92
C VAL A 185 -12.04 32.34 -3.72
N ASN A 186 -12.99 32.63 -2.83
CA ASN A 186 -12.67 33.42 -1.65
C ASN A 186 -11.67 32.67 -0.77
N THR A 187 -11.82 31.34 -0.66
CA THR A 187 -10.85 30.52 0.05
C THR A 187 -9.48 30.62 -0.61
N LYS A 188 -9.45 30.53 -1.94
CA LYS A 188 -8.21 30.74 -2.69
C LYS A 188 -7.64 32.14 -2.47
N ARG A 189 -8.50 33.12 -2.22
CA ARG A 189 -8.01 34.47 -1.92
C ARG A 189 -7.50 34.59 -0.49
N VAL A 190 -8.19 34.02 0.49
CA VAL A 190 -7.70 34.01 1.88
C VAL A 190 -6.34 33.30 1.95
N ILE A 191 -6.26 32.14 1.31
CA ILE A 191 -4.98 31.46 1.18
C ILE A 191 -3.97 32.32 0.41
N GLN A 192 -4.43 33.04 -0.61
CA GLN A 192 -3.51 33.95 -1.30
C GLN A 192 -3.03 35.06 -0.36
N TYR A 193 -3.91 35.50 0.53
CA TYR A 193 -3.54 36.49 1.54
C TYR A 193 -2.35 36.01 2.36
N PHE A 194 -2.51 34.86 3.00
CA PHE A 194 -1.43 34.37 3.84
C PHE A 194 -0.19 34.03 3.01
N ALA A 195 -0.39 33.51 1.80
CA ALA A 195 0.73 33.21 0.92
C ALA A 195 1.54 34.46 0.56
N VAL A 196 0.88 35.52 0.13
CA VAL A 196 1.66 36.70 -0.26
C VAL A 196 2.16 37.48 0.95
N ILE A 197 1.45 37.44 2.07
CA ILE A 197 1.96 38.09 3.28
C ILE A 197 3.26 37.43 3.71
N ALA A 198 3.29 36.09 3.76
CA ALA A 198 4.54 35.40 3.99
C ALA A 198 5.51 35.52 2.82
N ALA A 199 5.01 35.86 1.62
CA ALA A 199 5.89 35.99 0.46
C ALA A 199 6.75 37.25 0.51
N ILE A 200 6.26 38.33 1.11
CA ILE A 200 7.16 39.47 1.23
C ILE A 200 8.12 39.27 2.41
N GLY A 201 7.64 38.64 3.47
CA GLY A 201 8.46 38.43 4.66
C GLY A 201 9.41 37.27 4.54
N GLY A 213 7.32 30.79 -2.02
CA GLY A 213 7.69 29.79 -1.03
C GLY A 213 7.01 28.46 -1.23
N THR A 214 7.57 27.40 -0.65
CA THR A 214 7.11 26.06 -0.97
C THR A 214 5.72 25.81 -0.40
N LEU A 215 5.55 26.07 0.89
CA LEU A 215 4.23 25.90 1.47
C LEU A 215 3.28 26.97 0.96
N GLU A 216 3.80 28.18 0.73
CA GLU A 216 2.97 29.28 0.30
C GLU A 216 2.25 28.95 -0.99
N ASP A 217 3.02 28.50 -1.99
CA ASP A 217 2.43 28.01 -3.23
C ASP A 217 1.57 26.77 -3.02
N GLN A 218 2.07 25.82 -2.18
CA GLN A 218 1.37 24.56 -2.10
C GLN A 218 -0.04 24.74 -1.58
N ILE A 219 -0.25 25.70 -0.67
CA ILE A 219 -1.59 25.87 -0.12
C ILE A 219 -2.54 26.43 -1.17
N ILE A 220 -2.03 27.28 -2.07
CA ILE A 220 -2.88 27.80 -3.14
C ILE A 220 -3.25 26.70 -4.11
N GLN A 221 -2.24 25.97 -4.60
CA GLN A 221 -2.50 24.90 -5.55
C GLN A 221 -3.26 23.73 -4.96
N ALA A 222 -3.28 23.58 -3.63
CA ALA A 222 -4.03 22.50 -3.02
C ALA A 222 -5.52 22.60 -3.29
N ASN A 223 -6.00 23.78 -3.69
CA ASN A 223 -7.38 23.87 -4.13
C ASN A 223 -7.64 23.34 -5.53
N PRO A 224 -7.02 23.87 -6.60
CA PRO A 224 -7.41 23.40 -7.96
C PRO A 224 -7.13 21.94 -8.26
N ALA A 225 -6.04 21.37 -7.72
CA ALA A 225 -5.78 19.93 -7.91
C ALA A 225 -6.87 19.07 -7.30
N LEU A 226 -7.31 19.40 -6.10
CA LEU A 226 -8.44 18.74 -5.50
C LEU A 226 -9.75 19.11 -6.18
N GLU A 227 -9.84 20.28 -6.79
CA GLU A 227 -11.04 20.67 -7.52
C GLU A 227 -11.27 19.80 -8.74
N ALA A 228 -10.25 19.66 -9.58
CA ALA A 228 -10.38 18.94 -10.85
C ALA A 228 -10.93 17.53 -10.68
N PHE A 229 -10.53 16.84 -9.62
CA PHE A 229 -11.18 15.61 -9.22
C PHE A 229 -12.48 15.84 -8.46
N GLY A 230 -12.52 16.85 -7.61
CA GLY A 230 -13.63 17.08 -6.70
C GLY A 230 -14.87 17.65 -7.33
N ASN A 231 -14.75 18.28 -8.49
CA ASN A 231 -15.65 19.32 -8.94
C ASN A 231 -16.21 18.94 -10.31
N ALA A 232 -17.42 19.39 -10.59
CA ALA A 232 -18.09 19.11 -11.85
C ALA A 232 -19.05 20.24 -12.17
N LYS A 233 -19.10 20.65 -13.44
CA LYS A 233 -20.07 21.64 -13.84
C LYS A 233 -21.47 21.11 -13.58
N THR A 234 -22.23 21.84 -12.77
CA THR A 234 -23.63 21.53 -12.51
C THR A 234 -24.54 22.62 -13.05
N VAL A 235 -25.84 22.37 -12.97
CA VAL A 235 -26.82 23.36 -13.39
C VAL A 235 -26.70 24.63 -12.59
N ARG A 236 -26.29 24.52 -11.32
CA ARG A 236 -26.16 25.71 -10.47
C ARG A 236 -24.83 26.45 -10.62
N ASN A 237 -23.75 25.75 -10.93
CA ASN A 237 -22.50 26.43 -11.22
C ASN A 237 -21.65 25.60 -12.17
N ASP A 238 -20.87 26.30 -12.99
CA ASP A 238 -19.93 25.69 -13.92
C ASP A 238 -18.73 25.06 -13.23
N ASN A 239 -18.49 25.35 -11.95
CA ASN A 239 -17.30 24.93 -11.22
C ASN A 239 -17.64 24.62 -9.77
N SER A 240 -18.83 24.09 -9.54
CA SER A 240 -19.24 23.67 -8.20
C SER A 240 -18.47 22.44 -7.72
N SER A 241 -17.72 22.59 -6.64
CA SER A 241 -17.01 21.47 -6.03
C SER A 241 -18.03 20.52 -5.39
N ARG A 242 -17.61 19.26 -5.21
CA ARG A 242 -18.51 18.23 -4.67
C ARG A 242 -17.97 17.58 -3.41
N PHE A 243 -17.08 18.25 -2.68
CA PHE A 243 -16.55 17.72 -1.44
C PHE A 243 -16.35 18.83 -0.42
N GLY A 244 -16.60 18.51 0.85
CA GLY A 244 -16.32 19.45 1.91
C GLY A 244 -14.83 19.51 2.22
N LYS A 245 -14.37 20.71 2.55
CA LYS A 245 -12.97 20.90 2.89
C LYS A 245 -12.84 21.77 4.13
N PHE A 246 -11.90 21.41 5.00
CA PHE A 246 -11.47 22.26 6.11
C PHE A 246 -9.96 22.37 6.07
N ILE A 247 -9.45 23.59 6.11
CA ILE A 247 -8.02 23.84 6.15
C ILE A 247 -7.70 24.37 7.54
N ARG A 248 -6.56 23.99 8.08
CA ARG A 248 -5.89 24.76 9.12
C ARG A 248 -4.61 25.34 8.52
N ILE A 249 -4.42 26.64 8.66
CA ILE A 249 -3.15 27.28 8.37
C ILE A 249 -2.39 27.51 9.67
N HIS A 250 -1.22 26.91 9.83
CA HIS A 250 -0.45 27.00 11.05
C HIS A 250 0.63 28.06 10.91
N PHE A 251 0.76 28.90 11.93
CA PHE A 251 1.75 29.97 12.00
C PHE A 251 2.65 29.75 13.20
N GLY A 252 3.93 30.08 13.07
CA GLY A 252 4.84 30.03 14.20
C GLY A 252 4.67 31.20 15.15
N ALA A 253 5.55 31.23 16.16
CA ALA A 253 5.52 32.29 17.15
C ALA A 253 5.87 33.64 16.54
N THR A 254 6.80 33.66 15.58
CA THR A 254 7.21 34.87 14.87
C THR A 254 6.18 35.33 13.84
N GLY A 255 5.02 34.68 13.81
CA GLY A 255 3.95 35.03 12.91
C GLY A 255 4.14 34.62 11.46
N LYS A 256 5.25 33.98 11.10
CA LYS A 256 5.38 33.52 9.72
C LYS A 256 4.65 32.19 9.51
N LEU A 257 4.25 31.96 8.26
CA LEU A 257 3.57 30.74 7.86
C LEU A 257 4.38 29.50 8.23
N ALA A 258 3.71 28.51 8.82
CA ALA A 258 4.43 27.33 9.29
C ALA A 258 3.98 26.03 8.63
N SER A 259 2.69 25.72 8.65
CA SER A 259 2.22 24.46 8.10
C SER A 259 0.76 24.60 7.71
N ALA A 260 0.24 23.59 7.01
CA ALA A 260 -1.18 23.58 6.68
C ALA A 260 -1.67 22.14 6.65
N ASP A 261 -2.99 21.99 6.75
CA ASP A 261 -3.59 20.69 7.03
C ASP A 261 -4.94 20.60 6.34
N ILE A 262 -5.05 19.78 5.31
CA ILE A 262 -6.26 19.71 4.49
C ILE A 262 -7.04 18.49 4.95
N GLU A 263 -8.25 18.70 5.43
CA GLU A 263 -9.16 17.63 5.82
C GLU A 263 -10.40 17.71 4.94
N THR A 264 -10.72 16.62 4.26
CA THR A 264 -11.83 16.59 3.32
C THR A 264 -12.85 15.55 3.75
N TYR A 265 -14.11 15.91 3.66
CA TYR A 265 -15.16 15.25 4.42
C TYR A 265 -15.89 14.15 3.64
N LEU A 266 -16.28 14.39 2.39
CA LEU A 266 -16.87 13.32 1.58
C LEU A 266 -16.86 13.74 0.12
N LEU A 267 -16.24 12.94 -0.73
CA LEU A 267 -16.34 13.13 -2.16
C LEU A 267 -17.68 12.60 -2.67
N GLU A 268 -18.28 13.30 -3.64
CA GLU A 268 -19.48 12.82 -4.29
C GLU A 268 -19.17 11.65 -5.22
N LYS A 269 -18.83 10.49 -4.64
CA LYS A 269 -18.38 9.35 -5.45
C LYS A 269 -19.42 8.88 -6.46
N SER A 270 -20.71 9.02 -6.17
CA SER A 270 -21.74 8.59 -7.12
C SER A 270 -21.59 9.25 -8.50
N ARG A 271 -21.11 10.49 -8.55
CA ARG A 271 -21.04 11.22 -9.83
C ARG A 271 -20.15 10.52 -10.84
N VAL A 272 -19.14 9.80 -10.39
CA VAL A 272 -18.15 9.20 -11.29
C VAL A 272 -18.77 8.33 -12.37
N ILE A 273 -19.93 7.74 -12.11
CA ILE A 273 -20.59 6.87 -13.07
C ILE A 273 -21.94 7.37 -13.55
N PHE A 274 -22.43 8.51 -13.05
CA PHE A 274 -23.77 8.93 -13.42
C PHE A 274 -23.95 10.44 -13.33
N GLN A 275 -24.42 11.03 -14.43
CA GLN A 275 -24.72 12.46 -14.49
C GLN A 275 -26.07 12.67 -15.16
N LEU A 276 -26.86 13.57 -14.59
CA LEU A 276 -28.13 13.99 -15.18
C LEU A 276 -27.83 14.85 -16.41
N LYS A 277 -28.88 15.10 -17.20
CA LYS A 277 -28.81 16.11 -18.25
C LYS A 277 -28.29 17.44 -17.71
N ALA A 278 -27.55 18.14 -18.57
CA ALA A 278 -26.94 19.44 -18.32
C ALA A 278 -25.87 19.44 -17.24
N GLU A 279 -25.36 18.28 -16.81
CA GLU A 279 -24.24 18.31 -15.87
C GLU A 279 -23.18 17.28 -16.26
N ARG A 280 -21.93 17.64 -16.00
CA ARG A 280 -20.78 16.84 -16.40
C ARG A 280 -20.47 15.78 -15.36
N ASP A 281 -19.67 14.80 -15.77
CA ASP A 281 -18.87 14.04 -14.83
C ASP A 281 -17.74 14.94 -14.34
N TYR A 282 -16.95 14.46 -13.38
CA TYR A 282 -15.85 15.27 -12.86
C TYR A 282 -14.87 15.70 -13.94
N HIS A 283 -14.39 16.94 -13.79
CA HIS A 283 -13.65 17.64 -14.83
C HIS A 283 -12.41 16.88 -15.30
N ILE A 284 -11.80 16.08 -14.42
CA ILE A 284 -10.67 15.26 -14.84
C ILE A 284 -11.02 14.35 -16.01
N PHE A 285 -12.26 13.82 -16.04
CA PHE A 285 -12.62 12.94 -17.15
C PHE A 285 -12.56 13.68 -18.48
N TYR A 286 -13.30 14.76 -18.60
CA TYR A 286 -13.30 15.37 -19.91
C TYR A 286 -11.99 16.05 -20.21
N GLN A 287 -11.30 16.58 -19.21
CA GLN A 287 -10.09 17.24 -19.62
C GLN A 287 -9.01 16.24 -20.04
N ILE A 288 -9.00 15.01 -19.51
CA ILE A 288 -8.12 14.02 -20.14
C ILE A 288 -8.63 13.61 -21.53
N LEU A 289 -9.96 13.53 -21.75
CA LEU A 289 -10.41 13.16 -23.10
C LEU A 289 -10.20 14.31 -24.09
N SER A 290 -10.68 15.49 -23.74
CA SER A 290 -10.50 16.66 -24.59
C SER A 290 -9.04 17.01 -24.34
N ASN A 291 -8.14 16.60 -25.23
CA ASN A 291 -6.75 16.75 -24.84
C ASN A 291 -5.85 17.30 -25.92
N LYS A 292 -4.96 18.18 -25.48
CA LYS A 292 -3.81 18.67 -26.23
C LYS A 292 -2.69 17.64 -26.26
N LYS A 293 -2.63 16.78 -25.24
CA LYS A 293 -1.60 15.76 -25.13
C LYS A 293 -2.15 14.41 -25.58
N PRO A 294 -1.77 13.93 -26.76
CA PRO A 294 -2.17 12.58 -27.22
C PRO A 294 -1.70 11.45 -26.32
N GLU A 295 -0.54 11.60 -25.68
CA GLU A 295 0.01 10.52 -24.86
C GLU A 295 -0.92 10.15 -23.71
N LEU A 296 -1.56 11.14 -23.09
CA LEU A 296 -2.55 10.82 -22.07
C LEU A 296 -3.74 10.09 -22.69
N LEU A 297 -4.14 10.50 -23.90
CA LEU A 297 -5.29 9.90 -24.59
C LEU A 297 -5.05 8.45 -24.99
N ASP A 298 -3.80 8.09 -25.33
CA ASP A 298 -3.50 6.72 -25.78
C ASP A 298 -2.93 5.82 -24.68
N MET A 299 -2.35 6.38 -23.63
CA MET A 299 -1.85 5.56 -22.53
C MET A 299 -3.01 4.99 -21.75
N LEU A 300 -4.10 5.75 -21.69
CA LEU A 300 -5.40 5.26 -21.27
C LEU A 300 -6.05 4.45 -22.38
N LEU A 301 -5.54 4.58 -23.60
CA LEU A 301 -6.10 4.01 -24.84
C LEU A 301 -7.59 4.28 -24.95
N ILE A 302 -7.97 5.48 -24.60
CA ILE A 302 -9.35 5.95 -24.68
C ILE A 302 -9.54 6.74 -25.97
N THR A 303 -10.78 6.74 -26.44
CA THR A 303 -11.16 7.49 -27.63
C THR A 303 -11.22 8.97 -27.29
N ASN A 304 -10.88 9.80 -28.28
CA ASN A 304 -10.97 11.23 -28.04
C ASN A 304 -12.41 11.69 -27.88
N ASN A 305 -13.36 11.05 -28.55
CA ASN A 305 -14.75 11.44 -28.38
C ASN A 305 -15.29 11.02 -27.01
N PRO A 306 -15.82 11.94 -26.21
CA PRO A 306 -16.32 11.55 -24.89
C PRO A 306 -17.51 10.60 -24.92
N TYR A 307 -18.31 10.66 -25.99
CA TYR A 307 -19.66 10.08 -25.99
C TYR A 307 -19.70 8.56 -25.87
N ASP A 308 -18.69 7.83 -26.35
CA ASP A 308 -18.81 6.38 -26.37
C ASP A 308 -18.70 5.74 -24.98
N TYR A 309 -18.02 6.37 -24.02
CA TYR A 309 -17.98 5.84 -22.67
C TYR A 309 -19.25 6.18 -21.92
N ALA A 310 -20.03 5.16 -21.59
CA ALA A 310 -21.42 5.39 -21.20
C ALA A 310 -21.49 6.16 -19.89
N PHE A 311 -20.66 5.78 -18.92
CA PHE A 311 -20.81 6.36 -17.58
C PHE A 311 -20.47 7.84 -17.55
N ILE A 312 -19.35 8.25 -18.17
CA ILE A 312 -19.08 9.69 -18.17
C ILE A 312 -19.91 10.42 -19.21
N SER A 313 -20.27 9.76 -20.30
CA SER A 313 -20.83 10.48 -21.44
C SER A 313 -22.25 10.98 -21.22
N GLN A 314 -23.04 10.30 -20.39
CA GLN A 314 -24.40 10.78 -20.22
C GLN A 314 -24.39 12.19 -19.63
N GLY A 315 -25.57 12.79 -19.58
CA GLY A 315 -25.67 14.17 -19.16
C GLY A 315 -25.20 15.15 -20.20
N GLU A 316 -24.24 16.01 -19.87
CA GLU A 316 -23.71 16.99 -20.81
C GLU A 316 -22.21 17.11 -20.60
N THR A 317 -21.45 17.29 -21.68
CA THR A 317 -20.03 16.99 -21.65
C THR A 317 -19.18 18.09 -22.28
N THR A 318 -19.80 19.12 -22.84
CA THR A 318 -19.14 20.31 -23.35
C THR A 318 -19.81 21.53 -22.70
N VAL A 319 -19.01 22.51 -22.31
CA VAL A 319 -19.51 23.60 -21.49
C VAL A 319 -19.09 24.94 -22.08
N ALA A 320 -19.89 25.96 -21.81
CA ALA A 320 -19.75 27.24 -22.51
C ALA A 320 -18.53 28.04 -22.05
N SER A 321 -17.86 27.64 -20.98
CA SER A 321 -16.99 28.57 -20.25
C SER A 321 -15.64 27.98 -19.85
N ILE A 322 -15.41 26.70 -20.10
CA ILE A 322 -14.22 26.01 -19.62
C ILE A 322 -13.38 25.58 -20.82
N ASP A 323 -12.12 25.98 -20.80
CA ASP A 323 -11.10 25.52 -21.74
C ASP A 323 -10.47 24.29 -21.08
N ASP A 324 -11.11 23.14 -21.30
CA ASP A 324 -10.63 21.91 -20.69
C ASP A 324 -9.19 21.60 -21.07
N ALA A 325 -8.72 22.06 -22.23
CA ALA A 325 -7.31 21.83 -22.55
C ALA A 325 -6.43 22.52 -21.51
N GLU A 326 -6.82 23.73 -21.12
CA GLU A 326 -6.10 24.42 -20.06
C GLU A 326 -6.46 23.89 -18.68
N GLU A 327 -7.70 23.45 -18.43
CA GLU A 327 -7.96 22.94 -17.09
C GLU A 327 -7.20 21.63 -16.84
N LEU A 328 -6.96 20.85 -17.88
CA LEU A 328 -6.02 19.74 -17.79
C LEU A 328 -4.61 20.24 -17.53
N MET A 329 -4.19 21.26 -18.27
CA MET A 329 -2.86 21.84 -18.02
C MET A 329 -2.73 22.34 -16.58
N ALA A 330 -3.81 22.93 -16.06
CA ALA A 330 -3.83 23.45 -14.70
C ALA A 330 -3.75 22.34 -13.67
N THR A 331 -4.50 21.25 -13.87
CA THR A 331 -4.44 20.17 -12.89
C THR A 331 -3.07 19.51 -12.92
N ASP A 332 -2.51 19.34 -14.12
CA ASP A 332 -1.15 18.85 -14.28
C ASP A 332 -0.14 19.71 -13.53
N ASN A 333 -0.26 21.03 -13.67
CA ASN A 333 0.62 21.94 -12.93
C ASN A 333 0.38 21.88 -11.43
N ALA A 334 -0.87 21.72 -11.01
CA ALA A 334 -1.15 21.64 -9.58
C ALA A 334 -0.54 20.40 -8.96
N PHE A 335 -0.56 19.28 -9.69
CA PHE A 335 0.15 18.14 -9.13
C PHE A 335 1.66 18.31 -9.24
N ASP A 336 2.13 19.06 -10.24
CA ASP A 336 3.57 19.25 -10.36
C ASP A 336 4.11 20.00 -9.15
N VAL A 337 3.43 21.08 -8.77
CA VAL A 337 3.85 21.88 -7.62
C VAL A 337 3.61 21.16 -6.30
N LEU A 338 2.51 20.40 -6.20
CA LEU A 338 2.29 19.61 -5.00
C LEU A 338 3.24 18.42 -4.88
N GLY A 339 4.05 18.14 -5.88
CA GLY A 339 5.06 17.12 -5.78
C GLY A 339 4.58 15.69 -5.81
N PHE A 340 3.41 15.44 -6.40
CA PHE A 340 3.01 14.08 -6.73
C PHE A 340 3.95 13.56 -7.80
N THR A 341 4.51 12.37 -7.59
CA THR A 341 5.45 11.88 -8.58
C THR A 341 4.72 11.53 -9.88
N SER A 342 5.47 11.52 -10.97
CA SER A 342 4.91 11.21 -12.28
C SER A 342 4.22 9.85 -12.30
N GLU A 343 4.79 8.86 -11.60
CA GLU A 343 4.15 7.56 -11.53
C GLU A 343 2.83 7.61 -10.76
N GLU A 344 2.76 8.44 -9.72
CA GLU A 344 1.50 8.59 -8.99
C GLU A 344 0.46 9.30 -9.84
N LYS A 345 0.87 10.38 -10.51
CA LYS A 345 -0.06 11.16 -11.33
C LYS A 345 -0.59 10.32 -12.49
N ASN A 346 0.30 9.53 -13.10
CA ASN A 346 -0.13 8.68 -14.20
C ASN A 346 -1.03 7.58 -13.68
N SER A 347 -0.69 7.00 -12.52
CA SER A 347 -1.50 5.91 -12.01
C SER A 347 -2.92 6.36 -11.70
N MET A 348 -3.05 7.56 -11.11
CA MET A 348 -4.39 8.06 -10.82
C MET A 348 -5.16 8.44 -12.08
N TYR A 349 -4.47 8.89 -13.14
CA TYR A 349 -5.19 9.03 -14.42
C TYR A 349 -5.55 7.68 -15.02
N LYS A 350 -4.69 6.67 -14.85
CA LYS A 350 -5.02 5.31 -15.30
C LYS A 350 -6.26 4.78 -14.60
N LEU A 351 -6.37 5.06 -13.31
CA LEU A 351 -7.55 4.62 -12.56
C LEU A 351 -8.81 5.35 -13.00
N THR A 352 -8.71 6.65 -13.25
CA THR A 352 -9.85 7.35 -13.87
C THR A 352 -10.22 6.73 -15.21
N GLY A 353 -9.21 6.44 -16.04
CA GLY A 353 -9.46 5.83 -17.33
C GLY A 353 -10.12 4.48 -17.21
N ALA A 354 -9.68 3.69 -16.22
CA ALA A 354 -10.25 2.37 -16.06
C ALA A 354 -11.70 2.48 -15.63
N ILE A 355 -12.01 3.46 -14.78
CA ILE A 355 -13.41 3.64 -14.40
C ILE A 355 -14.27 4.03 -15.60
N MET A 356 -13.68 4.75 -16.56
CA MET A 356 -14.31 4.95 -17.88
C MET A 356 -14.51 3.67 -18.68
N HIS A 357 -13.46 2.86 -18.83
CA HIS A 357 -13.58 1.58 -19.54
C HIS A 357 -14.48 0.58 -18.83
N PHE A 358 -14.57 0.67 -17.52
CA PHE A 358 -15.24 -0.33 -16.73
C PHE A 358 -16.74 -0.38 -17.03
N GLY A 359 -17.33 0.75 -17.43
CA GLY A 359 -18.70 0.79 -17.91
C GLY A 359 -18.91 0.23 -19.30
N ASN A 360 -17.84 0.05 -20.08
CA ASN A 360 -17.93 -0.46 -21.44
C ASN A 360 -17.88 -1.98 -21.50
N MET A 361 -17.57 -2.64 -20.39
CA MET A 361 -17.63 -4.09 -20.33
C MET A 361 -19.06 -4.55 -20.52
N LYS A 362 -19.28 -5.41 -21.50
CA LYS A 362 -20.60 -5.95 -21.81
C LYS A 362 -20.67 -7.38 -21.29
N PHE A 363 -21.75 -7.69 -20.59
CA PHE A 363 -21.98 -9.01 -20.04
C PHE A 363 -23.26 -9.60 -20.64
N LYS A 364 -23.25 -10.91 -20.85
CA LYS A 364 -24.40 -11.62 -21.40
C LYS A 364 -24.78 -12.80 -20.53
N LEU A 365 -26.09 -12.98 -20.35
CA LEU A 365 -26.61 -14.08 -19.58
C LEU A 365 -26.47 -15.39 -20.36
N LYS A 366 -26.09 -16.45 -19.65
CA LYS A 366 -26.07 -17.78 -20.25
C LYS A 366 -27.50 -18.24 -20.56
N GLN A 367 -27.61 -19.10 -21.57
CA GLN A 367 -28.91 -19.59 -22.01
C GLN A 367 -29.69 -20.33 -20.93
N ARG A 368 -29.04 -20.86 -19.90
CA ARG A 368 -29.79 -21.57 -18.86
C ARG A 368 -29.31 -21.35 -17.43
N GLU A 369 -28.10 -20.85 -17.21
CA GLU A 369 -27.62 -20.73 -15.83
C GLU A 369 -27.87 -19.37 -15.21
N GLU A 370 -28.31 -18.37 -15.99
CA GLU A 370 -28.55 -17.03 -15.47
C GLU A 370 -27.27 -16.51 -14.81
N GLN A 371 -26.18 -16.66 -15.54
CA GLN A 371 -24.85 -16.29 -15.06
C GLN A 371 -24.19 -15.43 -16.12
N ALA A 372 -23.45 -14.42 -15.67
CA ALA A 372 -22.87 -13.44 -16.58
C ALA A 372 -21.54 -13.90 -17.14
N GLU A 373 -21.41 -13.85 -18.45
CA GLU A 373 -20.16 -14.16 -19.11
C GLU A 373 -19.86 -13.00 -20.05
N PRO A 374 -18.59 -12.64 -20.23
CA PRO A 374 -18.29 -11.49 -21.08
C PRO A 374 -18.33 -11.80 -22.57
N ASP A 375 -19.08 -10.98 -23.30
CA ASP A 375 -19.00 -10.99 -24.75
C ASP A 375 -17.98 -9.92 -25.17
N GLY A 376 -18.07 -8.76 -24.53
CA GLY A 376 -17.18 -7.63 -24.71
C GLY A 376 -15.91 -7.86 -23.92
N THR A 377 -15.14 -8.87 -24.31
CA THR A 377 -13.89 -9.18 -23.62
C THR A 377 -12.83 -8.10 -23.89
N GLU A 378 -12.91 -7.36 -25.01
CA GLU A 378 -11.93 -6.33 -25.33
C GLU A 378 -11.98 -5.17 -24.33
N GLU A 379 -13.15 -4.87 -23.80
CA GLU A 379 -13.23 -3.82 -22.79
C GLU A 379 -12.76 -4.33 -21.44
N ALA A 380 -13.02 -5.58 -21.11
CA ALA A 380 -12.57 -6.11 -19.83
C ALA A 380 -11.03 -6.26 -19.84
N ASP A 381 -10.38 -6.69 -20.93
CA ASP A 381 -8.91 -6.79 -20.92
C ASP A 381 -8.29 -5.38 -20.99
N LYS A 382 -8.94 -4.39 -21.62
CA LYS A 382 -8.49 -2.98 -21.53
C LYS A 382 -8.52 -2.50 -20.08
N SER A 383 -9.60 -2.80 -19.33
CA SER A 383 -9.69 -2.37 -17.94
C SER A 383 -8.63 -3.07 -17.10
N ALA A 384 -8.54 -4.40 -17.21
CA ALA A 384 -7.58 -5.12 -16.39
C ALA A 384 -6.16 -4.69 -16.70
N TYR A 385 -5.83 -4.43 -17.97
CA TYR A 385 -4.52 -3.95 -18.35
C TYR A 385 -4.21 -2.67 -17.60
N LEU A 386 -5.20 -1.77 -17.45
CA LEU A 386 -4.94 -0.52 -16.73
C LEU A 386 -4.83 -0.75 -15.23
N MET A 387 -5.76 -1.49 -14.63
CA MET A 387 -5.70 -1.70 -13.19
C MET A 387 -4.67 -2.74 -12.78
N GLY A 388 -3.97 -3.36 -13.73
CA GLY A 388 -2.95 -4.35 -13.42
C GLY A 388 -3.49 -5.65 -12.88
N LEU A 389 -4.72 -6.01 -13.23
CA LEU A 389 -5.24 -7.35 -12.96
C LEU A 389 -5.01 -8.22 -14.19
N ASN A 390 -5.69 -9.38 -14.27
CA ASN A 390 -5.71 -10.26 -15.44
C ASN A 390 -7.15 -10.30 -15.97
N SER A 391 -7.33 -10.41 -17.28
CA SER A 391 -8.69 -10.40 -17.82
C SER A 391 -9.51 -11.56 -17.28
N ALA A 392 -8.95 -12.78 -17.28
CA ALA A 392 -9.69 -13.94 -16.84
C ALA A 392 -10.00 -13.90 -15.34
N ASP A 393 -9.04 -13.64 -14.45
CA ASP A 393 -9.42 -13.70 -13.05
C ASP A 393 -10.27 -12.50 -12.64
N LEU A 394 -10.15 -11.38 -13.34
CA LEU A 394 -11.03 -10.23 -13.11
C LEU A 394 -12.46 -10.59 -13.46
N LEU A 395 -12.66 -11.14 -14.66
CA LEU A 395 -13.98 -11.53 -15.15
C LEU A 395 -14.55 -12.63 -14.28
N LYS A 396 -13.76 -13.64 -13.92
CA LYS A 396 -14.20 -14.69 -13.01
C LYS A 396 -14.57 -14.14 -11.64
N GLY A 397 -13.78 -13.21 -11.11
CA GLY A 397 -14.13 -12.62 -9.82
C GLY A 397 -15.39 -11.78 -9.88
N LEU A 398 -15.56 -11.02 -10.97
CA LEU A 398 -16.75 -10.19 -11.08
C LEU A 398 -17.99 -11.05 -11.23
N CYS A 399 -17.95 -12.00 -12.15
CA CYS A 399 -19.11 -12.85 -12.39
C CYS A 399 -19.29 -13.87 -11.28
N HIS A 400 -18.19 -14.35 -10.72
CA HIS A 400 -18.15 -15.39 -9.68
C HIS A 400 -17.37 -14.87 -8.47
N PRO A 401 -17.95 -13.96 -7.70
CA PRO A 401 -17.24 -13.46 -6.52
C PRO A 401 -17.14 -14.54 -5.47
N ARG A 402 -16.05 -14.50 -4.72
CA ARG A 402 -15.82 -15.47 -3.66
C ARG A 402 -16.29 -14.88 -2.34
N VAL A 403 -17.07 -15.66 -1.60
CA VAL A 403 -17.59 -15.32 -0.30
C VAL A 403 -17.17 -16.42 0.65
N LYS A 404 -17.01 -16.09 1.92
CA LYS A 404 -16.52 -17.07 2.88
C LYS A 404 -17.70 -17.71 3.61
N VAL A 405 -17.61 -19.02 3.79
CA VAL A 405 -18.57 -19.83 4.53
C VAL A 405 -17.74 -20.74 5.42
N GLY A 406 -17.57 -20.34 6.68
CA GLY A 406 -16.68 -21.06 7.56
C GLY A 406 -15.26 -20.73 7.19
N ASN A 407 -14.35 -21.69 7.14
CA ASN A 407 -12.96 -21.39 6.75
C ASN A 407 -12.73 -21.44 5.23
N GLU A 408 -13.61 -22.11 4.46
CA GLU A 408 -13.49 -22.18 3.01
C GLU A 408 -14.37 -21.13 2.31
N TYR A 409 -13.92 -20.66 1.15
CA TYR A 409 -14.70 -19.72 0.36
C TYR A 409 -15.57 -20.49 -0.64
N VAL A 410 -16.78 -19.99 -0.87
CA VAL A 410 -17.71 -20.51 -1.87
C VAL A 410 -17.87 -19.48 -2.97
N THR A 411 -18.23 -19.97 -4.16
CA THR A 411 -18.37 -19.14 -5.36
C THR A 411 -19.84 -18.93 -5.69
N LYS A 412 -20.23 -17.68 -5.93
CA LYS A 412 -21.59 -17.32 -6.31
C LYS A 412 -21.64 -16.70 -7.71
N GLY A 413 -22.55 -17.17 -8.56
CA GLY A 413 -22.75 -16.56 -9.87
C GLY A 413 -23.59 -15.29 -9.81
N GLN A 414 -23.12 -14.24 -10.46
CA GLN A 414 -23.79 -12.94 -10.52
C GLN A 414 -24.66 -12.76 -11.76
N ASN A 415 -25.73 -12.00 -11.59
CA ASN A 415 -26.62 -11.60 -12.67
C ASN A 415 -25.97 -10.48 -13.47
N VAL A 416 -26.44 -10.29 -14.70
CA VAL A 416 -25.88 -9.21 -15.54
C VAL A 416 -26.17 -7.83 -14.93
N GLN A 417 -27.35 -7.65 -14.34
CA GLN A 417 -27.62 -6.37 -13.68
C GLN A 417 -26.77 -6.21 -12.44
N GLN A 418 -26.54 -7.31 -11.71
CA GLN A 418 -25.83 -7.11 -10.45
C GLN A 418 -24.34 -7.10 -10.67
N VAL A 419 -23.86 -7.64 -11.80
CA VAL A 419 -22.46 -7.45 -12.11
C VAL A 419 -22.25 -6.03 -12.62
N ILE A 420 -23.23 -5.46 -13.32
CA ILE A 420 -23.11 -4.07 -13.73
C ILE A 420 -23.05 -3.15 -12.50
N TYR A 421 -23.96 -3.38 -11.56
CA TYR A 421 -23.93 -2.61 -10.30
C TYR A 421 -22.63 -2.82 -9.53
N ALA A 422 -22.09 -4.04 -9.50
CA ALA A 422 -20.81 -4.25 -8.85
C ALA A 422 -19.66 -3.56 -9.58
N THR A 423 -19.70 -3.51 -10.91
CA THR A 423 -18.65 -2.77 -11.59
C THR A 423 -18.77 -1.27 -11.34
N GLY A 424 -20.00 -0.80 -11.17
CA GLY A 424 -20.16 0.59 -10.76
C GLY A 424 -19.57 0.84 -9.40
N ALA A 425 -19.88 -0.03 -8.44
CA ALA A 425 -19.36 0.13 -7.08
C ALA A 425 -17.84 0.06 -7.04
N LEU A 426 -17.22 -0.78 -7.90
CA LEU A 426 -15.77 -0.81 -7.97
C LEU A 426 -15.21 0.48 -8.56
N ALA A 427 -15.90 1.04 -9.53
CA ALA A 427 -15.48 2.32 -10.11
C ALA A 427 -15.55 3.44 -9.09
N LYS A 428 -16.65 3.50 -8.33
CA LYS A 428 -16.78 4.49 -7.29
C LYS A 428 -15.72 4.32 -6.21
N ALA A 429 -15.55 3.11 -5.68
CA ALA A 429 -14.67 2.96 -4.53
C ALA A 429 -13.19 3.13 -4.88
N VAL A 430 -12.79 2.75 -6.10
CA VAL A 430 -11.46 3.12 -6.58
C VAL A 430 -11.31 4.63 -6.77
N TYR A 431 -12.36 5.30 -7.24
CA TYR A 431 -12.22 6.75 -7.41
C TYR A 431 -12.13 7.45 -6.06
N GLU A 432 -13.06 7.13 -5.17
CA GLU A 432 -13.12 7.80 -3.88
C GLU A 432 -11.86 7.54 -3.06
N ARG A 433 -11.36 6.30 -3.02
CA ARG A 433 -10.10 6.07 -2.34
C ARG A 433 -8.94 6.80 -3.00
N MET A 434 -8.96 6.90 -4.33
CA MET A 434 -7.90 7.64 -5.01
C MET A 434 -7.91 9.11 -4.65
N PHE A 435 -9.10 9.66 -4.41
CA PHE A 435 -9.22 11.04 -3.97
C PHE A 435 -8.71 11.20 -2.54
N ASN A 436 -9.18 10.36 -1.62
CA ASN A 436 -8.72 10.52 -0.24
C ASN A 436 -7.22 10.28 -0.09
N TRP A 437 -6.66 9.36 -0.89
CA TRP A 437 -5.21 9.19 -0.91
C TRP A 437 -4.49 10.41 -1.45
N MET A 438 -5.08 11.07 -2.45
CA MET A 438 -4.46 12.28 -2.96
C MET A 438 -4.43 13.39 -1.92
N VAL A 439 -5.51 13.52 -1.16
CA VAL A 439 -5.53 14.42 -0.01
C VAL A 439 -4.49 14.03 1.04
N THR A 440 -4.41 12.74 1.39
CA THR A 440 -3.40 12.30 2.36
C THR A 440 -1.97 12.53 1.89
N ARG A 441 -1.74 12.50 0.59
CA ARG A 441 -0.43 12.86 0.06
C ARG A 441 -0.21 14.36 0.08
N ILE A 442 -1.26 15.15 -0.12
CA ILE A 442 -1.14 16.59 0.03
C ILE A 442 -0.79 16.93 1.47
N ASN A 443 -1.46 16.29 2.42
CA ASN A 443 -1.13 16.45 3.82
C ASN A 443 0.22 15.86 4.20
N ALA A 444 0.83 15.07 3.32
CA ALA A 444 2.17 14.56 3.58
C ALA A 444 3.28 15.44 3.02
N THR A 445 2.99 16.23 2.00
CA THR A 445 3.75 17.46 1.73
C THR A 445 3.13 18.56 2.59
N LEU A 446 3.27 19.83 2.19
CA LEU A 446 2.62 20.92 2.90
C LEU A 446 3.10 20.99 4.36
N GLU A 447 4.33 20.53 4.60
CA GLU A 447 4.88 20.35 5.94
C GLU A 447 6.37 20.69 5.87
N THR A 448 6.73 21.93 6.20
CA THR A 448 8.14 22.30 6.24
C THR A 448 8.81 21.96 7.58
N LYS A 449 8.16 21.15 8.41
CA LYS A 449 8.68 20.68 9.71
C LYS A 449 9.27 21.81 10.55
N GLN A 450 8.39 22.71 10.97
CA GLN A 450 8.74 23.91 11.71
C GLN A 450 7.83 23.95 12.93
N PRO A 451 8.29 24.44 14.08
CA PRO A 451 7.50 24.27 15.29
C PRO A 451 6.34 25.25 15.36
N ARG A 452 5.18 24.70 15.74
CA ARG A 452 3.86 25.28 15.50
C ARG A 452 3.22 25.78 16.78
N GLN A 453 2.58 26.95 16.72
CA GLN A 453 1.96 27.49 17.93
C GLN A 453 0.56 28.06 17.71
N TYR A 454 0.16 28.40 16.50
CA TYR A 454 -1.15 29.00 16.24
C TYR A 454 -1.63 28.57 14.86
N PHE A 455 -2.94 28.35 14.70
CA PHE A 455 -3.46 28.07 13.37
C PHE A 455 -4.73 28.87 13.11
N ILE A 456 -4.99 29.14 11.84
CA ILE A 456 -6.20 29.84 11.39
C ILE A 456 -6.91 28.93 10.40
N GLY A 457 -8.09 28.42 10.79
CA GLY A 457 -8.83 27.47 9.97
C GLY A 457 -9.83 28.07 9.00
N VAL A 458 -9.62 27.87 7.70
CA VAL A 458 -10.48 28.44 6.67
C VAL A 458 -11.35 27.34 6.06
N LEU A 459 -12.67 27.56 6.05
CA LEU A 459 -13.64 26.51 5.80
C LEU A 459 -14.50 26.93 4.60
N ASP A 460 -14.81 25.95 3.75
CA ASP A 460 -15.61 26.12 2.54
C ASP A 460 -16.45 24.87 2.32
N ILE A 461 -17.10 24.41 3.40
CA ILE A 461 -17.53 23.03 3.49
C ILE A 461 -18.71 22.66 2.61
N ALA A 462 -19.39 23.62 1.97
CA ALA A 462 -20.25 23.30 0.83
C ALA A 462 -20.93 24.55 0.31
N GLY A 463 -21.32 24.51 -0.97
CA GLY A 463 -22.43 25.32 -1.43
C GLY A 463 -23.75 24.60 -1.18
N PHE A 464 -24.73 25.33 -0.67
CA PHE A 464 -26.10 24.87 -0.73
C PHE A 464 -26.49 24.68 -2.19
N GLU A 465 -27.23 23.62 -2.51
CA GLU A 465 -27.60 23.41 -3.91
C GLU A 465 -29.00 22.84 -4.05
N ILE A 466 -29.74 23.34 -5.04
CA ILE A 466 -30.87 22.62 -5.61
C ILE A 466 -30.55 22.31 -7.07
N PHE A 467 -30.53 21.04 -7.42
CA PHE A 467 -30.76 20.57 -8.78
C PHE A 467 -32.19 20.03 -8.90
N ASP A 468 -32.57 19.70 -10.13
CA ASP A 468 -33.80 18.94 -10.33
C ASP A 468 -33.66 17.50 -9.84
N PHE A 469 -32.43 17.02 -9.65
CA PHE A 469 -32.16 15.65 -9.24
C PHE A 469 -31.04 15.65 -8.22
N ASN A 470 -31.37 15.38 -6.96
CA ASN A 470 -30.42 15.36 -5.87
C ASN A 470 -30.39 13.99 -5.19
N SER A 471 -29.18 13.58 -4.81
CA SER A 471 -28.86 12.23 -4.35
C SER A 471 -28.04 12.28 -3.07
N PHE A 472 -27.42 11.16 -2.71
CA PHE A 472 -26.84 10.98 -1.38
C PHE A 472 -25.87 12.10 -1.02
N GLU A 473 -24.99 12.45 -1.96
CA GLU A 473 -24.06 13.53 -1.69
C GLU A 473 -24.70 14.91 -1.76
N GLN A 474 -25.80 15.08 -2.50
CA GLN A 474 -26.53 16.31 -2.32
C GLN A 474 -27.20 16.43 -0.95
N LEU A 475 -27.43 15.33 -0.24
CA LEU A 475 -27.75 15.42 1.19
C LEU A 475 -26.53 15.77 2.02
N CYS A 476 -25.42 15.10 1.75
CA CYS A 476 -24.20 15.32 2.51
C CYS A 476 -23.69 16.75 2.41
N ILE A 477 -23.67 17.30 1.20
CA ILE A 477 -23.15 18.65 0.98
C ILE A 477 -24.05 19.71 1.63
N ASN A 478 -25.36 19.63 1.40
CA ASN A 478 -26.27 20.56 2.04
C ASN A 478 -26.27 20.45 3.57
N PHE A 479 -26.17 19.23 4.11
CA PHE A 479 -26.07 19.09 5.56
C PHE A 479 -24.77 19.69 6.08
N THR A 480 -23.66 19.41 5.38
CA THR A 480 -22.38 19.82 5.94
C THR A 480 -22.30 21.33 5.97
N ASN A 481 -22.88 22.01 4.97
CA ASN A 481 -22.96 23.46 5.11
C ASN A 481 -23.89 23.85 6.26
N GLU A 482 -25.01 23.11 6.39
CA GLU A 482 -26.03 23.46 7.37
C GLU A 482 -25.41 23.63 8.76
N LYS A 483 -24.55 22.67 9.13
CA LYS A 483 -23.80 22.76 10.38
C LYS A 483 -22.91 24.00 10.46
N LEU A 484 -22.30 24.42 9.35
CA LEU A 484 -21.44 25.60 9.42
C LEU A 484 -22.26 26.88 9.64
N GLN A 485 -23.44 26.97 9.06
CA GLN A 485 -24.23 28.15 9.38
C GLN A 485 -24.81 28.09 10.80
N GLN A 486 -25.19 26.91 11.28
CA GLN A 486 -25.58 26.83 12.69
C GLN A 486 -24.42 27.15 13.62
N PHE A 487 -23.18 26.85 13.21
CA PHE A 487 -22.02 27.34 13.95
C PHE A 487 -21.97 28.86 13.96
N PHE A 488 -22.35 29.51 12.85
CA PHE A 488 -22.47 30.96 12.88
C PHE A 488 -23.52 31.42 13.89
N ASN A 489 -24.67 30.74 13.90
CA ASN A 489 -25.70 31.08 14.87
C ASN A 489 -25.19 30.96 16.29
N HIS A 490 -24.51 29.86 16.59
CA HIS A 490 -24.05 29.63 17.96
C HIS A 490 -22.94 30.58 18.36
N HIS A 491 -21.95 30.81 17.49
CA HIS A 491 -20.87 31.71 17.86
C HIS A 491 -21.36 33.12 18.06
N MET A 492 -22.04 33.71 17.08
CA MET A 492 -22.38 35.12 17.23
C MET A 492 -23.48 35.35 18.25
N PHE A 493 -24.47 34.46 18.34
CA PHE A 493 -25.60 34.79 19.22
C PHE A 493 -25.61 34.06 20.56
N VAL A 494 -24.99 32.89 20.69
CA VAL A 494 -24.97 32.15 21.95
C VAL A 494 -23.66 32.42 22.65
N LEU A 495 -22.54 32.07 22.00
CA LEU A 495 -21.23 32.16 22.63
C LEU A 495 -20.89 33.60 23.02
N GLU A 496 -21.19 34.54 22.13
CA GLU A 496 -20.92 35.96 22.42
C GLU A 496 -21.85 36.51 23.49
N GLN A 497 -23.14 36.22 23.40
CA GLN A 497 -24.09 36.80 24.37
C GLN A 497 -24.02 36.15 25.74
N GLU A 498 -23.70 34.86 25.84
CA GLU A 498 -23.55 34.23 27.14
C GLU A 498 -22.40 34.84 27.93
N GLU A 499 -21.33 35.22 27.23
CA GLU A 499 -20.16 35.77 27.89
C GLU A 499 -20.50 37.05 28.63
N TYR A 500 -21.42 37.84 28.09
CA TYR A 500 -21.78 39.10 28.74
C TYR A 500 -22.44 38.82 30.09
N LYS A 501 -23.37 37.86 30.12
CA LYS A 501 -24.06 37.53 31.37
C LYS A 501 -23.12 36.87 32.36
N LYS A 502 -22.20 36.04 31.87
CA LYS A 502 -21.21 35.40 32.74
C LYS A 502 -20.31 36.43 33.40
N GLU A 503 -19.91 37.46 32.65
CA GLU A 503 -19.08 38.51 33.22
C GLU A 503 -19.85 39.45 34.13
N GLY A 504 -21.17 39.30 34.23
CA GLY A 504 -21.96 40.12 35.13
C GLY A 504 -22.26 41.52 34.64
N ILE A 505 -22.17 41.74 33.32
CA ILE A 505 -22.52 43.03 32.74
C ILE A 505 -24.02 43.27 32.85
N GLU A 506 -24.41 44.53 33.06
CA GLU A 506 -25.81 44.92 33.04
C GLU A 506 -26.25 44.91 31.57
N TRP A 507 -26.57 43.71 31.11
CA TRP A 507 -26.94 43.40 29.74
C TRP A 507 -28.16 42.50 29.76
N THR A 508 -29.07 42.71 28.82
CA THR A 508 -30.26 41.89 28.72
C THR A 508 -30.14 41.03 27.47
N PHE A 509 -30.24 39.72 27.66
CA PHE A 509 -30.12 38.78 26.56
C PHE A 509 -31.29 38.94 25.60
N ILE A 510 -30.99 39.11 24.32
CA ILE A 510 -32.00 39.27 23.29
C ILE A 510 -31.99 38.02 22.42
N ASP A 511 -33.19 37.49 22.16
CA ASP A 511 -33.37 36.30 21.35
C ASP A 511 -33.49 36.71 19.88
N PHE A 512 -32.51 36.33 19.08
CA PHE A 512 -32.58 36.60 17.66
C PHE A 512 -33.41 35.57 16.91
N GLY A 513 -33.76 34.47 17.56
CA GLY A 513 -34.56 33.43 16.95
C GLY A 513 -33.88 32.63 15.86
N MET A 514 -32.64 32.94 15.51
CA MET A 514 -31.97 32.22 14.45
C MET A 514 -31.41 30.91 14.98
N ASP A 515 -32.21 29.86 14.86
CA ASP A 515 -31.74 28.56 15.28
C ASP A 515 -32.24 27.51 14.31
N LEU A 516 -31.37 26.56 14.01
CA LEU A 516 -31.67 25.46 13.11
C LEU A 516 -31.20 24.14 13.70
N GLN A 517 -30.78 24.15 14.97
CA GLN A 517 -30.23 22.96 15.62
C GLN A 517 -31.20 21.79 15.55
N ALA A 518 -32.50 22.08 15.47
CA ALA A 518 -33.48 21.02 15.22
C ALA A 518 -33.24 20.28 13.91
N CYS A 519 -32.74 20.96 12.87
CA CYS A 519 -32.52 20.24 11.61
C CYS A 519 -31.16 19.55 11.56
N ILE A 520 -30.15 20.07 12.24
CA ILE A 520 -28.94 19.28 12.31
C ILE A 520 -29.19 18.06 13.16
N ASP A 521 -29.89 18.22 14.29
CA ASP A 521 -30.24 17.04 15.08
C ASP A 521 -31.13 16.10 14.27
N LEU A 522 -31.93 16.65 13.35
CA LEU A 522 -32.72 15.86 12.41
C LEU A 522 -31.85 14.97 11.53
N ILE A 523 -30.65 15.41 11.17
CA ILE A 523 -29.72 14.56 10.43
C ILE A 523 -28.73 13.79 11.32
N GLU A 524 -28.04 14.49 12.22
CA GLU A 524 -26.92 13.98 13.02
C GLU A 524 -27.32 12.98 14.10
N LYS A 525 -28.39 13.25 14.83
CA LYS A 525 -28.86 12.44 15.96
C LYS A 525 -28.95 10.97 15.58
N PRO A 526 -28.88 10.06 16.56
CA PRO A 526 -29.06 8.61 16.31
C PRO A 526 -30.45 8.20 15.86
N MET A 527 -31.24 9.18 15.45
CA MET A 527 -32.56 8.98 14.90
C MET A 527 -32.72 9.76 13.60
N GLY A 528 -31.66 10.42 13.17
CA GLY A 528 -31.66 11.22 11.96
C GLY A 528 -31.61 10.39 10.69
N ILE A 529 -31.67 11.10 9.56
CA ILE A 529 -31.61 10.48 8.25
C ILE A 529 -30.29 9.72 8.05
N MET A 530 -29.17 10.37 8.33
CA MET A 530 -27.90 9.65 8.14
C MET A 530 -27.75 8.50 9.14
N SER A 531 -28.31 8.66 10.35
CA SER A 531 -28.31 7.55 11.30
C SER A 531 -29.17 6.39 10.82
N ILE A 532 -30.26 6.69 10.12
CA ILE A 532 -31.09 5.63 9.57
C ILE A 532 -30.32 4.92 8.48
N LEU A 533 -29.71 5.68 7.57
CA LEU A 533 -29.09 5.05 6.41
C LEU A 533 -27.91 4.18 6.81
N GLU A 534 -27.23 4.52 7.90
CA GLU A 534 -26.19 3.65 8.46
C GLU A 534 -26.75 2.43 9.21
N GLU A 535 -27.84 2.55 9.98
CA GLU A 535 -28.40 1.38 10.69
C GLU A 535 -29.10 0.42 9.71
N GLU A 536 -29.71 0.95 8.66
CA GLU A 536 -30.35 0.15 7.64
C GLU A 536 -29.33 -0.55 6.75
N CYS A 537 -28.19 0.09 6.37
CA CYS A 537 -27.40 -0.57 5.32
C CYS A 537 -26.68 -1.82 5.81
N MET A 538 -26.71 -2.12 7.10
CA MET A 538 -26.08 -3.34 7.60
C MET A 538 -26.87 -4.57 7.15
N PHE A 539 -28.19 -4.51 7.20
CA PHE A 539 -29.04 -5.64 6.84
C PHE A 539 -28.92 -6.00 5.36
N PRO A 540 -28.47 -7.21 5.02
CA PRO A 540 -28.38 -7.58 3.60
C PRO A 540 -29.73 -7.63 2.91
N LYS A 541 -30.82 -7.78 3.66
CA LYS A 541 -32.16 -7.89 3.11
C LYS A 541 -32.90 -6.55 3.06
N ALA A 542 -32.24 -5.45 3.42
CA ALA A 542 -32.84 -4.14 3.30
C ALA A 542 -32.97 -3.74 1.84
N THR A 543 -33.90 -2.80 1.59
CA THR A 543 -34.18 -2.32 0.25
C THR A 543 -34.57 -0.84 0.36
N ASP A 544 -34.39 -0.12 -0.75
CA ASP A 544 -34.66 1.31 -0.75
C ASP A 544 -36.11 1.64 -0.40
N MET A 545 -37.07 0.78 -0.78
CA MET A 545 -38.47 1.10 -0.52
C MET A 545 -38.81 1.02 0.96
N THR A 546 -38.31 0.01 1.67
CA THR A 546 -38.54 0.01 3.12
C THR A 546 -37.72 1.06 3.82
N PHE A 547 -36.52 1.36 3.29
CA PHE A 547 -35.77 2.49 3.82
C PHE A 547 -36.62 3.76 3.74
N LYS A 548 -37.34 3.93 2.64
CA LYS A 548 -38.26 5.05 2.46
C LYS A 548 -39.40 5.01 3.47
N ALA A 549 -39.92 3.82 3.76
CA ALA A 549 -41.00 3.70 4.72
C ALA A 549 -40.54 4.10 6.12
N LYS A 550 -39.44 3.50 6.59
CA LYS A 550 -38.95 3.80 7.93
C LYS A 550 -38.47 5.25 8.04
N LEU A 551 -37.83 5.76 6.98
CA LEU A 551 -37.37 7.14 6.95
C LEU A 551 -38.54 8.10 7.10
N PHE A 552 -39.64 7.84 6.38
CA PHE A 552 -40.80 8.72 6.51
C PHE A 552 -41.44 8.58 7.88
N ASP A 553 -41.58 7.35 8.37
CA ASP A 553 -42.21 7.11 9.66
C ASP A 553 -41.48 7.83 10.78
N ASN A 554 -40.15 7.83 10.76
CA ASN A 554 -39.40 8.41 11.88
C ASN A 554 -39.42 9.94 11.92
N HIS A 555 -39.58 10.62 10.79
CA HIS A 555 -39.45 12.09 10.80
C HIS A 555 -40.74 12.85 10.52
N LEU A 556 -41.67 12.30 9.75
CA LEU A 556 -42.90 13.00 9.40
C LEU A 556 -43.76 13.25 10.64
N GLY A 557 -44.05 14.53 10.90
CA GLY A 557 -44.81 14.93 12.06
C GLY A 557 -44.01 14.98 13.34
N LYS A 558 -42.71 14.71 13.27
CA LYS A 558 -41.81 14.74 14.40
C LYS A 558 -40.67 15.73 14.25
N SER A 559 -40.49 16.31 13.06
CA SER A 559 -39.47 17.32 12.82
C SER A 559 -40.09 18.51 12.09
N ALA A 560 -39.72 19.72 12.54
CA ALA A 560 -40.26 20.92 11.93
C ALA A 560 -39.72 21.12 10.52
N ASN A 561 -38.58 20.53 10.19
CA ASN A 561 -37.98 20.72 8.89
C ASN A 561 -38.37 19.62 7.90
N PHE A 562 -38.88 18.50 8.42
CA PHE A 562 -39.28 17.36 7.59
C PHE A 562 -40.76 17.50 7.21
N GLN A 563 -41.04 17.51 5.91
CA GLN A 563 -42.41 17.61 5.41
C GLN A 563 -42.58 16.72 4.20
N LYS A 564 -43.83 16.33 3.95
CA LYS A 564 -44.13 15.50 2.79
C LYS A 564 -43.89 16.30 1.51
N PRO A 565 -43.37 15.67 0.46
CA PRO A 565 -43.19 16.37 -0.81
C PRO A 565 -44.50 16.55 -1.57
N ARG A 566 -44.48 17.54 -2.45
CA ARG A 566 -45.63 17.87 -3.29
C ARG A 566 -45.58 17.14 -4.62
N ASN A 567 -44.37 16.99 -5.17
CA ASN A 567 -44.15 16.35 -6.47
C ASN A 567 -44.99 17.01 -7.57
N ILE A 568 -45.07 18.34 -7.53
CA ILE A 568 -45.85 19.08 -8.51
C ILE A 568 -45.31 18.84 -9.92
N LYS A 569 -43.99 18.68 -10.05
CA LYS A 569 -43.37 18.36 -11.34
C LYS A 569 -43.37 16.86 -11.63
N GLY A 570 -44.31 16.13 -11.04
CA GLY A 570 -44.44 14.71 -11.21
C GLY A 570 -43.40 13.92 -10.45
N LYS A 571 -43.00 12.79 -11.05
CA LYS A 571 -41.99 11.88 -10.49
C LYS A 571 -42.24 11.55 -9.02
N PRO A 572 -43.42 11.00 -8.67
CA PRO A 572 -43.60 10.59 -7.27
C PRO A 572 -43.25 9.14 -7.01
N GLU A 573 -42.15 8.63 -7.56
CA GLU A 573 -41.83 7.24 -7.34
C GLU A 573 -41.33 7.02 -5.92
N ALA A 574 -40.28 7.74 -5.54
CA ALA A 574 -39.76 7.70 -4.17
C ALA A 574 -39.01 9.02 -3.92
N HIS A 575 -39.70 9.99 -3.35
CA HIS A 575 -39.14 11.31 -3.09
C HIS A 575 -39.27 11.73 -1.64
N PHE A 576 -38.33 12.56 -1.19
CA PHE A 576 -38.50 13.37 0.00
C PHE A 576 -37.74 14.68 -0.17
N SER A 577 -38.20 15.72 0.52
CA SER A 577 -37.63 17.06 0.44
C SER A 577 -37.20 17.55 1.81
N LEU A 578 -36.06 18.22 1.86
CA LEU A 578 -35.49 18.72 3.11
C LEU A 578 -35.14 20.19 2.97
N ILE A 579 -35.61 21.00 3.91
CA ILE A 579 -35.54 22.46 3.81
C ILE A 579 -34.27 22.88 4.53
N HIS A 580 -33.12 22.58 3.92
CA HIS A 580 -31.84 23.11 4.35
C HIS A 580 -31.84 24.63 4.40
N TYR A 581 -30.93 25.20 5.20
CA TYR A 581 -31.05 26.58 5.66
C TYR A 581 -31.39 27.57 4.54
N ALA A 582 -30.76 27.42 3.38
CA ALA A 582 -30.95 28.38 2.29
C ALA A 582 -32.07 28.01 1.31
N GLY A 583 -32.92 27.04 1.64
CA GLY A 583 -34.12 26.84 0.86
C GLY A 583 -34.44 25.37 0.65
N ILE A 584 -35.39 25.12 -0.24
CA ILE A 584 -35.81 23.77 -0.59
C ILE A 584 -34.65 23.00 -1.22
N VAL A 585 -34.52 21.72 -0.86
CA VAL A 585 -33.80 20.73 -1.66
C VAL A 585 -34.56 19.42 -1.65
N ASP A 586 -34.96 18.94 -2.83
CA ASP A 586 -35.69 17.69 -2.98
C ASP A 586 -34.71 16.56 -3.27
N TYR A 587 -34.99 15.37 -2.73
CA TYR A 587 -34.06 14.27 -2.84
C TYR A 587 -34.70 13.01 -3.42
N ASN A 588 -33.92 12.27 -4.19
CA ASN A 588 -34.34 11.02 -4.82
C ASN A 588 -33.68 9.86 -4.08
N ILE A 589 -34.49 9.01 -3.44
CA ILE A 589 -33.96 8.00 -2.52
C ILE A 589 -33.31 6.82 -3.25
N ILE A 590 -33.48 6.73 -4.56
CA ILE A 590 -33.07 5.55 -5.34
C ILE A 590 -31.56 5.30 -5.23
N GLY A 591 -31.20 4.10 -4.76
CA GLY A 591 -29.83 3.62 -4.70
C GLY A 591 -29.03 3.94 -3.45
N TRP A 592 -29.62 4.62 -2.48
CA TRP A 592 -28.85 5.21 -1.39
C TRP A 592 -28.15 4.17 -0.52
N LEU A 593 -28.82 3.06 -0.22
CA LEU A 593 -28.24 2.02 0.66
C LEU A 593 -26.97 1.42 0.09
N GLN A 594 -26.96 1.10 -1.21
CA GLN A 594 -25.74 0.59 -1.82
C GLN A 594 -24.64 1.63 -1.77
N LYS A 595 -25.00 2.90 -1.98
CA LYS A 595 -24.04 3.99 -1.89
C LYS A 595 -23.48 4.18 -0.48
N ASN A 596 -24.30 3.95 0.55
CA ASN A 596 -23.83 4.10 1.92
C ASN A 596 -22.94 2.95 2.34
N LYS A 597 -23.31 1.71 2.01
CA LYS A 597 -22.47 0.58 2.39
C LYS A 597 -21.23 0.51 1.51
N ASP A 598 -21.42 0.75 0.22
CA ASP A 598 -20.40 0.51 -0.80
C ASP A 598 -19.77 -0.86 -0.68
N PRO A 599 -20.55 -1.94 -0.82
CA PRO A 599 -19.98 -3.28 -0.73
C PRO A 599 -19.20 -3.60 -1.99
N LEU A 600 -17.96 -4.02 -1.80
CA LEU A 600 -17.07 -4.35 -2.91
C LEU A 600 -16.90 -5.87 -2.98
N ASN A 601 -16.88 -6.41 -4.19
CA ASN A 601 -16.68 -7.85 -4.34
C ASN A 601 -15.30 -8.22 -3.81
N GLU A 602 -15.30 -9.02 -2.73
CA GLU A 602 -14.08 -9.24 -1.97
C GLU A 602 -13.01 -9.96 -2.78
N THR A 603 -13.40 -10.84 -3.71
CA THR A 603 -12.38 -11.40 -4.61
C THR A 603 -11.76 -10.32 -5.47
N VAL A 604 -12.57 -9.38 -5.93
CA VAL A 604 -12.11 -8.36 -6.86
C VAL A 604 -11.21 -7.35 -6.15
N VAL A 605 -11.59 -6.91 -4.96
CA VAL A 605 -10.68 -6.08 -4.18
C VAL A 605 -9.48 -6.85 -3.66
N GLY A 606 -9.63 -8.13 -3.33
CA GLY A 606 -8.47 -8.93 -2.98
C GLY A 606 -7.48 -9.03 -4.13
N LEU A 607 -7.99 -9.09 -5.35
CA LEU A 607 -7.19 -9.00 -6.56
C LEU A 607 -6.62 -7.60 -6.73
N TYR A 608 -7.39 -6.57 -6.38
CA TYR A 608 -6.83 -5.21 -6.37
C TYR A 608 -5.68 -5.12 -5.38
N GLN A 609 -5.85 -5.69 -4.20
CA GLN A 609 -4.78 -5.67 -3.20
C GLN A 609 -3.53 -6.31 -3.78
N LYS A 610 -3.73 -7.29 -4.64
CA LYS A 610 -2.72 -8.13 -5.26
C LYS A 610 -2.18 -7.52 -6.55
N SER A 611 -2.70 -6.36 -6.94
CA SER A 611 -2.32 -5.73 -8.20
C SER A 611 -0.83 -5.42 -8.31
N SER A 612 -0.36 -5.44 -9.55
CA SER A 612 0.96 -4.98 -9.92
C SER A 612 1.12 -3.47 -9.77
N LEU A 613 0.03 -2.74 -9.75
CA LEU A 613 0.09 -1.28 -9.67
C LEU A 613 0.20 -0.88 -8.20
N LYS A 614 1.36 -0.32 -7.85
CA LYS A 614 1.67 -0.04 -6.45
C LYS A 614 0.62 0.89 -5.84
N LEU A 615 0.09 1.82 -6.63
CA LEU A 615 -0.98 2.67 -6.10
C LEU A 615 -2.20 1.84 -5.72
N LEU A 616 -2.63 0.94 -6.61
CA LEU A 616 -3.89 0.24 -6.37
C LEU A 616 -3.81 -0.65 -5.13
N SER A 617 -2.64 -1.26 -4.91
CA SER A 617 -2.37 -1.94 -3.64
C SER A 617 -2.39 -0.96 -2.48
N THR A 618 -1.72 0.18 -2.62
CA THR A 618 -1.65 1.09 -1.49
C THR A 618 -3.05 1.63 -1.15
N LEU A 619 -3.87 1.83 -2.18
CA LEU A 619 -5.26 2.23 -2.00
C LEU A 619 -6.07 1.16 -1.29
N PHE A 620 -5.73 -0.12 -1.48
CA PHE A 620 -6.60 -1.17 -0.98
C PHE A 620 -5.98 -1.98 0.16
N ALA A 621 -4.74 -1.69 0.51
CA ALA A 621 -4.12 -2.26 1.71
C ALA A 621 -4.93 -1.94 2.95
N ASN A 622 -5.12 -2.95 3.81
CA ASN A 622 -5.98 -2.85 5.00
C ASN A 622 -7.41 -2.50 4.66
N TYR A 623 -7.91 -2.93 3.51
CA TYR A 623 -9.35 -2.92 3.31
C TYR A 623 -10.06 -3.81 4.32
N PHE A 643 -21.63 -0.02 10.78
CA PHE A 643 -20.50 -0.05 11.70
C PHE A 643 -19.52 1.08 11.39
N GLN A 644 -19.20 1.23 10.10
CA GLN A 644 -18.31 2.29 9.64
C GLN A 644 -18.76 2.73 8.24
N THR A 645 -20.03 3.09 8.10
CA THR A 645 -20.52 3.44 6.79
C THR A 645 -19.94 4.77 6.34
N VAL A 646 -20.19 5.11 5.07
CA VAL A 646 -19.77 6.40 4.54
C VAL A 646 -20.44 7.53 5.30
N SER A 647 -21.71 7.35 5.65
CA SER A 647 -22.39 8.28 6.53
C SER A 647 -21.68 8.44 7.86
N ALA A 648 -21.36 7.33 8.53
CA ALA A 648 -20.75 7.45 9.84
C ALA A 648 -19.35 8.06 9.77
N LEU A 649 -18.53 7.65 8.79
CA LEU A 649 -17.19 8.23 8.68
C LEU A 649 -17.23 9.71 8.37
N HIS A 650 -18.14 10.13 7.48
CA HIS A 650 -18.28 11.55 7.18
C HIS A 650 -18.72 12.29 8.44
N ARG A 651 -19.72 11.74 9.12
CA ARG A 651 -20.24 12.33 10.34
C ARG A 651 -19.13 12.56 11.35
N GLU A 652 -18.37 11.51 11.66
CA GLU A 652 -17.32 11.69 12.65
C GLU A 652 -16.26 12.70 12.21
N ASN A 653 -15.95 12.77 10.92
CA ASN A 653 -15.04 13.84 10.47
C ASN A 653 -15.64 15.22 10.72
N LEU A 654 -16.93 15.40 10.43
CA LEU A 654 -17.56 16.72 10.61
C LEU A 654 -17.76 17.07 12.08
N ASN A 655 -17.97 16.07 12.94
CA ASN A 655 -18.00 16.36 14.36
C ASN A 655 -16.61 16.71 14.84
N LYS A 656 -15.58 16.08 14.27
CA LYS A 656 -14.22 16.46 14.63
C LYS A 656 -14.03 17.90 14.21
N LEU A 657 -14.63 18.27 13.08
CA LEU A 657 -14.49 19.62 12.55
C LEU A 657 -14.98 20.63 13.55
N MET A 658 -16.22 20.44 14.04
CA MET A 658 -16.74 21.41 14.98
C MET A 658 -15.97 21.41 16.30
N THR A 659 -15.52 20.25 16.78
CA THR A 659 -14.73 20.28 18.01
C THR A 659 -13.38 20.95 17.81
N ASN A 660 -12.77 20.78 16.63
CA ASN A 660 -11.52 21.45 16.28
C ASN A 660 -11.72 22.94 16.10
N LEU A 661 -12.91 23.34 15.65
CA LEU A 661 -13.20 24.73 15.38
C LEU A 661 -13.58 25.50 16.63
N ARG A 662 -14.23 24.85 17.59
CA ARG A 662 -14.56 25.58 18.82
C ARG A 662 -13.30 26.01 19.57
N SER A 663 -12.16 25.40 19.30
CA SER A 663 -10.91 25.85 19.91
C SER A 663 -10.25 26.97 19.10
N THR A 664 -11.05 27.75 18.37
CA THR A 664 -10.54 28.85 17.56
C THR A 664 -11.46 30.05 17.68
N HIS A 665 -10.91 31.23 17.37
CA HIS A 665 -11.67 32.47 17.34
C HIS A 665 -12.11 32.74 15.91
N PRO A 666 -13.40 32.61 15.59
CA PRO A 666 -13.91 32.69 14.22
C PRO A 666 -14.37 34.04 13.70
N HIS A 667 -14.12 34.27 12.41
CA HIS A 667 -14.68 35.38 11.68
C HIS A 667 -15.46 34.77 10.52
N PHE A 668 -16.71 35.19 10.34
CA PHE A 668 -17.55 34.63 9.30
C PHE A 668 -17.57 35.47 8.03
N VAL A 669 -17.71 34.80 6.88
CA VAL A 669 -17.77 35.43 5.56
C VAL A 669 -19.02 34.91 4.87
N ARG A 670 -19.98 35.79 4.58
CA ARG A 670 -21.21 35.41 3.87
C ARG A 670 -21.10 35.75 2.39
N CYS A 671 -20.86 34.74 1.56
CA CYS A 671 -20.86 34.92 0.11
C CYS A 671 -22.27 34.71 -0.44
N ILE A 672 -22.74 35.68 -1.24
CA ILE A 672 -24.10 35.77 -1.74
C ILE A 672 -24.09 35.69 -3.27
N ILE A 673 -24.91 34.80 -3.83
CA ILE A 673 -25.11 34.71 -5.27
C ILE A 673 -26.11 35.77 -5.71
N PRO A 674 -25.85 36.54 -6.74
CA PRO A 674 -26.74 37.67 -7.09
C PRO A 674 -27.90 37.30 -8.00
N ASN A 675 -27.74 36.24 -8.77
CA ASN A 675 -28.59 36.01 -9.92
C ASN A 675 -28.34 34.63 -10.47
N GLU A 676 -29.39 33.99 -10.96
CA GLU A 676 -29.26 32.63 -11.47
C GLU A 676 -28.35 32.62 -12.70
N THR A 677 -28.54 33.58 -13.60
CA THR A 677 -28.18 33.38 -14.99
C THR A 677 -26.71 33.68 -15.28
N LYS A 678 -25.86 33.81 -14.26
CA LYS A 678 -24.46 34.20 -14.44
C LYS A 678 -24.31 35.58 -15.10
N SER A 679 -25.35 36.42 -15.12
CA SER A 679 -25.12 37.72 -15.74
C SER A 679 -24.32 38.62 -14.81
N PRO A 680 -23.09 38.98 -15.18
CA PRO A 680 -22.26 39.76 -14.26
C PRO A 680 -22.77 41.18 -14.16
N GLY A 681 -22.51 41.78 -13.00
CA GLY A 681 -22.92 43.14 -12.74
C GLY A 681 -24.41 43.27 -12.55
N VAL A 682 -25.17 42.28 -13.02
CA VAL A 682 -26.59 42.21 -12.71
C VAL A 682 -26.76 41.72 -11.29
N MET A 683 -27.79 42.20 -10.60
CA MET A 683 -27.95 41.87 -9.19
C MET A 683 -29.44 41.72 -8.91
N ASP A 684 -29.92 40.48 -8.80
CA ASP A 684 -31.34 40.25 -8.55
C ASP A 684 -31.60 40.36 -7.06
N ASN A 685 -32.36 41.39 -6.70
CA ASN A 685 -32.77 41.62 -5.32
C ASN A 685 -33.45 40.45 -4.61
N PRO A 686 -34.38 39.70 -5.20
CA PRO A 686 -34.99 38.60 -4.42
C PRO A 686 -34.03 37.51 -3.99
N LEU A 687 -33.08 37.14 -4.85
CA LEU A 687 -32.13 36.09 -4.48
C LEU A 687 -31.15 36.56 -3.42
N VAL A 688 -30.61 37.77 -3.57
CA VAL A 688 -29.67 38.26 -2.58
C VAL A 688 -30.36 38.50 -1.25
N MET A 689 -31.48 39.23 -1.25
CA MET A 689 -32.12 39.48 0.03
C MET A 689 -32.53 38.18 0.72
N HIS A 690 -33.03 37.19 -0.03
CA HIS A 690 -33.34 35.91 0.60
C HIS A 690 -32.10 35.25 1.19
N GLN A 691 -30.95 35.44 0.55
CA GLN A 691 -29.73 34.89 1.11
C GLN A 691 -29.33 35.61 2.38
N LEU A 692 -29.47 36.93 2.43
CA LEU A 692 -29.12 37.60 3.66
C LEU A 692 -30.07 37.18 4.77
N ARG A 693 -31.33 36.90 4.42
CA ARG A 693 -32.30 36.37 5.37
C ARG A 693 -31.88 35.03 5.93
N CYS A 694 -31.45 34.11 5.05
CA CYS A 694 -31.02 32.79 5.53
C CYS A 694 -29.65 32.81 6.20
N ASN A 695 -28.79 33.75 5.85
CA ASN A 695 -27.51 33.85 6.52
C ASN A 695 -27.59 34.66 7.82
N GLY A 696 -28.76 35.21 8.14
CA GLY A 696 -28.91 35.94 9.39
C GLY A 696 -27.97 37.10 9.56
N VAL A 697 -27.64 37.80 8.47
CA VAL A 697 -26.64 38.84 8.55
C VAL A 697 -27.17 40.09 9.23
N LEU A 698 -28.44 40.44 8.99
CA LEU A 698 -28.98 41.62 9.64
C LEU A 698 -28.95 41.48 11.15
N GLU A 699 -29.19 40.27 11.65
CA GLU A 699 -29.02 40.02 13.07
C GLU A 699 -27.57 40.24 13.50
N GLY A 700 -26.60 39.84 12.67
CA GLY A 700 -25.22 40.13 12.98
C GLY A 700 -24.90 41.62 13.04
N ILE A 701 -25.66 42.42 12.28
CA ILE A 701 -25.53 43.87 12.42
C ILE A 701 -26.13 44.31 13.73
N ARG A 702 -27.30 43.78 14.07
CA ARG A 702 -27.96 44.23 15.28
C ARG A 702 -27.08 43.93 16.49
N ILE A 703 -26.57 42.70 16.57
CA ILE A 703 -25.79 42.30 17.73
C ILE A 703 -24.43 42.99 17.76
N CYS A 704 -23.85 43.34 16.60
CA CYS A 704 -22.60 44.10 16.63
C CYS A 704 -22.80 45.54 17.06
N ARG A 705 -23.92 46.16 16.67
CA ARG A 705 -24.20 47.52 17.10
C ARG A 705 -24.66 47.60 18.54
N LYS A 706 -25.57 46.72 18.93
CA LYS A 706 -26.13 46.74 20.28
C LYS A 706 -25.15 46.14 21.29
N GLY A 707 -24.46 45.08 20.93
CA GLY A 707 -23.54 44.41 21.83
C GLY A 707 -22.20 45.09 21.99
N PHE A 708 -21.22 44.28 22.38
CA PHE A 708 -19.86 44.72 22.70
C PHE A 708 -18.86 43.90 21.90
N PRO A 709 -18.44 44.41 20.73
CA PRO A 709 -17.57 43.60 19.86
C PRO A 709 -16.20 43.27 20.42
N ASN A 710 -15.63 44.04 21.34
CA ASN A 710 -14.30 43.67 21.83
C ASN A 710 -14.10 43.83 23.34
N ARG A 711 -13.41 42.87 23.94
CA ARG A 711 -13.06 42.73 25.35
C ARG A 711 -11.62 42.26 25.46
N ILE A 712 -10.90 42.84 26.41
CA ILE A 712 -9.48 42.57 26.63
C ILE A 712 -9.29 42.23 28.10
N LEU A 713 -8.42 41.26 28.39
CA LEU A 713 -8.13 40.90 29.77
C LEU A 713 -7.54 42.09 30.51
N TYR A 714 -7.95 42.28 31.77
CA TYR A 714 -7.44 43.41 32.55
C TYR A 714 -5.92 43.47 32.60
N GLY A 715 -5.23 42.35 32.75
CA GLY A 715 -3.78 42.42 32.78
C GLY A 715 -3.18 42.81 31.43
N ASP A 716 -3.72 42.21 30.37
CA ASP A 716 -3.21 42.50 29.04
C ASP A 716 -3.51 43.92 28.61
N PHE A 717 -4.68 44.43 28.95
CA PHE A 717 -4.89 45.78 28.46
C PHE A 717 -4.26 46.78 29.40
N ARG A 718 -4.33 46.55 30.71
CA ARG A 718 -3.78 47.59 31.57
C ARG A 718 -2.33 47.80 31.18
N GLN A 719 -1.59 46.71 31.00
CA GLN A 719 -0.19 46.83 30.59
C GLN A 719 -0.05 47.42 29.18
N ARG A 720 -0.92 47.01 28.24
CA ARG A 720 -0.86 47.50 26.87
C ARG A 720 -1.14 48.99 26.72
N TYR A 721 -2.31 49.45 27.17
CA TYR A 721 -2.65 50.85 26.99
C TYR A 721 -2.50 51.75 28.21
N ARG A 722 -1.81 51.31 29.28
CA ARG A 722 -1.54 52.24 30.37
C ARG A 722 -0.91 53.52 29.85
N ILE A 723 -0.25 53.43 28.69
CA ILE A 723 0.46 54.49 27.99
C ILE A 723 -0.45 55.70 27.76
N LEU A 724 -1.76 55.49 27.76
CA LEU A 724 -2.68 56.59 27.55
C LEU A 724 -2.54 57.62 28.66
N ASN A 725 -2.30 57.18 29.89
CA ASN A 725 -2.14 58.08 31.03
C ASN A 725 -1.25 57.39 32.06
N PRO A 726 0.06 57.46 31.88
CA PRO A 726 0.99 56.87 32.85
C PRO A 726 0.87 57.41 34.27
N ALA A 727 0.28 58.59 34.46
CA ALA A 727 0.04 59.06 35.83
C ALA A 727 -1.10 58.30 36.49
N ALA A 728 -2.01 57.73 35.70
CA ALA A 728 -3.07 56.91 36.29
C ALA A 728 -2.54 55.54 36.70
N ILE A 729 -1.52 55.04 36.00
CA ILE A 729 -0.92 53.74 36.31
C ILE A 729 0.60 53.92 36.44
N PRO A 730 1.08 54.47 37.55
CA PRO A 730 2.54 54.62 37.72
C PRO A 730 3.24 53.28 37.90
N GLU A 731 4.46 53.21 37.37
CA GLU A 731 5.27 52.01 37.47
C GLU A 731 5.93 51.91 38.84
N GLY A 732 6.22 50.68 39.26
CA GLY A 732 6.82 50.45 40.55
C GLY A 732 5.81 50.44 41.67
N GLN A 733 4.89 51.40 41.64
CA GLN A 733 3.85 51.50 42.65
C GLN A 733 2.81 50.41 42.41
N PHE A 734 2.19 49.95 43.49
CA PHE A 734 1.17 48.92 43.38
C PHE A 734 -0.11 49.50 42.79
N ILE A 735 -0.66 48.78 41.81
CA ILE A 735 -1.91 49.13 41.14
C ILE A 735 -2.72 47.85 40.92
N ASP A 736 -3.99 47.91 41.30
CA ASP A 736 -4.94 46.86 40.99
C ASP A 736 -5.39 47.03 39.55
N SER A 737 -5.43 45.92 38.80
CA SER A 737 -5.82 46.02 37.40
C SER A 737 -7.26 46.46 37.24
N ARG A 738 -8.18 45.90 38.03
CA ARG A 738 -9.56 46.35 37.95
C ARG A 738 -9.72 47.79 38.41
N LYS A 739 -9.17 48.13 39.58
CA LYS A 739 -9.34 49.49 40.10
C LYS A 739 -8.56 50.50 39.27
N GLY A 740 -7.39 50.09 38.77
CA GLY A 740 -6.64 50.98 37.91
C GLY A 740 -7.39 51.22 36.62
N ALA A 741 -7.96 50.17 36.03
CA ALA A 741 -8.73 50.31 34.81
C ALA A 741 -9.92 51.25 35.02
N GLU A 742 -10.54 51.16 36.20
CA GLU A 742 -11.64 52.06 36.55
C GLU A 742 -11.19 53.51 36.63
N LYS A 743 -10.01 53.75 37.21
CA LYS A 743 -9.52 55.12 37.26
C LYS A 743 -9.12 55.60 35.87
N LEU A 744 -8.36 54.79 35.14
CA LEU A 744 -7.90 55.21 33.83
C LEU A 744 -9.09 55.56 32.94
N LEU A 745 -10.05 54.64 32.83
CA LEU A 745 -11.17 54.92 31.93
C LEU A 745 -11.97 56.12 32.45
N SER A 746 -12.01 56.35 33.77
CA SER A 746 -12.72 57.53 34.20
C SER A 746 -11.96 58.79 33.80
N SER A 747 -10.63 58.68 33.70
CA SER A 747 -9.78 59.80 33.32
C SER A 747 -9.84 60.10 31.82
N LEU A 748 -10.27 59.14 30.99
CA LEU A 748 -10.30 59.45 29.55
C LEU A 748 -11.41 60.43 29.19
N ASP A 749 -12.40 60.61 30.06
CA ASP A 749 -13.54 61.51 29.89
C ASP A 749 -14.45 61.10 28.75
N ILE A 750 -14.32 59.88 28.25
CA ILE A 750 -15.22 59.35 27.24
C ILE A 750 -16.60 59.12 27.86
N ASP A 751 -17.62 59.05 27.01
CA ASP A 751 -18.97 58.74 27.47
C ASP A 751 -18.97 57.47 28.32
N HIS A 752 -19.32 57.63 29.60
CA HIS A 752 -19.27 56.56 30.58
C HIS A 752 -20.23 55.41 30.27
N ASN A 753 -21.16 55.59 29.35
CA ASN A 753 -22.10 54.53 29.01
C ASN A 753 -21.54 53.59 27.94
N GLN A 754 -20.45 53.97 27.28
CA GLN A 754 -19.78 53.16 26.27
C GLN A 754 -18.84 52.10 26.84
N TYR A 755 -18.80 51.88 28.15
CA TYR A 755 -17.98 50.81 28.71
C TYR A 755 -18.67 50.16 29.91
N LYS A 756 -18.24 48.92 30.18
CA LYS A 756 -18.76 48.15 31.29
C LYS A 756 -17.60 47.35 31.88
N PHE A 757 -17.72 46.98 33.15
CA PHE A 757 -16.68 46.24 33.87
C PHE A 757 -17.06 44.80 34.17
N GLY A 758 -16.22 43.86 33.73
CA GLY A 758 -16.42 42.45 33.96
C GLY A 758 -15.47 41.92 35.04
N HIS A 759 -15.65 40.64 35.37
CA HIS A 759 -14.79 40.04 36.39
C HIS A 759 -13.33 39.96 35.96
N THR A 760 -13.07 39.62 34.71
CA THR A 760 -11.70 39.46 34.22
C THR A 760 -11.47 40.14 32.89
N LYS A 761 -12.53 40.62 32.24
CA LYS A 761 -12.44 41.28 30.94
C LYS A 761 -13.12 42.64 31.04
N VAL A 762 -12.55 43.62 30.37
CA VAL A 762 -13.13 44.95 30.23
C VAL A 762 -14.07 44.91 29.03
N PHE A 763 -15.15 45.69 29.08
CA PHE A 763 -16.13 45.67 28.01
C PHE A 763 -16.24 47.04 27.36
N PHE A 764 -16.27 47.06 26.03
CA PHE A 764 -16.33 48.27 25.24
C PHE A 764 -17.45 48.20 24.22
N LYS A 765 -18.05 49.35 23.91
CA LYS A 765 -19.01 49.39 22.81
C LYS A 765 -18.16 49.48 21.55
N ALA A 766 -18.76 49.58 20.37
CA ALA A 766 -17.85 49.62 19.23
C ALA A 766 -17.31 51.02 19.03
N GLY A 767 -18.08 52.01 19.49
CA GLY A 767 -17.63 53.40 19.45
C GLY A 767 -16.47 53.64 20.41
N LEU A 768 -16.59 53.13 21.63
CA LEU A 768 -15.48 53.24 22.57
C LEU A 768 -14.32 52.36 22.17
N LEU A 769 -14.58 51.13 21.69
CA LEU A 769 -13.45 50.31 21.29
C LEU A 769 -12.63 51.02 20.23
N GLY A 770 -13.31 51.46 19.18
CA GLY A 770 -12.63 52.21 18.13
C GLY A 770 -11.94 53.47 18.60
N LEU A 771 -12.56 54.20 19.53
CA LEU A 771 -11.91 55.39 20.08
C LEU A 771 -10.70 55.05 20.93
N LEU A 772 -10.74 53.96 21.69
CA LEU A 772 -9.61 53.59 22.54
C LEU A 772 -8.49 53.04 21.69
N GLU A 773 -8.85 52.22 20.71
CA GLU A 773 -7.93 51.74 19.69
C GLU A 773 -7.18 52.88 19.02
N GLU A 774 -7.90 53.88 18.51
CA GLU A 774 -7.22 55.02 17.89
C GLU A 774 -6.41 55.85 18.90
N MET A 775 -6.92 56.07 20.11
CA MET A 775 -6.12 56.83 21.07
C MET A 775 -4.85 56.09 21.45
N ARG A 776 -4.94 54.76 21.57
CA ARG A 776 -3.76 53.94 21.82
C ARG A 776 -2.81 54.03 20.66
N ASP A 777 -3.33 53.94 19.44
CA ASP A 777 -2.48 54.05 18.27
C ASP A 777 -1.79 55.40 18.19
N GLU A 778 -2.49 56.48 18.53
CA GLU A 778 -1.85 57.80 18.47
C GLU A 778 -0.86 58.01 19.61
N ARG A 779 -1.20 57.60 20.83
CA ARG A 779 -0.29 57.80 21.96
C ARG A 779 0.96 56.98 21.73
N LEU A 780 0.78 55.76 21.23
CA LEU A 780 1.89 54.93 20.85
C LEU A 780 2.63 55.59 19.71
N SER A 781 1.92 56.13 18.72
CA SER A 781 2.61 56.74 17.60
C SER A 781 3.51 57.87 18.05
N ARG A 782 3.03 58.76 18.92
CA ARG A 782 3.91 59.83 19.39
C ARG A 782 5.13 59.30 20.14
N ILE A 783 4.95 58.32 21.03
CA ILE A 783 6.12 57.81 21.75
C ILE A 783 6.99 56.89 20.87
N ILE A 784 6.36 55.89 20.28
CA ILE A 784 7.07 54.84 19.58
C ILE A 784 7.59 55.32 18.25
N THR A 785 7.01 56.35 17.60
CA THR A 785 7.61 56.78 16.35
C THR A 785 8.98 57.39 16.62
N ARG A 786 9.12 58.10 17.74
CA ARG A 786 10.43 58.54 18.20
C ARG A 786 11.34 57.34 18.46
N ILE A 787 10.77 56.31 19.08
CA ILE A 787 11.54 55.10 19.37
C ILE A 787 11.90 54.39 18.06
N GLN A 788 10.97 54.35 17.13
CA GLN A 788 11.16 53.76 15.82
C GLN A 788 12.18 54.57 15.02
N ALA A 789 12.15 55.88 15.18
CA ALA A 789 13.11 56.74 14.49
C ALA A 789 14.51 56.35 14.93
N GLN A 790 14.66 56.10 16.23
CA GLN A 790 15.91 55.57 16.77
C GLN A 790 16.20 54.18 16.23
N SER A 791 15.17 53.33 16.11
CA SER A 791 15.38 51.97 15.59
C SER A 791 15.78 51.99 14.12
N ARG A 792 15.23 52.92 13.35
CA ARG A 792 15.61 53.08 11.94
C ARG A 792 17.02 53.63 11.89
N GLY A 793 17.34 54.48 12.85
CA GLY A 793 18.70 54.96 13.02
C GLY A 793 19.68 53.82 13.18
N VAL A 794 19.38 52.92 14.12
CA VAL A 794 20.31 51.81 14.38
C VAL A 794 20.30 50.80 13.24
N LEU A 795 19.14 50.55 12.65
CA LEU A 795 19.07 49.59 11.56
C LEU A 795 19.84 50.07 10.34
N ALA A 796 19.56 51.31 9.89
CA ALA A 796 20.31 51.90 8.79
C ALA A 796 21.79 52.01 9.13
N ARG A 797 22.13 52.55 10.31
CA ARG A 797 23.54 52.71 10.65
C ARG A 797 24.26 51.37 10.58
N MET A 798 23.70 50.34 11.22
CA MET A 798 24.39 49.06 11.32
C MET A 798 24.45 48.36 9.98
N GLU A 799 23.39 48.46 9.18
CA GLU A 799 23.40 47.81 7.87
C GLU A 799 24.33 48.53 6.90
N TYR A 800 24.35 49.86 6.94
CA TYR A 800 25.24 50.59 6.05
C TYR A 800 26.69 50.49 6.49
N LYS A 801 26.93 50.32 7.78
CA LYS A 801 28.24 49.92 8.26
C LYS A 801 28.63 48.54 7.72
N LYS A 802 27.70 47.59 7.74
CA LYS A 802 27.96 46.31 7.09
C LYS A 802 28.26 46.47 5.60
N LEU A 803 27.55 47.36 4.92
CA LEU A 803 27.89 47.68 3.53
C LEU A 803 29.26 48.34 3.41
N LEU A 804 29.69 49.08 4.43
CA LEU A 804 31.04 49.63 4.46
C LEU A 804 32.08 48.54 4.71
N GLU A 805 31.74 47.56 5.53
CA GLU A 805 32.64 46.43 5.74
C GLU A 805 32.72 45.57 4.49
N ARG A 806 31.60 45.33 3.83
CA ARG A 806 31.60 44.54 2.61
C ARG A 806 32.28 45.28 1.47
N ARG A 807 32.15 46.61 1.44
CA ARG A 807 33.00 47.44 0.59
C ARG A 807 34.48 47.26 0.90
N ASP A 808 34.86 47.30 2.18
CA ASP A 808 36.25 47.07 2.55
C ASP A 808 36.74 45.70 2.12
N SER A 809 35.91 44.66 2.29
CA SER A 809 36.27 43.34 1.80
C SER A 809 36.37 43.33 0.28
N LEU A 810 35.50 44.06 -0.40
CA LEU A 810 35.59 44.16 -1.85
C LEU A 810 36.91 44.81 -2.23
N LEU A 811 37.32 45.81 -1.46
CA LEU A 811 38.54 46.56 -1.71
C LEU A 811 39.76 45.66 -1.56
N VAL A 812 39.82 44.91 -0.48
CA VAL A 812 40.95 43.98 -0.30
C VAL A 812 40.87 42.81 -1.28
N ILE A 813 39.68 42.46 -1.76
CA ILE A 813 39.56 41.47 -2.84
C ILE A 813 40.19 41.98 -4.11
N GLN A 814 39.81 43.18 -4.54
CA GLN A 814 40.35 43.71 -5.79
C GLN A 814 41.85 44.01 -5.65
N TRP A 815 42.28 44.41 -4.46
CA TRP A 815 43.71 44.60 -4.22
C TRP A 815 44.45 43.28 -4.31
N ASN A 816 43.90 42.22 -3.73
CA ASN A 816 44.62 40.95 -3.79
C ASN A 816 44.53 40.33 -5.18
N ILE A 817 43.47 40.61 -5.93
CA ILE A 817 43.40 40.18 -7.33
C ILE A 817 44.46 40.89 -8.17
N ARG A 818 44.68 42.19 -7.91
CA ARG A 818 45.78 42.91 -8.53
C ARG A 818 47.13 42.35 -8.10
N ALA A 819 47.27 41.98 -6.84
CA ALA A 819 48.47 41.27 -6.40
C ALA A 819 48.61 39.92 -7.11
N PHE A 820 47.50 39.22 -7.30
CA PHE A 820 47.52 37.90 -7.92
C PHE A 820 48.01 37.98 -9.35
N MET A 821 47.44 38.89 -10.14
CA MET A 821 47.98 39.11 -11.49
C MET A 821 49.45 39.55 -11.44
N GLY A 822 49.77 40.49 -10.54
CA GLY A 822 51.16 40.93 -10.45
C GLY A 822 52.12 39.82 -10.11
N VAL A 823 51.66 38.82 -9.36
CA VAL A 823 52.49 37.68 -8.97
C VAL A 823 52.61 36.64 -10.07
N LYS A 824 51.50 36.27 -10.72
CA LYS A 824 51.64 35.20 -11.70
C LYS A 824 52.34 35.69 -12.97
N ASN A 825 52.13 36.94 -13.35
CA ASN A 825 52.91 37.48 -14.46
C ASN A 825 54.36 37.69 -14.07
N TRP A 826 54.65 37.79 -12.77
CA TRP A 826 56.01 37.90 -12.29
C TRP A 826 56.72 36.55 -12.41
N PRO A 827 57.93 36.50 -12.99
CA PRO A 827 58.58 35.20 -13.20
C PRO A 827 59.01 34.49 -11.92
N TRP A 828 59.34 35.26 -10.89
CA TRP A 828 59.68 34.76 -9.55
C TRP A 828 58.60 33.89 -8.92
N MET A 829 57.35 33.95 -9.40
CA MET A 829 56.24 33.24 -8.78
C MET A 829 56.51 31.76 -8.53
N LYS A 830 57.41 31.15 -9.32
CA LYS A 830 57.72 29.74 -9.13
C LYS A 830 58.20 29.44 -7.71
N LEU A 831 59.02 30.32 -7.13
CA LEU A 831 59.43 30.13 -5.74
C LEU A 831 58.25 30.39 -4.80
N TYR A 832 57.58 31.52 -5.01
CA TYR A 832 56.58 32.03 -4.07
C TYR A 832 55.46 31.02 -3.85
N PHE A 833 54.86 30.55 -4.95
CA PHE A 833 53.69 29.69 -4.88
C PHE A 833 54.00 28.35 -4.22
N LYS A 834 55.02 27.63 -4.72
CA LYS A 834 55.29 26.29 -4.22
C LYS A 834 55.92 26.24 -2.83
N ILE A 835 56.79 27.19 -2.46
CA ILE A 835 57.55 26.98 -1.22
C ILE A 835 56.73 27.25 0.04
N LYS A 836 55.87 28.27 0.02
CA LYS A 836 55.13 28.62 1.23
C LYS A 836 54.17 27.54 1.75
N PRO A 837 53.53 26.70 0.93
CA PRO A 837 52.78 25.58 1.51
C PRO A 837 53.68 24.58 2.23
N LEU A 838 54.93 24.46 1.79
CA LEU A 838 55.91 23.58 2.42
C LEU A 838 56.45 24.19 3.71
N LEU A 839 56.55 25.51 3.77
CA LEU A 839 57.16 26.22 4.88
C LEU A 839 56.28 26.22 6.13
N LYS A 840 56.95 26.52 7.26
CA LYS A 840 56.44 26.45 8.63
C LYS A 840 55.10 27.13 8.88
N SER A 841 54.78 28.21 8.17
CA SER A 841 53.48 28.86 8.37
C SER A 841 52.31 27.92 8.08
N ALA A 842 52.38 27.17 6.99
CA ALA A 842 51.34 26.19 6.71
C ALA A 842 51.37 25.02 7.70
N GLU A 843 52.51 24.78 8.34
CA GLU A 843 52.66 23.76 9.37
C GLU A 843 52.04 24.16 10.72
N ARG A 844 52.08 25.44 11.08
CA ARG A 844 51.70 25.87 12.43
C ARG A 844 50.52 26.82 12.49
N GLU A 845 50.43 27.82 11.62
CA GLU A 845 49.28 28.73 11.68
C GLU A 845 47.99 27.99 11.35
N LYS A 846 48.03 27.10 10.35
CA LYS A 846 46.86 26.28 10.07
C LYS A 846 46.54 25.34 11.23
N GLU A 847 47.56 24.85 11.92
CA GLU A 847 47.34 24.00 13.09
C GLU A 847 46.63 24.77 14.20
N MET A 848 47.07 25.99 14.48
CA MET A 848 46.41 26.83 15.48
C MET A 848 44.97 27.15 15.08
N ALA A 849 44.75 27.43 13.78
CA ALA A 849 43.41 27.74 13.31
C ALA A 849 42.47 26.55 13.52
N SER A 850 42.94 25.34 13.18
CA SER A 850 42.11 24.16 13.40
C SER A 850 41.89 23.90 14.88
N MET A 851 42.93 24.08 15.70
CA MET A 851 42.80 23.89 17.14
C MET A 851 41.72 24.78 17.75
N LYS A 852 41.78 26.09 17.45
CA LYS A 852 40.77 27.00 17.98
C LYS A 852 39.39 26.73 17.39
N GLU A 853 39.32 26.33 16.13
CA GLU A 853 38.03 26.01 15.52
C GLU A 853 37.39 24.82 16.20
N GLU A 854 38.18 23.77 16.41
CA GLU A 854 37.67 22.56 17.06
C GLU A 854 37.28 22.84 18.50
N PHE A 855 38.11 23.55 19.27
CA PHE A 855 37.75 23.78 20.66
C PHE A 855 36.50 24.66 20.80
N THR A 856 36.35 25.68 19.96
CA THR A 856 35.13 26.49 20.03
C THR A 856 33.90 25.70 19.64
N ARG A 857 34.01 24.89 18.58
CA ARG A 857 32.85 24.11 18.15
C ARG A 857 32.53 23.05 19.19
N LEU A 858 33.56 22.48 19.80
CA LEU A 858 33.40 21.52 20.88
C LEU A 858 32.57 22.10 22.01
N LYS A 859 32.96 23.30 22.48
CA LYS A 859 32.26 23.92 23.60
C LYS A 859 30.80 24.21 23.26
N GLU A 860 30.57 24.85 22.10
CA GLU A 860 29.19 25.21 21.78
C GLU A 860 28.33 23.97 21.52
N ALA A 861 28.84 23.01 20.75
CA ALA A 861 28.01 21.85 20.42
C ALA A 861 27.67 21.08 21.69
N LEU A 862 28.65 20.94 22.60
CA LEU A 862 28.40 20.19 23.83
C LEU A 862 27.31 20.85 24.64
N GLU A 863 27.41 22.17 24.85
CA GLU A 863 26.41 22.81 25.69
C GLU A 863 25.03 22.80 25.04
N LYS A 864 24.94 23.05 23.73
CA LYS A 864 23.62 23.06 23.11
C LYS A 864 22.98 21.68 23.12
N SER A 865 23.77 20.63 22.84
CA SER A 865 23.16 19.31 22.84
C SER A 865 22.77 18.86 24.25
N GLU A 866 23.55 19.22 25.27
CA GLU A 866 23.13 18.77 26.59
C GLU A 866 21.85 19.48 27.01
N ALA A 867 21.80 20.79 26.75
CA ALA A 867 20.60 21.57 27.07
C ALA A 867 19.39 20.94 26.44
N ARG A 868 19.46 20.74 25.12
CA ARG A 868 18.32 20.23 24.37
C ARG A 868 17.90 18.86 24.88
N ARG A 869 18.85 17.95 25.06
CA ARG A 869 18.46 16.60 25.48
C ARG A 869 17.77 16.65 26.83
N LYS A 870 18.43 17.26 27.82
CA LYS A 870 17.87 17.26 29.16
C LYS A 870 16.45 17.83 29.20
N GLU A 871 16.22 18.96 28.51
CA GLU A 871 14.87 19.53 28.46
C GLU A 871 13.88 18.67 27.69
N LEU A 872 14.28 18.21 26.52
CA LEU A 872 13.42 17.49 25.59
C LEU A 872 13.08 16.08 26.03
N GLU A 873 13.98 15.37 26.72
CA GLU A 873 13.62 14.04 27.22
C GLU A 873 12.54 14.12 28.29
N GLU A 874 12.63 15.08 29.21
CA GLU A 874 11.58 15.19 30.22
C GLU A 874 10.27 15.65 29.60
N LYS A 875 10.34 16.54 28.60
CA LYS A 875 9.09 16.90 27.93
C LYS A 875 8.49 15.69 27.22
N MET A 876 9.33 14.95 26.50
CA MET A 876 8.83 13.79 25.77
C MET A 876 8.15 12.80 26.70
N VAL A 877 8.81 12.44 27.81
CA VAL A 877 8.21 11.48 28.73
C VAL A 877 6.92 12.00 29.34
N SER A 878 6.80 13.32 29.56
CA SER A 878 5.54 13.86 30.08
C SER A 878 4.41 13.72 29.07
N LEU A 879 4.71 14.01 27.81
CA LEU A 879 3.69 13.86 26.76
C LEU A 879 3.38 12.40 26.51
N LEU A 880 4.38 11.51 26.58
CA LEU A 880 4.11 10.09 26.37
C LEU A 880 3.24 9.51 27.48
N GLN A 881 3.46 9.94 28.73
CA GLN A 881 2.57 9.53 29.80
C GLN A 881 1.14 10.01 29.57
N GLU A 882 0.99 11.27 29.14
CA GLU A 882 -0.35 11.77 28.85
C GLU A 882 -0.98 11.03 27.66
N LYS A 883 -0.16 10.67 26.68
CA LYS A 883 -0.57 9.84 25.56
C LYS A 883 -1.09 8.48 26.00
N ASN A 884 -0.41 7.86 26.96
CA ASN A 884 -0.90 6.56 27.43
C ASN A 884 -2.16 6.70 28.29
N ASP A 885 -2.28 7.78 29.06
CA ASP A 885 -3.51 7.97 29.82
C ASP A 885 -4.71 8.12 28.88
N LEU A 886 -4.58 9.02 27.90
CA LEU A 886 -5.66 9.17 26.92
C LEU A 886 -5.85 7.89 26.11
N GLN A 887 -4.78 7.14 25.87
CA GLN A 887 -4.94 5.85 25.19
C GLN A 887 -5.85 4.93 26.00
N LEU A 888 -5.65 4.88 27.32
CA LEU A 888 -6.53 4.07 28.16
C LEU A 888 -7.96 4.57 28.10
N GLN A 889 -8.13 5.89 27.94
CA GLN A 889 -9.46 6.44 27.75
C GLN A 889 -10.08 5.93 26.46
N VAL A 890 -9.29 5.94 25.38
CA VAL A 890 -9.76 5.39 24.11
C VAL A 890 -10.11 3.92 24.28
N GLN A 891 -9.33 3.18 25.07
CA GLN A 891 -9.63 1.77 25.30
C GLN A 891 -10.99 1.61 25.97
N ALA A 892 -11.31 2.52 26.89
CA ALA A 892 -12.61 2.49 27.56
C ALA A 892 -13.73 2.82 26.58
N GLU A 893 -13.45 3.74 25.66
CA GLU A 893 -14.42 4.06 24.62
C GLU A 893 -14.67 2.85 23.73
N GLN A 894 -13.60 2.19 23.28
CA GLN A 894 -13.79 1.11 22.33
C GLN A 894 -14.52 -0.05 22.99
N ASP A 895 -14.30 -0.22 24.31
CA ASP A 895 -15.03 -1.23 25.07
C ASP A 895 -16.53 -0.91 25.10
N ASN A 896 -16.87 0.34 25.43
CA ASN A 896 -18.28 0.73 25.48
C ASN A 896 -18.93 0.67 24.11
N LEU A 897 -18.25 1.14 23.07
CA LEU A 897 -18.84 1.09 21.73
C LEU A 897 -19.01 -0.36 21.27
N ALA A 898 -18.07 -1.25 21.59
CA ALA A 898 -18.23 -2.65 21.22
C ALA A 898 -19.45 -3.26 21.92
N ASP A 899 -19.64 -2.92 23.21
CA ASP A 899 -20.83 -3.39 23.92
C ASP A 899 -22.09 -2.89 23.24
N ALA A 900 -22.11 -1.59 22.91
CA ALA A 900 -23.27 -0.99 22.26
C ALA A 900 -23.52 -1.60 20.88
N GLU A 901 -22.44 -1.90 20.16
CA GLU A 901 -22.56 -2.51 18.84
C GLU A 901 -23.21 -3.88 18.94
N GLU A 902 -22.75 -4.72 19.86
CA GLU A 902 -23.35 -6.05 19.99
C GLU A 902 -24.78 -5.98 20.51
N ARG A 903 -25.09 -4.98 21.35
CA ARG A 903 -26.46 -4.80 21.83
C ARG A 903 -27.36 -4.37 20.70
N CYS A 904 -26.89 -3.47 19.84
CA CYS A 904 -27.76 -2.94 18.80
C CYS A 904 -27.93 -3.99 17.73
N ASP A 905 -26.85 -4.71 17.40
CA ASP A 905 -26.92 -5.71 16.35
C ASP A 905 -27.94 -6.77 16.72
N GLN A 906 -27.86 -7.29 17.96
CA GLN A 906 -28.81 -8.31 18.41
C GLN A 906 -30.24 -7.76 18.50
N LEU A 907 -30.44 -6.51 18.91
CA LEU A 907 -31.76 -5.89 19.00
C LEU A 907 -32.34 -5.71 17.58
N ILE A 908 -31.58 -5.19 16.60
CA ILE A 908 -32.11 -4.95 15.26
C ILE A 908 -32.34 -6.26 14.49
N LYS A 909 -31.49 -7.28 14.71
CA LYS A 909 -31.74 -8.58 14.08
C LYS A 909 -32.98 -9.25 14.66
N ASN A 910 -33.15 -9.22 15.99
CA ASN A 910 -34.36 -9.77 16.55
C ASN A 910 -35.59 -8.91 16.15
N LYS A 911 -35.48 -7.56 16.01
CA LYS A 911 -36.63 -6.74 15.55
C LYS A 911 -37.06 -7.20 14.16
N ILE A 912 -36.15 -7.32 13.20
CA ILE A 912 -36.54 -7.71 11.83
C ILE A 912 -37.09 -9.15 11.82
N GLN A 913 -36.58 -10.07 12.67
CA GLN A 913 -37.19 -11.39 12.71
C GLN A 913 -38.60 -11.30 13.29
N LEU A 914 -38.77 -10.63 14.42
CA LEU A 914 -40.07 -10.71 15.06
C LEU A 914 -41.07 -9.92 14.24
N GLU A 915 -40.62 -8.80 13.62
CA GLU A 915 -41.46 -7.97 12.79
C GLU A 915 -42.01 -8.82 11.64
N ALA A 916 -41.21 -9.71 11.05
CA ALA A 916 -41.73 -10.58 10.01
C ALA A 916 -42.71 -11.57 10.62
N LYS A 917 -42.40 -12.06 11.82
CA LYS A 917 -43.28 -13.04 12.44
C LYS A 917 -44.65 -12.42 12.73
N VAL A 918 -44.68 -11.16 13.15
CA VAL A 918 -45.95 -10.51 13.45
C VAL A 918 -46.71 -10.23 12.15
N LYS A 919 -45.98 -9.95 11.05
CA LYS A 919 -46.64 -9.73 9.77
C LYS A 919 -47.38 -10.99 9.33
N GLU A 920 -46.73 -12.15 9.47
CA GLU A 920 -47.41 -13.38 9.07
C GLU A 920 -48.49 -13.75 10.07
N MET A 921 -48.28 -13.48 11.37
CA MET A 921 -49.33 -13.78 12.35
C MET A 921 -50.59 -13.01 12.01
N ASN A 922 -50.43 -11.71 11.69
CA ASN A 922 -51.57 -10.87 11.37
C ASN A 922 -52.29 -11.36 10.13
N GLU A 923 -51.52 -11.70 9.09
CA GLU A 923 -52.15 -12.17 7.85
C GLU A 923 -52.88 -13.49 8.06
N ARG A 924 -52.30 -14.39 8.87
CA ARG A 924 -52.97 -15.63 9.25
C ARG A 924 -54.27 -15.38 10.01
N LEU A 925 -54.27 -14.47 10.98
CA LEU A 925 -55.51 -14.16 11.70
C LEU A 925 -56.55 -13.50 10.79
N GLU A 926 -56.12 -12.68 9.83
CA GLU A 926 -57.07 -12.13 8.88
C GLU A 926 -57.69 -13.23 8.03
N ASP A 927 -56.88 -14.19 7.60
CA ASP A 927 -57.40 -15.32 6.85
C ASP A 927 -58.40 -16.12 7.67
N GLU A 928 -58.07 -16.41 8.94
CA GLU A 928 -58.98 -17.20 9.75
C GLU A 928 -60.26 -16.45 10.09
N GLU A 929 -60.21 -15.11 10.21
CA GLU A 929 -61.46 -14.38 10.37
C GLU A 929 -62.28 -14.35 9.09
N GLU A 930 -61.61 -14.39 7.92
CA GLU A 930 -62.36 -14.38 6.68
C GLU A 930 -63.14 -15.68 6.46
N MET A 931 -62.61 -16.80 6.96
CA MET A 931 -63.24 -18.12 6.84
C MET A 931 -64.75 -18.09 7.10
N ASP B 2 13.72 -50.83 -20.23
CA ASP B 2 14.00 -49.40 -20.16
C ASP B 2 14.79 -49.07 -18.89
N SER B 3 15.91 -48.35 -19.08
CA SER B 3 16.79 -48.03 -17.95
C SER B 3 16.14 -47.07 -16.97
N GLU B 4 15.18 -46.25 -17.43
CA GLU B 4 14.51 -45.32 -16.53
C GLU B 4 13.53 -46.01 -15.59
N MET B 5 13.16 -47.25 -15.86
CA MET B 5 12.21 -47.98 -15.02
C MET B 5 12.74 -48.25 -13.61
N ALA B 6 14.06 -48.15 -13.41
CA ALA B 6 14.67 -48.46 -12.12
C ALA B 6 14.14 -47.62 -10.97
N VAL B 7 13.54 -46.45 -11.26
CA VAL B 7 13.02 -45.57 -10.21
C VAL B 7 11.85 -46.16 -9.44
N PHE B 8 11.12 -47.13 -9.99
CA PHE B 8 10.05 -47.77 -9.25
C PHE B 8 10.48 -48.97 -8.42
N GLY B 9 11.75 -49.36 -8.49
CA GLY B 9 12.21 -50.51 -7.73
C GLY B 9 11.51 -51.80 -8.11
N ALA B 10 11.07 -52.56 -7.09
CA ALA B 10 10.41 -53.83 -7.30
C ALA B 10 9.02 -53.71 -7.94
N ALA B 11 8.40 -52.54 -7.90
CA ALA B 11 7.08 -52.38 -8.51
C ALA B 11 7.14 -52.25 -10.03
N ALA B 12 8.29 -51.87 -10.57
CA ALA B 12 8.44 -51.62 -12.00
C ALA B 12 7.98 -52.73 -12.94
N PRO B 13 8.24 -54.02 -12.73
CA PRO B 13 7.71 -55.03 -13.67
C PRO B 13 6.19 -55.06 -13.80
N TYR B 14 5.46 -54.54 -12.81
CA TYR B 14 4.01 -54.61 -12.77
C TYR B 14 3.33 -53.33 -13.23
N LEU B 15 4.06 -52.43 -13.90
CA LEU B 15 3.49 -51.21 -14.44
C LEU B 15 3.71 -51.03 -15.94
N ARG B 16 4.86 -51.41 -16.47
CA ARG B 16 5.16 -51.22 -17.88
C ARG B 16 5.81 -52.49 -18.45
N LYS B 17 5.59 -52.70 -19.74
CA LYS B 17 6.16 -53.83 -20.43
C LYS B 17 7.68 -53.83 -20.41
N SER B 18 8.25 -55.02 -20.44
CA SER B 18 9.69 -55.23 -20.45
C SER B 18 10.29 -54.88 -21.80
N GLU B 19 11.61 -54.73 -21.82
CA GLU B 19 12.33 -54.39 -23.05
C GLU B 19 12.15 -55.46 -24.12
N LYS B 20 12.00 -56.73 -23.72
CA LYS B 20 11.78 -57.76 -24.71
C LYS B 20 10.46 -57.54 -25.43
N GLU B 21 9.43 -57.02 -24.73
CA GLU B 21 8.15 -56.87 -25.42
C GLU B 21 8.26 -55.77 -26.47
N ARG B 22 9.12 -54.78 -26.21
CA ARG B 22 9.41 -53.74 -27.19
C ARG B 22 10.08 -54.34 -28.41
N LEU B 23 11.07 -55.23 -28.21
CA LEU B 23 11.73 -55.77 -29.39
C LEU B 23 10.85 -56.79 -30.11
N GLU B 24 10.02 -57.53 -29.38
CA GLU B 24 9.18 -58.55 -30.02
C GLU B 24 8.18 -57.89 -30.95
N ALA B 25 7.67 -56.72 -30.55
CA ALA B 25 6.66 -56.03 -31.34
C ALA B 25 7.10 -55.81 -32.79
N GLN B 26 8.34 -55.36 -33.01
CA GLN B 26 8.81 -55.16 -34.38
C GLN B 26 9.01 -56.47 -35.15
N THR B 27 8.90 -57.63 -34.50
CA THR B 27 9.15 -58.91 -35.17
C THR B 27 7.90 -59.78 -35.30
N ARG B 28 6.75 -59.31 -34.85
CA ARG B 28 5.54 -60.11 -34.93
C ARG B 28 5.07 -60.28 -36.37
N PRO B 29 4.57 -61.46 -36.74
CA PRO B 29 3.96 -61.66 -38.06
C PRO B 29 2.56 -61.06 -38.09
N PHE B 30 2.35 -60.07 -38.96
CA PHE B 30 1.08 -59.38 -39.00
C PHE B 30 0.91 -58.72 -40.36
N ASP B 31 -0.26 -58.88 -40.95
CA ASP B 31 -0.61 -58.23 -42.22
C ASP B 31 -1.83 -57.34 -42.02
N LEU B 32 -1.65 -56.04 -42.25
CA LEU B 32 -2.71 -55.06 -41.97
C LEU B 32 -3.95 -55.28 -42.81
N LYS B 33 -3.78 -55.74 -44.06
CA LYS B 33 -4.94 -55.97 -44.93
C LYS B 33 -5.65 -57.29 -44.64
N LYS B 34 -4.95 -58.30 -44.13
CA LYS B 34 -5.54 -59.61 -43.91
C LYS B 34 -5.98 -59.86 -42.47
N ASP B 35 -5.25 -59.34 -41.48
CA ASP B 35 -5.59 -59.62 -40.09
C ASP B 35 -6.78 -58.77 -39.67
N VAL B 36 -7.84 -59.44 -39.22
CA VAL B 36 -9.11 -58.80 -38.85
C VAL B 36 -9.71 -59.55 -37.67
N PHE B 37 -10.61 -58.87 -36.98
CA PHE B 37 -11.39 -59.49 -35.90
C PHE B 37 -12.74 -59.91 -36.45
N VAL B 38 -13.22 -61.06 -36.00
CA VAL B 38 -14.54 -61.54 -36.43
C VAL B 38 -15.34 -61.92 -35.21
N PRO B 39 -16.64 -61.67 -35.17
CA PRO B 39 -17.42 -62.02 -33.98
C PRO B 39 -17.56 -63.52 -33.83
N ASP B 40 -17.75 -63.95 -32.58
CA ASP B 40 -17.87 -65.38 -32.29
C ASP B 40 -18.94 -65.55 -31.21
N ASP B 41 -19.37 -66.80 -31.01
CA ASP B 41 -20.46 -67.08 -30.10
C ASP B 41 -19.98 -67.08 -28.65
N LYS B 42 -19.03 -67.95 -28.31
CA LYS B 42 -18.59 -68.08 -26.91
C LYS B 42 -17.79 -66.87 -26.48
N GLN B 43 -17.18 -66.15 -27.41
CA GLN B 43 -16.36 -64.99 -27.13
C GLN B 43 -16.70 -63.95 -28.18
N GLU B 44 -16.82 -62.70 -27.74
CA GLU B 44 -17.34 -61.64 -28.60
C GLU B 44 -16.53 -61.47 -29.88
N PHE B 45 -15.20 -61.54 -29.80
CA PHE B 45 -14.40 -61.36 -31.00
C PHE B 45 -13.22 -62.32 -30.98
N VAL B 46 -12.85 -62.80 -32.17
CA VAL B 46 -11.71 -63.67 -32.38
C VAL B 46 -10.91 -63.20 -33.59
N LYS B 47 -9.58 -63.25 -33.47
CA LYS B 47 -8.72 -62.95 -34.59
C LYS B 47 -8.98 -63.93 -35.72
N ALA B 48 -8.81 -63.46 -36.96
CA ALA B 48 -9.04 -64.30 -38.13
C ALA B 48 -8.16 -63.82 -39.27
N LYS B 49 -7.98 -64.69 -40.27
CA LYS B 49 -7.13 -64.42 -41.42
C LYS B 49 -7.94 -64.54 -42.69
N ILE B 50 -7.95 -63.46 -43.48
CA ILE B 50 -8.62 -63.46 -44.77
C ILE B 50 -7.94 -64.46 -45.70
N VAL B 51 -8.75 -65.27 -46.38
CA VAL B 51 -8.21 -66.24 -47.34
C VAL B 51 -8.63 -65.93 -48.78
N SER B 52 -9.70 -65.19 -49.00
CA SER B 52 -10.14 -64.91 -50.36
C SER B 52 -11.05 -63.69 -50.36
N ARG B 53 -11.34 -63.20 -51.57
CA ARG B 53 -12.25 -62.09 -51.80
C ARG B 53 -13.27 -62.49 -52.85
N GLU B 54 -14.54 -62.23 -52.58
CA GLU B 54 -15.63 -62.58 -53.50
C GLU B 54 -16.61 -61.42 -53.64
N GLY B 55 -16.11 -60.26 -54.07
CA GLY B 55 -16.97 -59.10 -54.21
C GLY B 55 -17.53 -58.62 -52.88
N GLY B 56 -18.85 -58.66 -52.75
CA GLY B 56 -19.52 -58.23 -51.53
C GLY B 56 -19.53 -59.24 -50.41
N LYS B 57 -19.19 -60.49 -50.70
CA LYS B 57 -19.12 -61.54 -49.69
C LYS B 57 -17.65 -61.93 -49.51
N VAL B 58 -17.25 -62.12 -48.25
CA VAL B 58 -15.87 -62.47 -47.93
C VAL B 58 -15.86 -63.72 -47.07
N THR B 59 -14.82 -64.53 -47.24
CA THR B 59 -14.62 -65.73 -46.43
C THR B 59 -13.23 -65.72 -45.81
N ALA B 60 -13.14 -66.17 -44.56
CA ALA B 60 -11.88 -66.14 -43.84
C ALA B 60 -11.81 -67.33 -42.89
N GLU B 61 -10.59 -67.69 -42.51
CA GLU B 61 -10.31 -68.76 -41.57
C GLU B 61 -9.87 -68.15 -40.24
N THR B 62 -10.53 -68.55 -39.15
CA THR B 62 -10.21 -68.00 -37.84
C THR B 62 -8.96 -68.68 -37.26
N GLU B 63 -8.41 -68.05 -36.20
CA GLU B 63 -7.23 -68.57 -35.52
C GLU B 63 -7.39 -69.99 -34.98
N TYR B 64 -8.62 -70.48 -34.80
CA TYR B 64 -8.82 -71.86 -34.37
C TYR B 64 -9.13 -72.81 -35.53
N GLY B 65 -8.90 -72.36 -36.76
CA GLY B 65 -9.10 -73.18 -37.94
C GLY B 65 -10.54 -73.38 -38.34
N LYS B 66 -11.46 -72.66 -37.73
CA LYS B 66 -12.86 -72.73 -38.08
C LYS B 66 -13.15 -71.82 -39.27
N THR B 67 -14.03 -72.27 -40.16
CA THR B 67 -14.42 -71.47 -41.31
C THR B 67 -15.58 -70.56 -40.91
N VAL B 68 -15.54 -69.33 -41.43
CA VAL B 68 -16.59 -68.35 -41.14
C VAL B 68 -16.83 -67.52 -42.39
N THR B 69 -18.08 -67.09 -42.56
CA THR B 69 -18.48 -66.18 -43.61
C THR B 69 -19.35 -65.08 -43.02
N VAL B 70 -18.96 -63.83 -43.26
CA VAL B 70 -19.65 -62.66 -42.73
C VAL B 70 -19.49 -61.57 -43.79
N LYS B 71 -20.47 -60.68 -43.87
CA LYS B 71 -20.36 -59.57 -44.80
C LYS B 71 -19.36 -58.53 -44.30
N GLU B 72 -18.78 -57.80 -45.27
CA GLU B 72 -17.74 -56.82 -45.01
C GLU B 72 -18.18 -55.72 -44.05
N ASP B 73 -19.48 -55.52 -43.86
CA ASP B 73 -19.93 -54.48 -42.94
C ASP B 73 -19.65 -54.81 -41.49
N GLN B 74 -19.30 -56.06 -41.17
CA GLN B 74 -19.13 -56.49 -39.79
C GLN B 74 -17.68 -56.90 -39.48
N VAL B 75 -16.76 -56.68 -40.41
CA VAL B 75 -15.36 -57.09 -40.23
C VAL B 75 -14.52 -55.85 -39.93
N MET B 76 -13.66 -55.97 -38.91
CA MET B 76 -12.86 -54.86 -38.42
C MET B 76 -11.38 -55.24 -38.51
N GLN B 77 -10.58 -54.37 -39.12
CA GLN B 77 -9.16 -54.65 -39.26
C GLN B 77 -8.46 -54.67 -37.91
N GLN B 78 -7.50 -55.59 -37.77
CA GLN B 78 -6.71 -55.68 -36.55
C GLN B 78 -5.71 -54.52 -36.46
N ASN B 79 -5.41 -54.11 -35.24
CA ASN B 79 -4.38 -53.09 -35.04
C ASN B 79 -3.00 -53.71 -35.24
N PRO B 80 -2.06 -52.98 -35.85
CA PRO B 80 -0.73 -53.53 -36.05
C PRO B 80 -0.02 -53.72 -34.73
N PRO B 81 0.93 -54.64 -34.64
CA PRO B 81 1.55 -54.97 -33.36
C PRO B 81 2.33 -53.82 -32.76
N LYS B 82 2.70 -52.82 -33.56
CA LYS B 82 3.40 -51.66 -33.01
C LYS B 82 2.54 -50.85 -32.05
N PHE B 83 1.21 -50.99 -32.12
CA PHE B 83 0.34 -50.29 -31.19
C PHE B 83 -0.25 -51.21 -30.12
N ASP B 84 0.24 -52.43 -30.00
CA ASP B 84 -0.25 -53.35 -28.99
C ASP B 84 0.11 -52.88 -27.59
N LYS B 85 -0.84 -53.00 -26.65
CA LYS B 85 -0.61 -52.63 -25.26
C LYS B 85 -0.24 -51.17 -25.04
N ILE B 86 -0.68 -50.25 -25.91
CA ILE B 86 -0.33 -48.86 -25.65
C ILE B 86 -1.01 -48.40 -24.37
N GLU B 87 -0.37 -47.46 -23.67
CA GLU B 87 -0.80 -47.09 -22.34
C GLU B 87 -2.07 -46.27 -22.40
N ASP B 88 -2.36 -45.60 -23.53
CA ASP B 88 -3.56 -44.79 -23.68
C ASP B 88 -4.32 -45.26 -24.91
N MET B 89 -5.52 -45.79 -24.71
CA MET B 89 -6.31 -46.33 -25.80
C MET B 89 -6.83 -45.27 -26.76
N ALA B 90 -6.78 -43.98 -26.40
CA ALA B 90 -7.09 -42.94 -27.36
C ALA B 90 -6.09 -42.87 -28.50
N MET B 91 -4.89 -43.42 -28.30
CA MET B 91 -3.86 -43.48 -29.33
C MET B 91 -3.97 -44.70 -30.23
N LEU B 92 -5.00 -45.53 -30.07
CA LEU B 92 -5.19 -46.63 -31.01
C LEU B 92 -5.51 -46.11 -32.40
N THR B 93 -5.04 -46.82 -33.41
CA THR B 93 -5.23 -46.40 -34.80
C THR B 93 -6.59 -46.83 -35.31
N PHE B 94 -6.96 -48.08 -35.05
CA PHE B 94 -8.28 -48.59 -35.37
C PHE B 94 -9.00 -48.70 -34.04
N LEU B 95 -10.13 -48.03 -33.91
CA LEU B 95 -10.89 -48.08 -32.67
C LEU B 95 -12.23 -48.75 -32.88
N HIS B 96 -12.41 -49.89 -32.25
CA HIS B 96 -13.65 -50.63 -32.32
C HIS B 96 -13.71 -51.54 -31.10
N GLU B 97 -14.81 -52.27 -31.00
CA GLU B 97 -15.05 -53.12 -29.83
C GLU B 97 -13.94 -54.13 -29.60
N PRO B 98 -13.50 -54.91 -30.59
CA PRO B 98 -12.39 -55.83 -30.31
C PRO B 98 -11.05 -55.14 -30.12
N ALA B 99 -10.81 -53.96 -30.68
CA ALA B 99 -9.52 -53.34 -30.45
C ALA B 99 -9.36 -52.99 -28.98
N VAL B 100 -10.44 -52.51 -28.35
CA VAL B 100 -10.36 -52.19 -26.92
C VAL B 100 -10.36 -53.47 -26.11
N LEU B 101 -11.17 -54.46 -26.52
CA LEU B 101 -11.23 -55.70 -25.78
C LEU B 101 -9.86 -56.35 -25.70
N TYR B 102 -9.21 -56.52 -26.85
CA TYR B 102 -7.93 -57.20 -26.87
C TYR B 102 -6.83 -56.32 -26.32
N ASN B 103 -6.95 -54.99 -26.43
CA ASN B 103 -5.94 -54.13 -25.83
C ASN B 103 -5.96 -54.24 -24.32
N LEU B 104 -7.15 -54.35 -23.74
CA LEU B 104 -7.22 -54.62 -22.30
C LEU B 104 -6.74 -56.02 -21.95
N LYS B 105 -7.15 -57.03 -22.74
CA LYS B 105 -6.78 -58.41 -22.45
C LYS B 105 -5.27 -58.70 -22.51
N ASP B 106 -4.55 -58.12 -23.49
CA ASP B 106 -3.11 -58.37 -23.56
C ASP B 106 -2.35 -57.67 -22.45
N ARG B 107 -2.82 -56.52 -21.99
CA ARG B 107 -2.18 -55.83 -20.88
C ARG B 107 -2.51 -56.54 -19.58
N TYR B 108 -3.79 -56.86 -19.35
CA TYR B 108 -4.22 -57.45 -18.10
C TYR B 108 -3.64 -58.84 -17.89
N GLY B 109 -3.48 -59.61 -18.96
CA GLY B 109 -2.85 -60.91 -18.77
C GLY B 109 -1.41 -60.83 -18.30
N SER B 110 -0.79 -59.66 -18.44
CA SER B 110 0.57 -59.43 -17.93
C SER B 110 0.57 -58.55 -16.70
N TRP B 111 -0.55 -58.49 -15.98
CA TRP B 111 -0.72 -57.74 -14.74
C TRP B 111 -0.48 -56.24 -14.85
N MET B 112 -0.44 -55.68 -16.06
CA MET B 112 -0.38 -54.22 -16.21
C MET B 112 -1.82 -53.76 -16.16
N ILE B 113 -2.28 -53.46 -14.95
CA ILE B 113 -3.71 -53.26 -14.70
C ILE B 113 -4.26 -51.90 -15.10
N TYR B 114 -3.44 -50.86 -15.16
CA TYR B 114 -3.96 -49.54 -15.50
C TYR B 114 -3.70 -49.23 -16.97
N THR B 115 -4.65 -48.57 -17.61
CA THR B 115 -4.52 -48.14 -18.99
C THR B 115 -5.37 -46.89 -19.19
N TYR B 116 -4.83 -45.89 -19.88
CA TYR B 116 -5.67 -44.73 -20.14
C TYR B 116 -6.56 -44.94 -21.36
N SER B 117 -7.58 -44.10 -21.45
CA SER B 117 -8.54 -44.06 -22.53
C SER B 117 -8.82 -42.60 -22.87
N GLY B 118 -7.76 -41.85 -23.14
CA GLY B 118 -7.85 -40.43 -23.41
C GLY B 118 -8.18 -39.63 -22.17
N LEU B 119 -9.31 -38.93 -22.18
CA LEU B 119 -9.67 -38.10 -21.04
C LEU B 119 -9.97 -38.90 -19.78
N PHE B 120 -10.05 -40.23 -19.87
CA PHE B 120 -10.33 -41.02 -18.69
C PHE B 120 -9.48 -42.28 -18.74
N CYS B 121 -9.46 -43.03 -17.64
CA CYS B 121 -8.57 -44.18 -17.52
C CYS B 121 -9.31 -45.42 -17.08
N VAL B 122 -8.88 -46.57 -17.59
CA VAL B 122 -9.49 -47.86 -17.28
C VAL B 122 -8.54 -48.66 -16.41
N THR B 123 -9.06 -49.20 -15.31
CA THR B 123 -8.27 -50.03 -14.41
C THR B 123 -8.94 -51.40 -14.34
N VAL B 124 -8.18 -52.46 -14.55
CA VAL B 124 -8.72 -53.82 -14.53
C VAL B 124 -8.23 -54.53 -13.27
N ASN B 125 -9.18 -55.00 -12.45
CA ASN B 125 -9.00 -55.67 -11.16
C ASN B 125 -7.99 -56.81 -11.22
N PRO B 126 -6.82 -56.63 -10.60
CA PRO B 126 -5.78 -57.69 -10.66
C PRO B 126 -6.10 -58.95 -9.86
N TYR B 127 -6.90 -58.86 -8.80
CA TYR B 127 -7.21 -59.98 -7.91
C TYR B 127 -5.98 -60.56 -7.21
N LYS B 128 -4.77 -60.27 -7.68
CA LYS B 128 -3.55 -60.69 -7.00
C LYS B 128 -2.67 -59.45 -6.90
N TRP B 129 -2.10 -59.21 -5.74
CA TRP B 129 -1.30 -58.01 -5.56
C TRP B 129 0.02 -57.96 -6.31
N LEU B 130 0.33 -56.75 -6.72
CA LEU B 130 1.50 -56.14 -7.32
C LEU B 130 2.09 -55.24 -6.25
N PRO B 131 3.40 -55.23 -5.96
CA PRO B 131 3.90 -54.37 -4.88
C PRO B 131 3.93 -52.90 -5.28
N VAL B 132 2.84 -52.51 -5.93
CA VAL B 132 2.62 -51.24 -6.62
C VAL B 132 1.91 -50.22 -5.73
N TYR B 133 1.78 -50.49 -4.43
CA TYR B 133 1.01 -49.63 -3.53
C TYR B 133 1.72 -49.30 -2.23
N THR B 134 3.01 -49.56 -2.12
CA THR B 134 3.76 -49.26 -0.91
C THR B 134 4.31 -47.83 -0.98
N PRO B 135 4.92 -47.32 0.11
CA PRO B 135 5.48 -45.95 0.07
C PRO B 135 6.44 -45.62 -1.06
N GLU B 136 7.20 -46.56 -1.61
CA GLU B 136 8.29 -46.14 -2.48
C GLU B 136 7.77 -45.62 -3.82
N VAL B 137 6.63 -46.12 -4.30
CA VAL B 137 6.14 -45.67 -5.60
C VAL B 137 5.55 -44.26 -5.50
N VAL B 138 4.99 -43.90 -4.35
CA VAL B 138 4.41 -42.57 -4.16
C VAL B 138 5.44 -41.50 -4.49
N ALA B 139 6.67 -41.68 -4.01
CA ALA B 139 7.73 -40.74 -4.32
C ALA B 139 8.03 -40.69 -5.81
N ALA B 140 7.92 -41.83 -6.50
CA ALA B 140 8.14 -41.84 -7.94
C ALA B 140 7.04 -41.11 -8.69
N TYR B 141 5.84 -41.01 -8.12
CA TYR B 141 4.73 -40.37 -8.80
C TYR B 141 4.64 -38.87 -8.52
N ARG B 142 5.37 -38.37 -7.50
CA ARG B 142 5.39 -36.96 -7.14
C ARG B 142 5.73 -36.04 -8.31
N GLY B 143 4.76 -35.22 -8.68
CA GLY B 143 4.96 -34.24 -9.73
C GLY B 143 5.09 -34.77 -11.12
N LYS B 144 5.09 -36.09 -11.31
CA LYS B 144 5.16 -36.61 -12.66
C LYS B 144 3.82 -36.53 -13.37
N LYS B 145 3.89 -36.28 -14.66
CA LYS B 145 2.76 -36.12 -15.55
C LYS B 145 2.38 -37.43 -16.24
N ARG B 146 1.15 -37.46 -16.77
CA ARG B 146 0.62 -38.63 -17.47
C ARG B 146 1.51 -39.04 -18.64
N SER B 147 2.22 -38.10 -19.26
CA SER B 147 3.15 -38.46 -20.32
C SER B 147 4.36 -39.20 -19.78
N GLU B 148 4.71 -38.99 -18.51
CA GLU B 148 5.93 -39.57 -17.95
C GLU B 148 5.67 -40.90 -17.26
N ALA B 149 4.86 -40.86 -16.23
CA ALA B 149 4.65 -42.06 -15.42
C ALA B 149 3.68 -43.02 -16.08
N PRO B 150 3.86 -44.32 -15.87
CA PRO B 150 2.96 -45.31 -16.45
C PRO B 150 1.58 -45.19 -15.81
N PRO B 151 0.53 -45.62 -16.50
CA PRO B 151 -0.82 -45.42 -15.97
C PRO B 151 -1.00 -46.10 -14.62
N HIS B 152 -1.63 -45.37 -13.71
CA HIS B 152 -1.86 -45.75 -12.33
C HIS B 152 -2.82 -44.72 -11.75
N ILE B 153 -3.49 -45.11 -10.67
CA ILE B 153 -4.36 -44.16 -9.97
C ILE B 153 -3.58 -43.03 -9.33
N PHE B 154 -2.31 -43.26 -9.00
CA PHE B 154 -1.46 -42.16 -8.53
C PHE B 154 -1.20 -41.13 -9.62
N SER B 155 -1.14 -41.56 -10.88
CA SER B 155 -0.92 -40.61 -11.96
C SER B 155 -2.09 -39.64 -12.07
N ILE B 156 -3.30 -40.17 -12.02
CA ILE B 156 -4.49 -39.34 -12.09
C ILE B 156 -4.57 -38.42 -10.88
N SER B 157 -4.21 -38.95 -9.69
CA SER B 157 -4.26 -38.11 -8.50
C SER B 157 -3.30 -36.92 -8.58
N ASP B 158 -2.06 -37.17 -8.99
CA ASP B 158 -1.13 -36.05 -9.11
C ASP B 158 -1.51 -35.11 -10.24
N ASN B 159 -2.00 -35.65 -11.35
CA ASN B 159 -2.41 -34.80 -12.46
C ASN B 159 -3.50 -33.83 -11.99
N ALA B 160 -4.47 -34.36 -11.23
CA ALA B 160 -5.51 -33.52 -10.65
C ALA B 160 -4.91 -32.47 -9.71
N TYR B 161 -3.91 -32.85 -8.93
CA TYR B 161 -3.30 -31.87 -8.02
C TYR B 161 -2.61 -30.73 -8.77
N GLN B 162 -1.97 -31.07 -9.89
CA GLN B 162 -1.34 -30.05 -10.72
C GLN B 162 -2.37 -29.10 -11.30
N TYR B 163 -3.50 -29.66 -11.75
CA TYR B 163 -4.54 -28.79 -12.24
C TYR B 163 -5.10 -27.93 -11.12
N MET B 164 -5.31 -28.52 -9.93
CA MET B 164 -5.92 -27.78 -8.84
C MET B 164 -5.13 -26.52 -8.52
N LEU B 165 -3.81 -26.66 -8.43
CA LEU B 165 -3.02 -25.47 -8.13
C LEU B 165 -2.90 -24.52 -9.32
N THR B 166 -2.90 -25.04 -10.54
CA THR B 166 -2.73 -24.12 -11.68
C THR B 166 -4.00 -23.34 -11.98
N ASP B 167 -5.14 -24.01 -12.07
CA ASP B 167 -6.42 -23.37 -12.33
C ASP B 167 -7.02 -22.69 -11.11
N ARG B 168 -6.58 -23.00 -9.89
CA ARG B 168 -7.21 -22.45 -8.69
C ARG B 168 -8.70 -22.75 -8.69
N GLU B 169 -9.04 -23.92 -9.20
CA GLU B 169 -10.40 -24.39 -9.34
C GLU B 169 -10.46 -25.76 -8.67
N ASN B 170 -11.62 -26.11 -8.12
CA ASN B 170 -11.75 -27.44 -7.56
C ASN B 170 -11.71 -28.49 -8.67
N GLN B 171 -11.01 -29.60 -8.39
CA GLN B 171 -10.89 -30.70 -9.34
C GLN B 171 -11.67 -31.90 -8.85
N SER B 172 -11.80 -32.86 -9.75
CA SER B 172 -12.47 -34.10 -9.43
C SER B 172 -11.82 -35.30 -10.12
N ILE B 173 -11.81 -36.42 -9.41
CA ILE B 173 -11.36 -37.69 -9.94
C ILE B 173 -12.60 -38.55 -9.82
N LEU B 174 -13.17 -38.95 -10.94
CA LEU B 174 -14.47 -39.63 -10.94
C LEU B 174 -14.31 -41.08 -11.35
N ILE B 175 -14.23 -41.94 -10.35
CA ILE B 175 -14.04 -43.36 -10.54
C ILE B 175 -15.42 -44.00 -10.60
N THR B 176 -15.65 -44.82 -11.62
CA THR B 176 -16.96 -45.44 -11.82
C THR B 176 -16.78 -46.86 -12.31
N GLY B 177 -17.80 -47.66 -12.07
CA GLY B 177 -17.79 -49.04 -12.50
C GLY B 177 -18.74 -49.85 -11.64
N GLU B 178 -19.02 -51.05 -12.11
CA GLU B 178 -19.89 -51.95 -11.39
C GLU B 178 -19.23 -52.38 -10.08
N SER B 179 -19.94 -53.17 -9.28
CA SER B 179 -19.34 -53.74 -8.09
C SER B 179 -18.16 -54.65 -8.43
N GLY B 180 -17.12 -54.56 -7.62
CA GLY B 180 -15.95 -55.39 -7.75
C GLY B 180 -14.98 -54.97 -8.83
N ALA B 181 -15.19 -53.83 -9.45
CA ALA B 181 -14.33 -53.44 -10.56
C ALA B 181 -13.05 -52.75 -10.10
N GLY B 182 -13.03 -52.14 -8.92
CA GLY B 182 -11.80 -51.54 -8.41
C GLY B 182 -11.83 -50.09 -7.96
N LYS B 183 -13.01 -49.49 -7.81
CA LYS B 183 -13.07 -48.06 -7.53
C LYS B 183 -12.51 -47.72 -6.15
N THR B 184 -12.79 -48.57 -5.15
CA THR B 184 -12.49 -48.29 -3.75
C THR B 184 -11.00 -48.35 -3.45
N VAL B 185 -10.34 -49.41 -3.89
CA VAL B 185 -8.91 -49.52 -3.67
C VAL B 185 -8.17 -48.39 -4.36
N ASN B 186 -8.63 -48.00 -5.55
CA ASN B 186 -8.05 -46.83 -6.19
C ASN B 186 -8.31 -45.56 -5.37
N THR B 187 -9.49 -45.48 -4.73
CA THR B 187 -9.78 -44.34 -3.86
C THR B 187 -8.77 -44.28 -2.72
N LYS B 188 -8.58 -45.42 -2.03
CA LYS B 188 -7.58 -45.42 -0.96
C LYS B 188 -6.27 -44.96 -1.52
N ARG B 189 -5.89 -45.46 -2.69
CA ARG B 189 -4.58 -45.11 -3.22
C ARG B 189 -4.46 -43.61 -3.41
N VAL B 190 -5.56 -42.98 -3.82
CA VAL B 190 -5.58 -41.52 -3.94
C VAL B 190 -5.32 -40.86 -2.59
N ILE B 191 -5.94 -41.39 -1.55
CA ILE B 191 -5.77 -40.80 -0.23
C ILE B 191 -4.35 -40.97 0.28
N GLN B 192 -3.80 -42.19 0.16
CA GLN B 192 -2.43 -42.42 0.57
C GLN B 192 -1.46 -41.60 -0.25
N TYR B 193 -1.77 -41.38 -1.53
CA TYR B 193 -0.93 -40.51 -2.36
C TYR B 193 -0.85 -39.12 -1.76
N PHE B 194 -2.01 -38.51 -1.52
CA PHE B 194 -1.96 -37.13 -1.04
C PHE B 194 -1.27 -37.07 0.31
N ALA B 195 -1.50 -38.07 1.16
CA ALA B 195 -0.88 -38.05 2.47
C ALA B 195 0.64 -38.16 2.40
N VAL B 196 1.14 -39.16 1.68
CA VAL B 196 2.58 -39.36 1.67
C VAL B 196 3.28 -38.19 0.98
N ILE B 197 2.69 -37.69 -0.10
CA ILE B 197 3.28 -36.53 -0.78
C ILE B 197 3.27 -35.32 0.15
N ALA B 198 2.20 -35.14 0.91
CA ALA B 198 2.10 -33.99 1.82
C ALA B 198 3.08 -34.10 2.99
N ALA B 199 3.47 -35.31 3.37
CA ALA B 199 4.46 -35.47 4.42
C ALA B 199 5.91 -35.44 3.94
N ILE B 200 6.22 -36.04 2.79
CA ILE B 200 7.59 -36.04 2.31
C ILE B 200 7.90 -34.82 1.45
N GLY B 201 6.97 -34.43 0.59
CA GLY B 201 7.20 -33.33 -0.34
C GLY B 201 7.42 -31.99 0.32
N GLY B 213 4.11 -35.78 9.16
CA GLY B 213 3.38 -35.18 10.27
C GLY B 213 2.21 -36.02 10.74
N THR B 214 1.51 -35.52 11.76
CA THR B 214 0.36 -36.24 12.30
C THR B 214 -0.78 -36.29 11.30
N LEU B 215 -1.06 -35.17 10.64
CA LEU B 215 -2.16 -35.06 9.68
C LEU B 215 -2.04 -36.03 8.51
N GLU B 216 -0.83 -36.22 7.98
CA GLU B 216 -0.67 -37.15 6.86
C GLU B 216 -0.91 -38.60 7.26
N ASP B 217 -0.50 -39.01 8.46
CA ASP B 217 -0.85 -40.35 8.87
C ASP B 217 -2.33 -40.43 9.16
N GLN B 218 -2.89 -39.36 9.75
CA GLN B 218 -4.29 -39.36 10.08
C GLN B 218 -5.12 -39.57 8.82
N ILE B 219 -4.80 -38.83 7.76
CA ILE B 219 -5.54 -39.01 6.52
C ILE B 219 -5.34 -40.42 5.98
N ILE B 220 -4.14 -41.00 6.16
CA ILE B 220 -3.99 -42.36 5.62
C ILE B 220 -4.94 -43.30 6.32
N GLN B 221 -5.06 -43.13 7.64
CA GLN B 221 -5.97 -43.97 8.43
C GLN B 221 -7.44 -43.62 8.22
N ALA B 222 -7.72 -42.43 7.66
CA ALA B 222 -9.11 -42.04 7.43
C ALA B 222 -9.85 -43.00 6.52
N ASN B 223 -9.14 -43.65 5.59
CA ASN B 223 -9.79 -44.69 4.78
C ASN B 223 -10.08 -45.97 5.55
N PRO B 224 -9.09 -46.70 6.08
CA PRO B 224 -9.42 -47.97 6.77
C PRO B 224 -10.34 -47.82 7.98
N ALA B 225 -10.35 -46.66 8.61
CA ALA B 225 -11.34 -46.36 9.65
C ALA B 225 -12.75 -46.38 9.10
N LEU B 226 -12.98 -45.75 7.95
CA LEU B 226 -14.31 -45.81 7.37
C LEU B 226 -14.58 -47.16 6.71
N GLU B 227 -13.58 -47.73 6.04
CA GLU B 227 -13.73 -48.97 5.28
C GLU B 227 -14.09 -50.14 6.16
N ALA B 228 -13.60 -50.17 7.40
CA ALA B 228 -14.05 -51.20 8.33
C ALA B 228 -15.55 -51.14 8.56
N PHE B 229 -16.11 -49.94 8.65
CA PHE B 229 -17.53 -49.78 8.91
C PHE B 229 -18.39 -49.74 7.65
N GLY B 230 -17.79 -49.52 6.49
CA GLY B 230 -18.58 -49.35 5.29
C GLY B 230 -18.41 -50.38 4.19
N ASN B 231 -17.41 -51.25 4.28
CA ASN B 231 -17.19 -52.20 3.20
C ASN B 231 -17.67 -53.58 3.61
N ALA B 232 -17.96 -54.41 2.61
CA ALA B 232 -18.40 -55.78 2.85
C ALA B 232 -17.98 -56.64 1.67
N LYS B 233 -17.82 -57.95 1.93
CA LYS B 233 -17.60 -58.89 0.84
C LYS B 233 -18.91 -59.14 0.11
N THR B 234 -18.86 -59.09 -1.21
CA THR B 234 -19.97 -59.34 -2.11
C THR B 234 -19.57 -60.41 -3.10
N VAL B 235 -20.57 -60.88 -3.86
CA VAL B 235 -20.35 -61.85 -4.92
C VAL B 235 -19.37 -61.29 -5.94
N ARG B 236 -19.39 -59.98 -6.13
CA ARG B 236 -18.51 -59.28 -7.06
C ARG B 236 -17.17 -58.90 -6.45
N ASN B 237 -17.10 -58.55 -5.16
CA ASN B 237 -15.86 -58.08 -4.57
C ASN B 237 -15.78 -58.40 -3.10
N ASP B 238 -14.57 -58.66 -2.62
CA ASP B 238 -14.35 -59.00 -1.22
C ASP B 238 -14.40 -57.79 -0.31
N ASN B 239 -14.21 -56.59 -0.84
CA ASN B 239 -14.09 -55.38 -0.02
C ASN B 239 -14.87 -54.27 -0.71
N SER B 240 -16.05 -54.62 -1.20
CA SER B 240 -16.91 -53.69 -1.93
C SER B 240 -17.36 -52.53 -1.05
N SER B 241 -17.31 -51.32 -1.61
CA SER B 241 -17.83 -50.12 -0.94
C SER B 241 -19.34 -50.08 -1.07
N ARG B 242 -20.05 -50.46 -0.02
CA ARG B 242 -21.49 -50.37 -0.05
C ARG B 242 -21.98 -48.96 0.22
N PHE B 243 -21.08 -47.97 0.17
CA PHE B 243 -21.47 -46.59 0.33
C PHE B 243 -20.60 -45.72 -0.57
N GLY B 244 -21.25 -44.76 -1.22
CA GLY B 244 -20.54 -43.81 -2.05
C GLY B 244 -19.86 -42.75 -1.21
N LYS B 245 -18.64 -42.40 -1.58
CA LYS B 245 -17.86 -41.47 -0.79
C LYS B 245 -17.28 -40.41 -1.70
N PHE B 246 -17.27 -39.18 -1.19
CA PHE B 246 -16.69 -38.04 -1.88
C PHE B 246 -15.70 -37.42 -0.91
N ILE B 247 -14.42 -37.51 -1.21
CA ILE B 247 -13.40 -37.04 -0.30
C ILE B 247 -12.76 -35.82 -0.90
N ARG B 248 -12.89 -34.68 -0.21
CA ARG B 248 -12.35 -33.39 -0.62
C ARG B 248 -11.04 -33.14 0.10
N ILE B 249 -9.92 -33.22 -0.59
CA ILE B 249 -8.61 -32.95 0.02
C ILE B 249 -8.27 -31.49 -0.19
N HIS B 250 -8.21 -30.70 0.87
CA HIS B 250 -8.05 -29.25 0.75
C HIS B 250 -6.58 -28.86 0.92
N PHE B 251 -6.16 -27.90 0.13
CA PHE B 251 -4.78 -27.43 0.14
C PHE B 251 -4.78 -25.92 0.33
N GLY B 252 -3.70 -25.43 0.93
CA GLY B 252 -3.52 -24.01 1.15
C GLY B 252 -3.04 -23.30 -0.10
N ALA B 253 -2.93 -21.96 0.02
CA ALA B 253 -2.46 -21.20 -1.12
C ALA B 253 -1.05 -21.62 -1.52
N THR B 254 -0.25 -22.04 -0.54
CA THR B 254 1.09 -22.54 -0.78
C THR B 254 1.08 -23.96 -1.33
N GLY B 255 -0.08 -24.61 -1.32
CA GLY B 255 -0.20 -25.95 -1.85
C GLY B 255 0.02 -27.08 -0.87
N LYS B 256 0.37 -26.80 0.37
CA LYS B 256 0.51 -27.92 1.29
C LYS B 256 -0.86 -28.35 1.81
N LEU B 257 -0.97 -29.64 2.12
CA LEU B 257 -2.19 -30.19 2.67
C LEU B 257 -2.66 -29.36 3.86
N ALA B 258 -3.96 -29.07 3.91
CA ALA B 258 -4.44 -28.20 4.97
C ALA B 258 -5.58 -28.84 5.73
N SER B 259 -6.39 -29.63 5.04
CA SER B 259 -7.53 -30.30 5.65
C SER B 259 -8.02 -31.35 4.68
N ALA B 260 -8.90 -32.22 5.18
CA ALA B 260 -9.60 -33.17 4.34
C ALA B 260 -11.02 -33.30 4.86
N ASP B 261 -11.97 -33.35 3.94
CA ASP B 261 -13.37 -33.53 4.28
C ASP B 261 -13.85 -34.81 3.62
N ILE B 262 -14.50 -35.68 4.38
CA ILE B 262 -15.16 -36.88 3.90
C ILE B 262 -16.65 -36.62 3.83
N GLU B 263 -17.25 -36.96 2.69
CA GLU B 263 -18.69 -36.88 2.55
C GLU B 263 -19.17 -38.25 2.12
N THR B 264 -20.32 -38.68 2.62
CA THR B 264 -20.89 -39.96 2.26
C THR B 264 -22.29 -39.76 1.71
N TYR B 265 -22.65 -40.56 0.71
CA TYR B 265 -23.93 -40.36 0.07
C TYR B 265 -24.97 -41.43 0.40
N LEU B 266 -24.64 -42.71 0.27
CA LEU B 266 -25.65 -43.73 0.48
C LEU B 266 -25.02 -44.99 1.07
N LEU B 267 -25.09 -45.14 2.39
CA LEU B 267 -24.65 -46.37 3.03
C LEU B 267 -25.73 -47.42 2.80
N GLU B 268 -25.32 -48.62 2.41
CA GLU B 268 -26.30 -49.70 2.25
C GLU B 268 -26.74 -50.16 3.63
N LYS B 269 -27.55 -49.34 4.29
CA LYS B 269 -27.96 -49.63 5.64
C LYS B 269 -28.70 -50.95 5.76
N SER B 270 -29.36 -51.42 4.69
CA SER B 270 -30.04 -52.71 4.80
C SER B 270 -29.05 -53.86 4.84
N ARG B 271 -27.86 -53.69 4.28
CA ARG B 271 -26.87 -54.77 4.27
C ARG B 271 -26.49 -55.18 5.69
N VAL B 272 -26.58 -54.23 6.64
CA VAL B 272 -26.34 -54.50 8.04
C VAL B 272 -27.23 -55.60 8.58
N ILE B 273 -28.35 -55.89 7.92
CA ILE B 273 -29.29 -56.90 8.41
C ILE B 273 -29.56 -58.00 7.40
N PHE B 274 -29.26 -57.84 6.12
CA PHE B 274 -29.57 -58.87 5.14
C PHE B 274 -28.45 -59.00 4.11
N GLN B 275 -28.00 -60.22 3.88
CA GLN B 275 -27.02 -60.50 2.84
C GLN B 275 -27.38 -61.78 2.11
N LEU B 276 -27.11 -61.80 0.81
CA LEU B 276 -27.26 -62.96 -0.05
C LEU B 276 -26.11 -63.94 0.18
N LYS B 277 -26.25 -65.13 -0.41
CA LYS B 277 -25.16 -66.10 -0.39
C LYS B 277 -23.93 -65.55 -1.10
N ALA B 278 -22.77 -66.03 -0.65
CA ALA B 278 -21.45 -65.66 -1.19
C ALA B 278 -21.05 -64.23 -0.85
N GLU B 279 -21.62 -63.63 0.19
CA GLU B 279 -21.24 -62.28 0.56
C GLU B 279 -21.30 -62.12 2.08
N ARG B 280 -20.59 -61.11 2.57
CA ARG B 280 -20.44 -60.78 3.98
C ARG B 280 -21.30 -59.58 4.37
N ASP B 281 -21.51 -59.43 5.67
CA ASP B 281 -21.95 -58.16 6.23
C ASP B 281 -20.72 -57.24 6.25
N TYR B 282 -20.83 -56.08 6.88
CA TYR B 282 -19.66 -55.20 6.96
C TYR B 282 -18.49 -55.84 7.69
N HIS B 283 -17.28 -55.52 7.23
CA HIS B 283 -16.03 -56.08 7.72
C HIS B 283 -15.77 -55.86 9.21
N ILE B 284 -16.26 -54.76 9.79
CA ILE B 284 -15.97 -54.43 11.19
C ILE B 284 -16.32 -55.58 12.13
N PHE B 285 -17.45 -56.22 11.88
CA PHE B 285 -17.94 -57.26 12.78
C PHE B 285 -17.03 -58.48 12.77
N TYR B 286 -16.61 -58.91 11.59
CA TYR B 286 -15.81 -60.12 11.55
C TYR B 286 -14.37 -59.82 11.91
N GLN B 287 -13.91 -58.58 11.67
CA GLN B 287 -12.52 -58.32 12.00
C GLN B 287 -12.37 -58.20 13.51
N ILE B 288 -13.38 -57.65 14.19
CA ILE B 288 -13.37 -57.61 15.65
C ILE B 288 -13.39 -59.03 16.20
N LEU B 289 -14.29 -59.87 15.67
CA LEU B 289 -14.42 -61.25 16.15
C LEU B 289 -13.22 -62.14 15.86
N SER B 290 -12.50 -61.91 14.76
CA SER B 290 -11.46 -62.85 14.35
C SER B 290 -10.21 -62.82 15.22
N ASN B 291 -9.80 -61.67 15.72
CA ASN B 291 -8.61 -61.69 16.57
C ASN B 291 -8.93 -62.20 17.97
N LYS B 292 -10.19 -62.18 18.37
CA LYS B 292 -10.59 -62.53 19.74
C LYS B 292 -9.71 -61.78 20.74
N LYS B 293 -9.43 -60.52 20.41
CA LYS B 293 -8.56 -59.65 21.19
C LYS B 293 -9.14 -59.56 22.59
N PRO B 294 -8.44 -60.04 23.61
CA PRO B 294 -9.05 -60.11 24.95
C PRO B 294 -9.63 -58.80 25.47
N GLU B 295 -8.96 -57.66 25.26
CA GLU B 295 -9.53 -56.40 25.74
C GLU B 295 -10.85 -56.06 25.05
N LEU B 296 -10.95 -56.27 23.73
CA LEU B 296 -12.23 -56.07 23.05
C LEU B 296 -13.20 -57.22 23.32
N LEU B 297 -12.71 -58.45 23.44
CA LEU B 297 -13.61 -59.56 23.74
C LEU B 297 -14.13 -59.49 25.17
N ASP B 298 -13.53 -58.65 26.01
CA ASP B 298 -14.00 -58.33 27.35
C ASP B 298 -14.92 -57.13 27.35
N MET B 299 -14.57 -56.09 26.59
CA MET B 299 -15.44 -54.92 26.49
C MET B 299 -16.72 -55.27 25.74
N LEU B 300 -16.58 -55.86 24.56
CA LEU B 300 -17.71 -56.33 23.77
C LEU B 300 -18.02 -57.74 24.21
N LEU B 301 -19.29 -58.00 24.53
CA LEU B 301 -19.66 -59.32 25.03
C LEU B 301 -19.86 -60.33 23.91
N ILE B 302 -18.88 -60.41 23.02
CA ILE B 302 -18.94 -61.21 21.80
C ILE B 302 -17.91 -62.34 21.83
N THR B 303 -17.75 -62.94 23.02
CA THR B 303 -16.77 -64.02 23.21
C THR B 303 -16.98 -65.20 22.26
N ASN B 304 -18.15 -65.33 21.64
CA ASN B 304 -18.46 -66.44 20.77
C ASN B 304 -18.00 -66.23 19.33
N ASN B 305 -18.20 -67.26 18.51
CA ASN B 305 -17.87 -67.26 17.09
C ASN B 305 -18.92 -66.52 16.27
N PRO B 306 -18.57 -66.06 15.07
CA PRO B 306 -19.54 -65.32 14.25
C PRO B 306 -20.64 -66.16 13.65
N TYR B 307 -20.56 -67.50 13.65
CA TYR B 307 -21.56 -68.30 12.96
C TYR B 307 -22.93 -68.35 13.62
N ASP B 308 -23.15 -67.70 14.77
CA ASP B 308 -24.47 -67.71 15.38
C ASP B 308 -25.23 -66.40 15.25
N TYR B 309 -24.59 -65.33 14.78
CA TYR B 309 -25.24 -64.04 14.59
C TYR B 309 -26.00 -64.04 13.26
N ALA B 310 -27.32 -64.15 13.33
CA ALA B 310 -28.17 -64.33 12.15
C ALA B 310 -27.88 -63.31 11.04
N PHE B 311 -27.76 -62.03 11.40
CA PHE B 311 -27.48 -61.00 10.40
C PHE B 311 -26.17 -61.24 9.65
N ILE B 312 -25.11 -61.66 10.33
CA ILE B 312 -23.80 -61.74 9.70
C ILE B 312 -23.34 -63.16 9.37
N SER B 313 -24.01 -64.19 9.87
CA SER B 313 -23.54 -65.55 9.59
C SER B 313 -23.87 -66.03 8.18
N GLN B 314 -24.95 -65.53 7.58
CA GLN B 314 -25.33 -65.96 6.24
C GLN B 314 -24.25 -65.59 5.20
N GLY B 315 -24.31 -66.27 4.06
CA GLY B 315 -23.28 -66.12 3.05
C GLY B 315 -22.01 -66.84 3.43
N GLU B 316 -20.89 -66.13 3.33
CA GLU B 316 -19.58 -66.63 3.68
C GLU B 316 -18.98 -65.69 4.70
N THR B 317 -18.44 -66.24 5.78
CA THR B 317 -17.90 -65.42 6.86
C THR B 317 -16.40 -65.21 6.80
N THR B 318 -15.68 -65.95 5.94
CA THR B 318 -14.23 -65.82 5.84
C THR B 318 -13.82 -65.67 4.38
N VAL B 319 -12.81 -64.82 4.14
CA VAL B 319 -12.31 -64.58 2.79
C VAL B 319 -10.78 -64.56 2.84
N ALA B 320 -10.15 -65.29 1.90
CA ALA B 320 -8.70 -65.39 1.85
C ALA B 320 -8.01 -64.07 1.53
N SER B 321 -8.68 -63.17 0.81
CA SER B 321 -8.06 -61.89 0.47
C SER B 321 -7.91 -60.93 1.64
N ILE B 322 -8.55 -61.20 2.78
CA ILE B 322 -8.50 -60.32 3.93
C ILE B 322 -7.94 -61.10 5.11
N ASP B 323 -6.84 -60.60 5.68
CA ASP B 323 -6.28 -61.21 6.88
C ASP B 323 -7.00 -60.56 8.04
N ASP B 324 -8.14 -61.15 8.40
CA ASP B 324 -9.05 -60.60 9.39
C ASP B 324 -8.39 -60.36 10.75
N ALA B 325 -7.36 -61.13 11.09
CA ALA B 325 -6.65 -60.87 12.35
C ALA B 325 -5.99 -59.49 12.36
N GLU B 326 -5.41 -59.08 11.23
CA GLU B 326 -4.69 -57.81 11.19
C GLU B 326 -5.60 -56.59 11.04
N GLU B 327 -6.73 -56.73 10.34
CA GLU B 327 -7.59 -55.57 10.09
C GLU B 327 -8.10 -54.94 11.38
N LEU B 328 -8.39 -55.75 12.39
CA LEU B 328 -8.77 -55.20 13.70
C LEU B 328 -7.68 -54.31 14.26
N MET B 329 -6.43 -54.80 14.26
CA MET B 329 -5.33 -54.02 14.78
C MET B 329 -5.10 -52.78 13.94
N ALA B 330 -5.37 -52.88 12.64
CA ALA B 330 -5.30 -51.72 11.76
C ALA B 330 -6.35 -50.69 12.11
N THR B 331 -7.52 -51.11 12.55
CA THR B 331 -8.53 -50.10 12.87
C THR B 331 -8.26 -49.49 14.23
N ASP B 332 -7.76 -50.29 15.17
CA ASP B 332 -7.41 -49.76 16.48
C ASP B 332 -6.33 -48.70 16.32
N ASN B 333 -5.30 -49.00 15.52
CA ASN B 333 -4.27 -48.00 15.26
C ASN B 333 -4.84 -46.82 14.47
N ALA B 334 -5.76 -47.09 13.55
CA ALA B 334 -6.32 -46.00 12.75
C ALA B 334 -7.00 -44.99 13.66
N PHE B 335 -7.80 -45.46 14.62
CA PHE B 335 -8.43 -44.55 15.56
C PHE B 335 -7.41 -43.87 16.45
N ASP B 336 -6.35 -44.58 16.84
CA ASP B 336 -5.32 -43.92 17.65
C ASP B 336 -4.62 -42.80 16.90
N VAL B 337 -4.31 -43.03 15.62
CA VAL B 337 -3.65 -42.02 14.80
C VAL B 337 -4.57 -40.83 14.57
N LEU B 338 -5.85 -41.08 14.31
CA LEU B 338 -6.84 -40.01 14.18
C LEU B 338 -7.20 -39.37 15.49
N GLY B 339 -6.51 -39.67 16.57
CA GLY B 339 -6.77 -39.00 17.83
C GLY B 339 -8.11 -39.33 18.44
N PHE B 340 -8.67 -40.51 18.17
CA PHE B 340 -9.86 -40.92 18.89
C PHE B 340 -9.45 -41.27 20.31
N THR B 341 -10.02 -40.57 21.29
CA THR B 341 -9.73 -40.87 22.67
C THR B 341 -10.40 -42.19 23.08
N SER B 342 -9.97 -42.69 24.25
CA SER B 342 -10.48 -43.96 24.77
C SER B 342 -12.00 -44.02 24.84
N GLU B 343 -12.66 -42.91 25.20
CA GLU B 343 -14.11 -42.92 25.23
C GLU B 343 -14.72 -43.01 23.83
N GLU B 344 -14.09 -42.40 22.83
CA GLU B 344 -14.64 -42.45 21.47
C GLU B 344 -14.48 -43.83 20.88
N LYS B 345 -13.25 -44.36 20.92
CA LYS B 345 -12.97 -45.66 20.33
C LYS B 345 -13.79 -46.72 21.05
N ASN B 346 -13.83 -46.66 22.38
CA ASN B 346 -14.60 -47.61 23.14
C ASN B 346 -16.08 -47.50 22.83
N SER B 347 -16.61 -46.29 22.72
CA SER B 347 -18.05 -46.15 22.45
C SER B 347 -18.40 -46.76 21.11
N MET B 348 -17.61 -46.49 20.08
CA MET B 348 -18.00 -47.00 18.76
C MET B 348 -17.81 -48.50 18.67
N TYR B 349 -16.82 -49.06 19.39
CA TYR B 349 -16.75 -50.51 19.44
C TYR B 349 -17.97 -51.06 20.16
N LYS B 350 -18.35 -50.43 21.27
CA LYS B 350 -19.52 -50.85 22.01
C LYS B 350 -20.75 -50.83 21.11
N LEU B 351 -20.86 -49.80 20.27
CA LEU B 351 -21.99 -49.73 19.36
C LEU B 351 -21.98 -50.87 18.37
N THR B 352 -20.80 -51.24 17.85
CA THR B 352 -20.82 -52.38 16.95
C THR B 352 -21.21 -53.66 17.67
N GLY B 353 -20.81 -53.78 18.94
CA GLY B 353 -21.20 -54.96 19.70
C GLY B 353 -22.70 -55.03 19.89
N ALA B 354 -23.30 -53.88 20.19
CA ALA B 354 -24.75 -53.78 20.29
C ALA B 354 -25.42 -54.18 18.99
N ILE B 355 -24.89 -53.69 17.87
CA ILE B 355 -25.46 -54.03 16.56
C ILE B 355 -25.35 -55.53 16.30
N MET B 356 -24.24 -56.14 16.69
CA MET B 356 -24.09 -57.58 16.50
C MET B 356 -25.10 -58.36 17.33
N HIS B 357 -25.25 -58.00 18.60
CA HIS B 357 -26.27 -58.67 19.42
C HIS B 357 -27.67 -58.37 18.89
N PHE B 358 -27.85 -57.22 18.25
CA PHE B 358 -29.15 -56.77 17.77
C PHE B 358 -29.76 -57.74 16.76
N GLY B 359 -28.92 -58.49 16.04
CA GLY B 359 -29.43 -59.46 15.09
C GLY B 359 -29.94 -60.74 15.70
N ASN B 360 -29.56 -61.04 16.93
CA ASN B 360 -29.97 -62.26 17.61
C ASN B 360 -31.24 -62.12 18.42
N MET B 361 -31.75 -60.91 18.63
CA MET B 361 -32.99 -60.78 19.37
C MET B 361 -34.11 -61.54 18.68
N LYS B 362 -34.80 -62.38 19.44
CA LYS B 362 -35.89 -63.20 18.92
C LYS B 362 -37.21 -62.64 19.40
N PHE B 363 -38.22 -62.67 18.54
CA PHE B 363 -39.53 -62.16 18.87
C PHE B 363 -40.55 -63.24 18.59
N LYS B 364 -41.59 -63.29 19.42
CA LYS B 364 -42.64 -64.30 19.30
C LYS B 364 -43.99 -63.66 19.55
N LEU B 365 -45.02 -64.28 19.01
CA LEU B 365 -46.37 -63.77 19.20
C LEU B 365 -46.88 -64.09 20.60
N LYS B 366 -47.38 -63.07 21.28
CA LYS B 366 -48.01 -63.24 22.58
C LYS B 366 -49.28 -64.07 22.41
N GLN B 367 -49.51 -64.97 23.37
CA GLN B 367 -50.58 -65.95 23.24
C GLN B 367 -51.96 -65.31 23.13
N ARG B 368 -52.12 -64.06 23.56
CA ARG B 368 -53.43 -63.43 23.49
C ARG B 368 -53.44 -62.00 22.97
N GLU B 369 -52.30 -61.31 22.89
CA GLU B 369 -52.30 -59.91 22.45
C GLU B 369 -51.96 -59.77 20.97
N GLU B 370 -51.54 -60.84 20.31
CA GLU B 370 -51.14 -60.81 18.90
C GLU B 370 -50.06 -59.76 18.66
N GLN B 371 -49.05 -59.78 19.52
CA GLN B 371 -48.01 -58.77 19.58
C GLN B 371 -46.68 -59.48 19.83
N ALA B 372 -45.60 -58.88 19.34
CA ALA B 372 -44.28 -59.46 19.56
C ALA B 372 -43.71 -59.08 20.92
N GLU B 373 -42.91 -59.99 21.47
CA GLU B 373 -42.15 -59.80 22.69
C GLU B 373 -40.80 -60.48 22.50
N PRO B 374 -39.75 -59.99 23.17
CA PRO B 374 -38.45 -60.64 23.04
C PRO B 374 -38.40 -61.99 23.75
N ASP B 375 -37.93 -63.01 23.03
CA ASP B 375 -37.86 -64.35 23.60
C ASP B 375 -36.56 -64.48 24.40
N GLY B 376 -35.51 -63.83 23.92
CA GLY B 376 -34.24 -63.84 24.61
C GLY B 376 -33.76 -62.41 24.72
N THR B 377 -33.24 -62.06 25.89
CA THR B 377 -32.89 -60.68 26.17
C THR B 377 -31.42 -60.51 26.51
N GLU B 378 -30.65 -61.59 26.62
CA GLU B 378 -29.25 -61.45 26.98
C GLU B 378 -28.50 -60.61 25.94
N GLU B 379 -28.87 -60.76 24.67
CA GLU B 379 -28.22 -59.94 23.64
C GLU B 379 -28.68 -58.49 23.72
N ALA B 380 -29.93 -58.28 24.15
CA ALA B 380 -30.40 -56.90 24.33
C ALA B 380 -29.76 -56.29 25.56
N ASP B 381 -29.59 -57.08 26.62
CA ASP B 381 -28.94 -56.59 27.82
C ASP B 381 -27.52 -56.17 27.50
N LYS B 382 -26.81 -57.00 26.73
CA LYS B 382 -25.46 -56.67 26.27
C LYS B 382 -25.47 -55.41 25.42
N SER B 383 -26.41 -55.31 24.47
CA SER B 383 -26.46 -54.14 23.61
C SER B 383 -26.68 -52.88 24.42
N ALA B 384 -27.68 -52.87 25.30
CA ALA B 384 -27.99 -51.67 26.07
C ALA B 384 -26.84 -51.31 27.02
N TYR B 385 -26.14 -52.30 27.57
CA TYR B 385 -24.95 -52.02 28.36
C TYR B 385 -23.87 -51.32 27.53
N LEU B 386 -23.62 -51.82 26.32
CA LEU B 386 -22.65 -51.21 25.43
C LEU B 386 -23.06 -49.81 24.96
N MET B 387 -24.33 -49.63 24.61
CA MET B 387 -24.87 -48.35 24.17
C MET B 387 -25.20 -47.39 25.29
N GLY B 388 -25.06 -47.79 26.55
CA GLY B 388 -25.47 -46.93 27.64
C GLY B 388 -26.96 -46.63 27.66
N LEU B 389 -27.79 -47.58 27.22
CA LEU B 389 -29.23 -47.43 27.24
C LEU B 389 -29.79 -48.30 28.37
N ASN B 390 -31.10 -48.33 28.47
CA ASN B 390 -31.78 -49.21 29.42
C ASN B 390 -32.39 -50.36 28.62
N SER B 391 -32.03 -51.59 28.99
CA SER B 391 -32.54 -52.74 28.25
C SER B 391 -34.06 -52.88 28.38
N ALA B 392 -34.59 -52.68 29.59
CA ALA B 392 -36.03 -52.77 29.77
C ALA B 392 -36.74 -51.66 29.02
N ASP B 393 -36.22 -50.43 29.10
CA ASP B 393 -36.87 -49.33 28.40
C ASP B 393 -36.78 -49.51 26.89
N LEU B 394 -35.63 -50.01 26.41
CA LEU B 394 -35.45 -50.27 24.99
C LEU B 394 -36.46 -51.30 24.49
N LEU B 395 -36.55 -52.44 25.19
CA LEU B 395 -37.50 -53.47 24.77
C LEU B 395 -38.95 -53.00 24.89
N LYS B 396 -39.27 -52.24 25.93
CA LYS B 396 -40.63 -51.71 26.04
C LYS B 396 -40.95 -50.76 24.89
N GLY B 397 -40.03 -49.84 24.58
CA GLY B 397 -40.22 -48.94 23.45
C GLY B 397 -40.26 -49.63 22.10
N LEU B 398 -39.59 -50.77 21.96
CA LEU B 398 -39.72 -51.53 20.73
C LEU B 398 -41.02 -52.33 20.68
N CYS B 399 -41.47 -52.82 21.84
CA CYS B 399 -42.68 -53.63 21.91
C CYS B 399 -43.93 -52.76 21.83
N HIS B 400 -43.85 -51.56 22.38
CA HIS B 400 -44.94 -50.58 22.39
C HIS B 400 -44.46 -49.23 21.87
N PRO B 401 -44.00 -49.15 20.61
CA PRO B 401 -43.53 -47.85 20.12
C PRO B 401 -44.69 -46.89 19.97
N ARG B 402 -44.46 -45.64 20.37
CA ARG B 402 -45.40 -44.55 20.15
C ARG B 402 -45.19 -43.86 18.81
N VAL B 403 -46.29 -43.62 18.10
CA VAL B 403 -46.28 -42.89 16.85
C VAL B 403 -47.09 -41.61 17.03
N LYS B 404 -46.74 -40.59 16.26
CA LYS B 404 -47.39 -39.29 16.40
C LYS B 404 -48.15 -38.91 15.13
N VAL B 405 -49.24 -38.17 15.33
CA VAL B 405 -50.04 -37.61 14.25
C VAL B 405 -50.14 -36.12 14.52
N GLY B 406 -49.16 -35.37 14.02
CA GLY B 406 -49.06 -33.97 14.43
C GLY B 406 -48.56 -33.89 15.85
N ASN B 407 -49.25 -33.10 16.68
CA ASN B 407 -48.88 -32.98 18.08
C ASN B 407 -49.39 -34.14 18.93
N GLU B 408 -50.43 -34.85 18.48
CA GLU B 408 -51.00 -35.94 19.25
C GLU B 408 -50.19 -37.22 19.07
N TYR B 409 -49.87 -37.88 20.18
CA TYR B 409 -49.11 -39.12 20.16
C TYR B 409 -50.02 -40.28 20.59
N VAL B 410 -49.88 -41.41 19.91
CA VAL B 410 -50.69 -42.60 20.19
C VAL B 410 -49.83 -43.85 20.07
N THR B 411 -50.09 -44.82 20.94
CA THR B 411 -49.35 -46.08 20.98
C THR B 411 -49.96 -47.07 19.99
N LYS B 412 -49.13 -47.62 19.11
CA LYS B 412 -49.53 -48.68 18.20
C LYS B 412 -48.88 -50.00 18.60
N GLY B 413 -49.69 -51.04 18.78
CA GLY B 413 -49.13 -52.34 19.08
C GLY B 413 -48.59 -53.03 17.84
N GLN B 414 -47.30 -53.39 17.92
CA GLN B 414 -46.56 -53.97 16.81
C GLN B 414 -46.71 -55.49 16.70
N ASN B 415 -46.93 -55.96 15.48
CA ASN B 415 -46.92 -57.38 15.19
C ASN B 415 -45.48 -57.86 14.95
N VAL B 416 -45.29 -59.18 14.97
CA VAL B 416 -43.96 -59.75 14.78
C VAL B 416 -43.42 -59.39 13.40
N GLN B 417 -44.28 -59.47 12.39
CA GLN B 417 -43.83 -59.26 11.02
C GLN B 417 -43.43 -57.81 10.80
N GLN B 418 -44.08 -56.87 11.46
CA GLN B 418 -43.66 -55.50 11.25
C GLN B 418 -42.57 -55.10 12.21
N VAL B 419 -42.47 -55.75 13.37
CA VAL B 419 -41.38 -55.37 14.27
C VAL B 419 -40.06 -55.84 13.69
N ILE B 420 -40.03 -56.98 13.03
CA ILE B 420 -38.77 -57.43 12.42
C ILE B 420 -38.26 -56.42 11.42
N TYR B 421 -39.16 -55.90 10.59
CA TYR B 421 -38.84 -54.76 9.71
C TYR B 421 -38.41 -53.54 10.51
N ALA B 422 -39.16 -53.19 11.55
CA ALA B 422 -38.86 -51.98 12.30
C ALA B 422 -37.49 -52.08 12.97
N THR B 423 -37.16 -53.22 13.54
CA THR B 423 -35.84 -53.44 14.11
C THR B 423 -34.76 -53.43 13.05
N GLY B 424 -35.03 -54.01 11.88
CA GLY B 424 -34.05 -53.91 10.81
C GLY B 424 -33.78 -52.46 10.43
N ALA B 425 -34.85 -51.70 10.21
CA ALA B 425 -34.70 -50.28 9.92
C ALA B 425 -34.01 -49.54 11.04
N LEU B 426 -34.30 -49.90 12.30
CA LEU B 426 -33.60 -49.29 13.42
C LEU B 426 -32.11 -49.56 13.36
N ALA B 427 -31.74 -50.80 13.04
CA ALA B 427 -30.34 -51.13 12.88
C ALA B 427 -29.73 -50.30 11.77
N LYS B 428 -30.47 -50.19 10.67
CA LYS B 428 -30.04 -49.34 9.57
C LYS B 428 -29.80 -47.91 10.04
N ALA B 429 -30.71 -47.38 10.84
CA ALA B 429 -30.61 -45.97 11.19
C ALA B 429 -29.44 -45.72 12.13
N VAL B 430 -29.30 -46.58 13.15
CA VAL B 430 -28.19 -46.44 14.08
C VAL B 430 -26.86 -46.59 13.35
N TYR B 431 -26.75 -47.58 12.46
CA TYR B 431 -25.49 -47.79 11.78
C TYR B 431 -25.20 -46.59 10.89
N GLU B 432 -26.21 -46.14 10.14
CA GLU B 432 -26.04 -45.07 9.17
C GLU B 432 -25.57 -43.81 9.86
N ARG B 433 -26.28 -43.40 10.91
CA ARG B 433 -25.89 -42.18 11.60
C ARG B 433 -24.58 -42.34 12.36
N MET B 434 -24.26 -43.55 12.85
CA MET B 434 -22.95 -43.69 13.48
C MET B 434 -21.84 -43.53 12.46
N PHE B 435 -22.07 -44.03 11.26
CA PHE B 435 -21.12 -43.84 10.18
C PHE B 435 -21.02 -42.37 9.77
N ASN B 436 -22.16 -41.68 9.74
CA ASN B 436 -22.13 -40.26 9.44
C ASN B 436 -21.34 -39.51 10.49
N TRP B 437 -21.57 -39.81 11.77
CA TRP B 437 -20.85 -39.09 12.80
C TRP B 437 -19.36 -39.36 12.66
N MET B 438 -18.99 -40.61 12.43
CA MET B 438 -17.58 -40.95 12.26
C MET B 438 -16.95 -40.16 11.13
N VAL B 439 -17.73 -39.94 10.06
CA VAL B 439 -17.32 -39.04 9.00
C VAL B 439 -17.16 -37.60 9.48
N THR B 440 -18.15 -37.08 10.21
CA THR B 440 -18.02 -35.70 10.70
C THR B 440 -16.89 -35.55 11.71
N ARG B 441 -16.58 -36.59 12.45
CA ARG B 441 -15.46 -36.57 13.39
C ARG B 441 -14.12 -36.66 12.68
N ILE B 442 -14.06 -37.42 11.58
CA ILE B 442 -12.88 -37.41 10.72
C ILE B 442 -12.73 -36.05 10.05
N ASN B 443 -13.83 -35.37 9.78
CA ASN B 443 -13.77 -34.00 9.35
C ASN B 443 -13.53 -33.03 10.49
N ALA B 444 -13.70 -33.48 11.73
CA ALA B 444 -13.37 -32.67 12.89
C ALA B 444 -11.88 -32.73 13.15
N THR B 445 -11.30 -33.92 13.05
CA THR B 445 -9.87 -33.99 12.91
C THR B 445 -9.55 -33.58 11.47
N LEU B 446 -8.28 -33.57 11.11
CA LEU B 446 -7.78 -33.20 9.79
C LEU B 446 -8.02 -31.72 9.50
N GLU B 447 -9.04 -31.14 10.15
CA GLU B 447 -9.37 -29.72 10.02
C GLU B 447 -8.36 -28.93 10.84
N THR B 448 -7.43 -28.24 10.18
CA THR B 448 -6.40 -27.53 10.93
C THR B 448 -6.63 -26.04 11.00
N LYS B 449 -7.79 -25.56 10.53
CA LYS B 449 -8.17 -24.15 10.55
C LYS B 449 -7.22 -23.27 9.75
N GLN B 450 -6.25 -23.86 9.06
CA GLN B 450 -5.23 -23.16 8.31
C GLN B 450 -5.86 -22.57 7.05
N PRO B 451 -5.13 -21.80 6.23
CA PRO B 451 -5.75 -21.27 5.01
C PRO B 451 -6.18 -22.41 4.10
N ARG B 452 -7.40 -22.30 3.58
CA ARG B 452 -7.98 -23.30 2.69
C ARG B 452 -8.65 -22.61 1.53
N GLN B 453 -8.49 -23.16 0.32
CA GLN B 453 -9.14 -22.55 -0.83
C GLN B 453 -9.55 -23.51 -1.94
N TYR B 454 -8.85 -24.64 -2.09
CA TYR B 454 -9.10 -25.53 -3.21
C TYR B 454 -9.15 -26.97 -2.72
N PHE B 455 -9.96 -27.79 -3.39
CA PHE B 455 -10.05 -29.18 -2.95
C PHE B 455 -10.17 -30.10 -4.16
N ILE B 456 -9.77 -31.34 -3.94
CA ILE B 456 -9.83 -32.40 -4.95
C ILE B 456 -10.86 -33.40 -4.47
N GLY B 457 -12.00 -33.45 -5.15
CA GLY B 457 -13.05 -34.35 -4.74
C GLY B 457 -13.05 -35.68 -5.47
N VAL B 458 -12.68 -36.74 -4.76
CA VAL B 458 -12.56 -38.07 -5.33
C VAL B 458 -13.86 -38.81 -5.11
N LEU B 459 -14.51 -39.22 -6.19
CA LEU B 459 -15.82 -39.85 -6.11
C LEU B 459 -15.74 -41.33 -6.43
N ASP B 460 -16.34 -42.13 -5.55
CA ASP B 460 -16.36 -43.60 -5.60
C ASP B 460 -17.79 -43.97 -5.25
N ILE B 461 -18.68 -43.84 -6.24
CA ILE B 461 -20.08 -44.22 -6.04
C ILE B 461 -20.21 -45.73 -5.87
N ALA B 462 -21.31 -46.13 -5.24
CA ALA B 462 -21.63 -47.54 -5.11
C ALA B 462 -21.85 -48.09 -6.51
N GLY B 463 -21.12 -49.12 -6.86
CA GLY B 463 -21.11 -49.59 -8.23
C GLY B 463 -22.40 -50.23 -8.71
N PHE B 464 -22.46 -50.33 -10.03
CA PHE B 464 -23.61 -50.85 -10.75
C PHE B 464 -23.68 -52.36 -10.54
N GLU B 465 -24.87 -52.90 -10.34
CA GLU B 465 -24.91 -54.27 -9.88
C GLU B 465 -26.09 -54.99 -10.48
N ILE B 466 -25.92 -56.30 -10.64
CA ILE B 466 -26.99 -57.19 -11.09
C ILE B 466 -26.93 -58.44 -10.24
N PHE B 467 -27.70 -58.47 -9.16
CA PHE B 467 -27.82 -59.68 -8.38
C PHE B 467 -28.93 -60.55 -8.96
N ASP B 468 -29.07 -61.75 -8.39
CA ASP B 468 -30.21 -62.58 -8.74
C ASP B 468 -31.50 -62.03 -8.13
N PHE B 469 -31.39 -61.11 -7.18
CA PHE B 469 -32.54 -60.48 -6.54
C PHE B 469 -32.10 -59.05 -6.23
N ASN B 470 -32.60 -58.10 -7.03
CA ASN B 470 -32.30 -56.68 -6.86
C ASN B 470 -33.48 -55.94 -6.27
N SER B 471 -33.21 -55.02 -5.35
CA SER B 471 -34.22 -54.28 -4.62
C SER B 471 -34.05 -52.78 -4.81
N PHE B 472 -34.80 -52.01 -4.00
CA PHE B 472 -34.80 -50.55 -4.13
C PHE B 472 -33.40 -49.98 -4.00
N GLU B 473 -32.57 -50.57 -3.13
CA GLU B 473 -31.20 -50.11 -3.02
C GLU B 473 -30.44 -50.35 -4.30
N GLN B 474 -30.68 -51.51 -4.94
CA GLN B 474 -30.01 -51.81 -6.18
C GLN B 474 -30.40 -50.81 -7.24
N LEU B 475 -31.62 -50.29 -7.16
CA LEU B 475 -32.02 -49.21 -8.06
C LEU B 475 -31.32 -47.91 -7.68
N CYS B 476 -31.26 -47.57 -6.40
CA CYS B 476 -30.60 -46.30 -6.04
C CYS B 476 -29.14 -46.30 -6.45
N ILE B 477 -28.43 -47.42 -6.26
CA ILE B 477 -27.04 -47.49 -6.68
C ILE B 477 -26.91 -47.52 -8.19
N ASN B 478 -27.83 -48.18 -8.89
CA ASN B 478 -27.79 -48.17 -10.34
C ASN B 478 -28.09 -46.77 -10.86
N PHE B 479 -29.06 -46.10 -10.26
CA PHE B 479 -29.39 -44.74 -10.66
C PHE B 479 -28.20 -43.83 -10.43
N THR B 480 -27.46 -44.04 -9.35
CA THR B 480 -26.24 -43.26 -9.09
C THR B 480 -25.20 -43.51 -10.17
N ASN B 481 -25.06 -44.75 -10.61
CA ASN B 481 -24.16 -45.01 -11.72
C ASN B 481 -24.71 -44.38 -12.99
N GLU B 482 -26.00 -44.51 -13.23
CA GLU B 482 -26.60 -44.05 -14.47
C GLU B 482 -26.51 -42.54 -14.59
N LYS B 483 -26.68 -41.83 -13.47
CA LYS B 483 -26.46 -40.39 -13.42
C LYS B 483 -25.01 -40.02 -13.67
N LEU B 484 -24.06 -40.73 -13.08
CA LEU B 484 -22.68 -40.36 -13.40
C LEU B 484 -22.31 -40.78 -14.83
N GLN B 485 -22.91 -41.84 -15.35
CA GLN B 485 -22.74 -42.22 -16.76
C GLN B 485 -23.34 -41.16 -17.68
N GLN B 486 -24.52 -40.65 -17.35
CA GLN B 486 -25.09 -39.56 -18.12
C GLN B 486 -24.25 -38.31 -18.01
N PHE B 487 -23.66 -38.06 -16.86
CA PHE B 487 -22.72 -36.96 -16.71
C PHE B 487 -21.50 -37.14 -17.61
N PHE B 488 -20.91 -38.34 -17.63
CA PHE B 488 -19.80 -38.62 -18.52
C PHE B 488 -20.20 -38.46 -19.99
N ASN B 489 -21.35 -39.01 -20.37
CA ASN B 489 -21.86 -38.85 -21.73
C ASN B 489 -22.06 -37.38 -22.05
N HIS B 490 -22.59 -36.62 -21.10
CA HIS B 490 -22.89 -35.22 -21.35
C HIS B 490 -21.61 -34.43 -21.55
N HIS B 491 -20.66 -34.58 -20.64
CA HIS B 491 -19.41 -33.82 -20.75
C HIS B 491 -18.64 -34.21 -21.98
N MET B 492 -18.60 -35.50 -22.32
CA MET B 492 -17.79 -35.88 -23.46
C MET B 492 -18.49 -35.66 -24.80
N PHE B 493 -19.81 -35.88 -24.90
CA PHE B 493 -20.45 -35.83 -26.21
C PHE B 493 -21.47 -34.72 -26.38
N VAL B 494 -22.16 -34.31 -25.32
CA VAL B 494 -23.22 -33.32 -25.45
C VAL B 494 -22.69 -31.94 -25.15
N LEU B 495 -22.33 -31.72 -23.88
CA LEU B 495 -21.79 -30.44 -23.43
C LEU B 495 -20.55 -30.03 -24.21
N GLU B 496 -19.79 -31.00 -24.70
CA GLU B 496 -18.58 -30.69 -25.46
C GLU B 496 -18.92 -29.98 -26.75
N GLN B 497 -19.84 -30.55 -27.54
CA GLN B 497 -20.27 -29.95 -28.79
C GLN B 497 -21.23 -28.78 -28.58
N GLU B 498 -22.00 -28.79 -27.49
CA GLU B 498 -22.84 -27.66 -27.15
C GLU B 498 -21.98 -26.43 -26.83
N GLU B 499 -20.92 -26.64 -26.08
CA GLU B 499 -20.00 -25.56 -25.79
C GLU B 499 -19.21 -25.17 -27.02
N TYR B 500 -18.95 -26.11 -27.93
CA TYR B 500 -18.40 -25.70 -29.21
C TYR B 500 -19.34 -24.74 -29.93
N LYS B 501 -20.63 -25.03 -29.95
CA LYS B 501 -21.57 -24.13 -30.60
C LYS B 501 -21.66 -22.80 -29.86
N LYS B 502 -21.64 -22.85 -28.52
CA LYS B 502 -21.67 -21.63 -27.71
C LYS B 502 -20.43 -20.79 -27.95
N GLU B 503 -19.29 -21.46 -28.06
CA GLU B 503 -18.00 -20.86 -28.36
C GLU B 503 -17.82 -20.64 -29.86
N GLY B 504 -18.82 -21.01 -30.65
CA GLY B 504 -18.77 -20.77 -32.08
C GLY B 504 -17.78 -21.60 -32.85
N ILE B 505 -17.38 -22.75 -32.31
CA ILE B 505 -16.43 -23.62 -32.98
C ILE B 505 -17.11 -24.22 -34.20
N GLU B 506 -16.40 -24.24 -35.32
CA GLU B 506 -16.92 -24.82 -36.56
C GLU B 506 -16.87 -26.34 -36.41
N TRP B 507 -17.92 -26.88 -35.79
CA TRP B 507 -17.99 -28.31 -35.53
C TRP B 507 -19.38 -28.82 -35.83
N THR B 508 -19.46 -30.04 -36.33
CA THR B 508 -20.70 -30.67 -36.73
C THR B 508 -21.14 -31.67 -35.66
N PHE B 509 -22.35 -31.48 -35.15
CA PHE B 509 -22.86 -32.32 -34.07
C PHE B 509 -22.90 -33.78 -34.48
N ILE B 510 -22.30 -34.64 -33.64
CA ILE B 510 -22.29 -36.08 -33.85
C ILE B 510 -23.19 -36.68 -32.79
N ASP B 511 -24.15 -37.50 -33.20
CA ASP B 511 -25.03 -38.21 -32.28
C ASP B 511 -24.46 -39.60 -32.04
N PHE B 512 -23.94 -39.83 -30.83
CA PHE B 512 -23.41 -41.13 -30.45
C PHE B 512 -24.47 -42.06 -29.86
N GLY B 513 -25.68 -41.57 -29.61
CA GLY B 513 -26.71 -42.33 -28.95
C GLY B 513 -26.55 -42.55 -27.46
N MET B 514 -25.47 -42.06 -26.86
CA MET B 514 -25.24 -42.25 -25.42
C MET B 514 -26.07 -41.24 -24.65
N ASP B 515 -27.34 -41.59 -24.43
CA ASP B 515 -28.21 -40.76 -23.62
C ASP B 515 -29.10 -41.60 -22.72
N LEU B 516 -29.23 -41.14 -21.48
CA LEU B 516 -29.99 -41.82 -20.44
C LEU B 516 -30.98 -40.88 -19.78
N GLN B 517 -31.13 -39.66 -20.31
CA GLN B 517 -32.08 -38.71 -19.74
C GLN B 517 -33.49 -39.27 -19.70
N ALA B 518 -33.88 -40.04 -20.72
CA ALA B 518 -35.22 -40.59 -20.74
C ALA B 518 -35.45 -41.55 -19.59
N CYS B 519 -34.47 -42.39 -19.28
CA CYS B 519 -34.67 -43.35 -18.20
C CYS B 519 -34.46 -42.70 -16.85
N ILE B 520 -33.65 -41.65 -16.79
CA ILE B 520 -33.50 -40.94 -15.52
C ILE B 520 -34.79 -40.20 -15.22
N ASP B 521 -35.40 -39.61 -16.25
CA ASP B 521 -36.66 -38.90 -16.11
C ASP B 521 -37.77 -39.85 -15.70
N LEU B 522 -37.74 -41.07 -16.24
CA LEU B 522 -38.67 -42.12 -15.84
C LEU B 522 -38.63 -42.37 -14.34
N ILE B 523 -37.55 -42.00 -13.68
CA ILE B 523 -37.38 -42.23 -12.25
C ILE B 523 -37.61 -40.94 -11.45
N GLU B 524 -36.99 -39.85 -11.88
CA GLU B 524 -36.95 -38.57 -11.15
C GLU B 524 -38.25 -37.78 -11.26
N LYS B 525 -38.81 -37.68 -12.46
CA LYS B 525 -39.89 -36.73 -12.78
C LYS B 525 -41.15 -36.98 -11.95
N PRO B 526 -42.07 -35.98 -11.89
CA PRO B 526 -43.28 -36.09 -11.06
C PRO B 526 -44.31 -37.10 -11.56
N MET B 527 -43.84 -38.05 -12.36
CA MET B 527 -44.60 -39.20 -12.81
C MET B 527 -43.75 -40.45 -12.73
N GLY B 528 -42.45 -40.28 -12.44
CA GLY B 528 -41.50 -41.35 -12.33
C GLY B 528 -41.60 -42.14 -11.04
N ILE B 529 -40.78 -43.20 -10.99
CA ILE B 529 -40.74 -44.12 -9.86
C ILE B 529 -40.62 -43.39 -8.54
N MET B 530 -39.67 -42.46 -8.45
CA MET B 530 -39.40 -41.79 -7.17
C MET B 530 -40.57 -40.95 -6.69
N SER B 531 -41.29 -40.27 -7.59
CA SER B 531 -42.47 -39.54 -7.15
C SER B 531 -43.58 -40.49 -6.74
N ILE B 532 -43.64 -41.68 -7.33
CA ILE B 532 -44.65 -42.63 -6.91
C ILE B 532 -44.33 -43.13 -5.51
N LEU B 533 -43.07 -43.49 -5.26
CA LEU B 533 -42.67 -43.86 -3.91
C LEU B 533 -42.95 -42.72 -2.92
N GLU B 534 -42.71 -41.48 -3.36
CA GLU B 534 -42.92 -40.29 -2.54
C GLU B 534 -44.39 -40.05 -2.19
N GLU B 535 -45.32 -40.53 -3.00
CA GLU B 535 -46.72 -40.40 -2.61
C GLU B 535 -47.31 -41.66 -2.01
N GLU B 536 -46.91 -42.84 -2.49
CA GLU B 536 -47.42 -44.11 -1.98
C GLU B 536 -46.98 -44.36 -0.54
N CYS B 537 -45.90 -43.73 -0.10
CA CYS B 537 -45.51 -43.85 1.30
C CYS B 537 -46.43 -43.05 2.21
N MET B 538 -47.17 -42.09 1.65
CA MET B 538 -48.06 -41.28 2.45
C MET B 538 -49.38 -42.02 2.73
N PHE B 539 -49.87 -42.76 1.75
CA PHE B 539 -51.10 -43.52 1.91
C PHE B 539 -50.94 -44.61 2.97
N PRO B 540 -51.67 -44.53 4.09
CA PRO B 540 -51.50 -45.56 5.14
C PRO B 540 -51.91 -46.95 4.71
N LYS B 541 -52.78 -47.08 3.71
CA LYS B 541 -53.27 -48.37 3.25
C LYS B 541 -52.62 -48.84 1.95
N ALA B 542 -51.57 -48.17 1.50
CA ALA B 542 -50.90 -48.60 0.28
C ALA B 542 -50.27 -49.98 0.50
N THR B 543 -50.13 -50.73 -0.60
CA THR B 543 -49.55 -52.06 -0.54
C THR B 543 -48.65 -52.27 -1.75
N ASP B 544 -47.84 -53.33 -1.69
CA ASP B 544 -47.00 -53.70 -2.83
C ASP B 544 -47.82 -53.89 -4.10
N MET B 545 -49.05 -54.40 -3.99
CA MET B 545 -49.87 -54.56 -5.18
C MET B 545 -50.43 -53.23 -5.68
N THR B 546 -50.79 -52.32 -4.77
CA THR B 546 -51.23 -50.99 -5.20
C THR B 546 -50.10 -50.23 -5.89
N PHE B 547 -48.90 -50.27 -5.32
CA PHE B 547 -47.74 -49.65 -5.97
C PHE B 547 -47.47 -50.30 -7.33
N LYS B 548 -47.39 -51.64 -7.36
CA LYS B 548 -47.14 -52.31 -8.63
C LYS B 548 -48.20 -51.93 -9.66
N ALA B 549 -49.46 -51.82 -9.23
CA ALA B 549 -50.55 -51.47 -10.11
C ALA B 549 -50.40 -50.08 -10.70
N LYS B 550 -50.17 -49.08 -9.84
CA LYS B 550 -49.98 -47.72 -10.34
C LYS B 550 -48.72 -47.61 -11.19
N LEU B 551 -47.67 -48.32 -10.81
CA LEU B 551 -46.43 -48.35 -11.59
C LEU B 551 -46.67 -48.88 -12.99
N PHE B 552 -47.41 -49.98 -13.09
CA PHE B 552 -47.71 -50.54 -14.41
C PHE B 552 -48.62 -49.61 -15.19
N ASP B 553 -49.69 -49.13 -14.57
CA ASP B 553 -50.62 -48.30 -15.32
C ASP B 553 -49.92 -47.05 -15.83
N ASN B 554 -48.99 -46.50 -15.04
CA ASN B 554 -48.28 -45.31 -15.44
C ASN B 554 -47.22 -45.57 -16.52
N HIS B 555 -46.70 -46.79 -16.62
CA HIS B 555 -45.56 -46.98 -17.53
C HIS B 555 -45.78 -47.91 -18.71
N LEU B 556 -46.68 -48.89 -18.61
CA LEU B 556 -46.90 -49.79 -19.74
C LEU B 556 -47.47 -49.03 -20.93
N GLY B 557 -46.78 -49.11 -22.07
CA GLY B 557 -47.13 -48.35 -23.26
C GLY B 557 -46.74 -46.90 -23.20
N LYS B 558 -46.07 -46.48 -22.13
CA LYS B 558 -45.60 -45.12 -21.94
C LYS B 558 -44.09 -45.01 -21.72
N SER B 559 -43.39 -46.11 -21.53
CA SER B 559 -41.94 -46.07 -21.34
C SER B 559 -41.29 -47.13 -22.22
N ALA B 560 -40.27 -46.72 -22.98
CA ALA B 560 -39.58 -47.65 -23.85
C ALA B 560 -38.60 -48.54 -23.10
N ASN B 561 -38.10 -48.07 -21.96
CA ASN B 561 -37.12 -48.83 -21.17
C ASN B 561 -37.76 -49.68 -20.09
N PHE B 562 -39.03 -49.47 -19.79
CA PHE B 562 -39.73 -50.28 -18.80
C PHE B 562 -40.36 -51.45 -19.54
N GLN B 563 -40.11 -52.66 -19.06
CA GLN B 563 -40.57 -53.84 -19.78
C GLN B 563 -41.11 -54.88 -18.82
N LYS B 564 -41.88 -55.81 -19.38
CA LYS B 564 -42.38 -56.95 -18.62
C LYS B 564 -41.19 -57.76 -18.10
N PRO B 565 -41.33 -58.40 -16.95
CA PRO B 565 -40.21 -59.18 -16.43
C PRO B 565 -39.98 -60.44 -17.27
N ARG B 566 -38.74 -60.91 -17.23
CA ARG B 566 -38.35 -62.09 -17.99
C ARG B 566 -38.50 -63.37 -17.18
N ASN B 567 -38.18 -63.32 -15.88
CA ASN B 567 -38.33 -64.47 -14.99
C ASN B 567 -37.70 -65.73 -15.56
N ILE B 568 -36.58 -65.57 -16.27
CA ILE B 568 -35.87 -66.71 -16.84
C ILE B 568 -35.42 -67.66 -15.73
N LYS B 569 -35.05 -67.11 -14.56
CA LYS B 569 -34.68 -67.91 -13.41
C LYS B 569 -35.89 -68.31 -12.58
N GLY B 570 -37.07 -68.34 -13.19
CA GLY B 570 -38.28 -68.69 -12.46
C GLY B 570 -38.64 -67.63 -11.44
N LYS B 571 -39.15 -68.11 -10.30
CA LYS B 571 -39.54 -67.31 -9.14
C LYS B 571 -40.28 -66.01 -9.50
N PRO B 572 -41.40 -66.09 -10.27
CA PRO B 572 -42.13 -64.90 -10.73
C PRO B 572 -43.03 -64.31 -9.65
N GLU B 573 -42.46 -64.05 -8.47
CA GLU B 573 -43.24 -63.47 -7.37
C GLU B 573 -43.74 -62.08 -7.69
N ALA B 574 -42.84 -61.14 -8.01
CA ALA B 574 -43.23 -59.80 -8.45
C ALA B 574 -42.03 -59.18 -9.13
N HIS B 575 -42.13 -58.88 -10.42
CA HIS B 575 -40.92 -58.41 -11.10
C HIS B 575 -41.25 -57.48 -12.24
N PHE B 576 -40.25 -56.67 -12.61
CA PHE B 576 -40.21 -55.92 -13.84
C PHE B 576 -38.75 -55.81 -14.25
N SER B 577 -38.50 -55.37 -15.48
CA SER B 577 -37.15 -55.23 -15.98
C SER B 577 -36.92 -53.82 -16.49
N LEU B 578 -35.68 -53.33 -16.31
CA LEU B 578 -35.32 -51.96 -16.66
C LEU B 578 -34.10 -52.00 -17.55
N ILE B 579 -34.16 -51.30 -18.68
CA ILE B 579 -33.07 -51.26 -19.64
C ILE B 579 -32.03 -50.23 -19.22
N HIS B 580 -31.26 -50.52 -18.18
CA HIS B 580 -30.14 -49.64 -17.87
C HIS B 580 -29.09 -49.65 -18.98
N TYR B 581 -28.24 -48.63 -18.95
CA TYR B 581 -27.11 -48.54 -19.87
C TYR B 581 -26.22 -49.77 -19.80
N ALA B 582 -26.00 -50.28 -18.60
CA ALA B 582 -25.14 -51.42 -18.33
C ALA B 582 -25.86 -52.77 -18.39
N GLY B 583 -27.09 -52.84 -18.87
CA GLY B 583 -27.73 -54.12 -19.04
C GLY B 583 -29.14 -54.17 -18.48
N ILE B 584 -29.83 -55.24 -18.86
CA ILE B 584 -31.17 -55.50 -18.35
C ILE B 584 -31.05 -55.91 -16.89
N VAL B 585 -31.76 -55.19 -16.03
CA VAL B 585 -31.74 -55.47 -14.60
C VAL B 585 -33.16 -55.78 -14.16
N ASP B 586 -33.32 -56.90 -13.48
CA ASP B 586 -34.62 -57.35 -13.00
C ASP B 586 -34.78 -56.92 -11.56
N TYR B 587 -35.83 -56.17 -11.28
CA TYR B 587 -36.04 -55.59 -9.96
C TYR B 587 -37.24 -56.25 -9.30
N ASN B 588 -37.13 -56.51 -7.99
CA ASN B 588 -38.23 -57.09 -7.23
C ASN B 588 -38.93 -55.95 -6.49
N ILE B 589 -40.24 -55.83 -6.70
CA ILE B 589 -40.96 -54.65 -6.20
C ILE B 589 -41.27 -54.77 -4.70
N ILE B 590 -41.22 -55.97 -4.14
CA ILE B 590 -41.59 -56.18 -2.74
C ILE B 590 -40.67 -55.39 -1.80
N GLY B 591 -41.29 -54.56 -0.96
CA GLY B 591 -40.60 -53.81 0.08
C GLY B 591 -40.05 -52.44 -0.27
N TRP B 592 -40.17 -51.98 -1.51
CA TRP B 592 -39.59 -50.69 -1.88
C TRP B 592 -40.27 -49.53 -1.16
N LEU B 593 -41.56 -49.62 -0.89
CA LEU B 593 -42.25 -48.53 -0.20
C LEU B 593 -41.72 -48.36 1.22
N GLN B 594 -41.51 -49.47 1.93
CA GLN B 594 -40.96 -49.41 3.27
C GLN B 594 -39.53 -48.89 3.26
N LYS B 595 -38.72 -49.44 2.34
CA LYS B 595 -37.32 -49.04 2.24
C LYS B 595 -37.17 -47.55 1.95
N ASN B 596 -38.05 -47.00 1.12
CA ASN B 596 -37.95 -45.57 0.86
C ASN B 596 -38.54 -44.71 1.98
N LYS B 597 -39.65 -45.13 2.59
CA LYS B 597 -40.33 -44.22 3.50
C LYS B 597 -39.51 -43.97 4.76
N ASP B 598 -38.65 -44.91 5.15
CA ASP B 598 -37.82 -44.82 6.34
C ASP B 598 -38.60 -44.51 7.62
N PRO B 599 -39.51 -45.40 8.02
CA PRO B 599 -40.23 -45.19 9.27
C PRO B 599 -39.35 -45.52 10.46
N LEU B 600 -38.83 -44.53 11.17
CA LEU B 600 -38.01 -44.85 12.32
C LEU B 600 -38.87 -44.86 13.58
N ASN B 601 -38.48 -45.71 14.52
CA ASN B 601 -39.17 -45.78 15.80
C ASN B 601 -38.85 -44.49 16.56
N GLU B 602 -39.83 -43.61 16.72
CA GLU B 602 -39.56 -42.33 17.36
C GLU B 602 -39.09 -42.49 18.80
N THR B 603 -39.47 -43.57 19.47
CA THR B 603 -39.02 -43.77 20.84
C THR B 603 -37.54 -44.10 20.91
N VAL B 604 -37.07 -45.02 20.05
CA VAL B 604 -35.66 -45.40 20.12
C VAL B 604 -34.76 -44.24 19.68
N VAL B 605 -35.19 -43.45 18.70
CA VAL B 605 -34.43 -42.26 18.34
C VAL B 605 -34.42 -41.24 19.48
N GLY B 606 -35.53 -41.14 20.22
CA GLY B 606 -35.54 -40.27 21.38
C GLY B 606 -34.66 -40.77 22.51
N LEU B 607 -34.58 -42.09 22.68
CA LEU B 607 -33.66 -42.65 23.67
C LEU B 607 -32.22 -42.45 23.21
N TYR B 608 -31.96 -42.57 21.92
CA TYR B 608 -30.62 -42.33 21.41
C TYR B 608 -30.18 -40.91 21.72
N GLN B 609 -31.09 -39.95 21.56
CA GLN B 609 -30.79 -38.59 22.00
C GLN B 609 -30.56 -38.54 23.51
N LYS B 610 -31.24 -39.40 24.26
CA LYS B 610 -31.20 -39.46 25.72
C LYS B 610 -30.10 -40.40 26.23
N SER B 611 -29.35 -41.02 25.33
CA SER B 611 -28.33 -42.00 25.70
C SER B 611 -27.37 -41.44 26.73
N SER B 612 -26.94 -42.31 27.65
CA SER B 612 -25.88 -41.93 28.59
C SER B 612 -24.54 -41.85 27.89
N LEU B 613 -24.38 -42.55 26.77
CA LEU B 613 -23.16 -42.48 26.00
C LEU B 613 -23.16 -41.18 25.21
N LYS B 614 -22.16 -40.32 25.44
CA LYS B 614 -22.13 -39.04 24.76
C LYS B 614 -22.15 -39.23 23.25
N LEU B 615 -21.59 -40.33 22.76
CA LEU B 615 -21.53 -40.56 21.33
C LEU B 615 -22.92 -40.83 20.77
N LEU B 616 -23.64 -41.77 21.37
CA LEU B 616 -24.95 -42.13 20.82
C LEU B 616 -25.88 -40.92 20.82
N SER B 617 -25.75 -40.04 21.83
CA SER B 617 -26.51 -38.79 21.82
C SER B 617 -26.05 -37.87 20.69
N THR B 618 -24.76 -37.91 20.35
CA THR B 618 -24.25 -37.05 19.29
C THR B 618 -24.74 -37.52 17.93
N LEU B 619 -24.86 -38.85 17.77
CA LEU B 619 -25.27 -39.43 16.49
C LEU B 619 -26.66 -38.97 16.08
N PHE B 620 -27.58 -38.86 17.04
CA PHE B 620 -28.98 -38.53 16.79
C PHE B 620 -29.37 -37.13 17.26
N ALA B 621 -28.40 -36.27 17.53
CA ALA B 621 -28.72 -34.88 17.84
C ALA B 621 -29.31 -34.17 16.64
N ASN B 622 -30.29 -33.30 16.90
CA ASN B 622 -31.00 -32.54 15.88
C ASN B 622 -31.70 -33.46 14.86
N TYR B 623 -32.29 -34.54 15.37
CA TYR B 623 -33.10 -35.43 14.53
C TYR B 623 -34.36 -34.71 14.05
N PHE B 643 -42.08 -37.07 3.50
CA PHE B 643 -41.64 -35.71 3.74
C PHE B 643 -40.20 -35.52 3.27
N GLN B 644 -39.34 -36.44 3.68
CA GLN B 644 -37.91 -36.42 3.36
C GLN B 644 -37.44 -37.87 3.24
N THR B 645 -38.09 -38.64 2.37
CA THR B 645 -37.75 -40.04 2.17
C THR B 645 -36.34 -40.18 1.58
N VAL B 646 -35.81 -41.40 1.68
CA VAL B 646 -34.44 -41.65 1.23
C VAL B 646 -34.31 -41.40 -0.26
N SER B 647 -35.38 -41.65 -1.03
CA SER B 647 -35.33 -41.33 -2.45
C SER B 647 -35.25 -39.82 -2.65
N ALA B 648 -36.00 -39.06 -1.85
CA ALA B 648 -35.94 -37.60 -1.94
C ALA B 648 -34.58 -37.10 -1.48
N LEU B 649 -34.08 -37.60 -0.36
CA LEU B 649 -32.79 -37.16 0.13
C LEU B 649 -31.70 -37.51 -0.86
N HIS B 650 -31.71 -38.74 -1.37
CA HIS B 650 -30.69 -39.15 -2.33
C HIS B 650 -30.76 -38.35 -3.61
N ARG B 651 -31.97 -38.16 -4.16
CA ARG B 651 -32.10 -37.40 -5.40
C ARG B 651 -31.64 -35.96 -5.24
N GLU B 652 -31.98 -35.32 -4.12
CA GLU B 652 -31.50 -33.95 -3.92
C GLU B 652 -30.01 -33.93 -3.60
N ASN B 653 -29.51 -34.92 -2.88
CA ASN B 653 -28.10 -34.99 -2.58
C ASN B 653 -27.28 -35.23 -3.84
N LEU B 654 -27.76 -36.11 -4.71
CA LEU B 654 -27.04 -36.41 -5.93
C LEU B 654 -27.14 -35.27 -6.93
N ASN B 655 -28.25 -34.54 -6.94
CA ASN B 655 -28.31 -33.36 -7.80
C ASN B 655 -27.41 -32.25 -7.26
N LYS B 656 -27.32 -32.12 -5.95
CA LYS B 656 -26.33 -31.23 -5.34
C LYS B 656 -24.91 -31.65 -5.69
N LEU B 657 -24.63 -32.95 -5.59
CA LEU B 657 -23.31 -33.45 -5.96
C LEU B 657 -23.00 -33.09 -7.40
N MET B 658 -23.83 -33.53 -8.33
CA MET B 658 -23.49 -33.33 -9.74
C MET B 658 -23.49 -31.85 -10.13
N THR B 659 -24.25 -30.99 -9.45
CA THR B 659 -24.10 -29.56 -9.68
C THR B 659 -22.76 -29.05 -9.18
N ASN B 660 -22.34 -29.53 -8.00
CA ASN B 660 -21.04 -29.18 -7.44
C ASN B 660 -19.91 -29.74 -8.31
N LEU B 661 -20.16 -30.85 -8.99
CA LEU B 661 -19.20 -31.51 -9.87
C LEU B 661 -19.13 -30.85 -11.24
N ARG B 662 -20.25 -30.37 -11.79
CA ARG B 662 -20.15 -29.61 -13.02
C ARG B 662 -19.35 -28.33 -12.84
N SER B 663 -19.26 -27.83 -11.62
CA SER B 663 -18.43 -26.68 -11.30
C SER B 663 -16.98 -27.08 -11.01
N THR B 664 -16.57 -28.27 -11.43
CA THR B 664 -15.20 -28.75 -11.25
C THR B 664 -14.70 -29.42 -12.51
N HIS B 665 -13.37 -29.51 -12.61
CA HIS B 665 -12.69 -30.15 -13.74
C HIS B 665 -12.58 -31.65 -13.52
N PRO B 666 -13.29 -32.49 -14.29
CA PRO B 666 -13.31 -33.93 -14.00
C PRO B 666 -12.25 -34.76 -14.74
N HIS B 667 -11.71 -35.74 -14.02
CA HIS B 667 -10.89 -36.80 -14.60
C HIS B 667 -11.65 -38.08 -14.29
N PHE B 668 -11.94 -38.89 -15.30
CA PHE B 668 -12.70 -40.12 -15.02
C PHE B 668 -11.82 -41.36 -14.95
N VAL B 669 -12.21 -42.31 -14.09
CA VAL B 669 -11.54 -43.60 -13.94
C VAL B 669 -12.58 -44.71 -14.07
N ARG B 670 -12.49 -45.51 -15.13
CA ARG B 670 -13.42 -46.61 -15.42
C ARG B 670 -12.89 -47.94 -14.89
N CYS B 671 -13.46 -48.41 -13.79
CA CYS B 671 -13.08 -49.73 -13.27
C CYS B 671 -13.95 -50.80 -13.93
N ILE B 672 -13.29 -51.78 -14.53
CA ILE B 672 -13.95 -52.92 -15.18
C ILE B 672 -13.50 -54.23 -14.54
N ILE B 673 -14.45 -55.04 -14.10
CA ILE B 673 -14.16 -56.37 -13.56
C ILE B 673 -13.87 -57.34 -14.69
N PRO B 674 -12.69 -57.98 -14.71
CA PRO B 674 -12.35 -58.88 -15.81
C PRO B 674 -12.95 -60.28 -15.74
N ASN B 675 -13.42 -60.74 -14.58
CA ASN B 675 -13.77 -62.14 -14.44
C ASN B 675 -14.70 -62.32 -13.26
N GLU B 676 -15.78 -63.09 -13.45
CA GLU B 676 -16.67 -63.38 -12.33
C GLU B 676 -16.07 -64.36 -11.32
N THR B 677 -15.22 -65.28 -11.76
CA THR B 677 -14.67 -66.25 -10.83
C THR B 677 -13.49 -65.72 -10.02
N LYS B 678 -13.20 -64.42 -10.13
CA LYS B 678 -12.22 -63.74 -9.29
C LYS B 678 -10.84 -64.37 -9.44
N SER B 679 -10.57 -64.91 -10.58
CA SER B 679 -9.27 -65.53 -10.77
C SER B 679 -8.35 -64.53 -11.44
N PRO B 680 -7.18 -64.24 -10.88
CA PRO B 680 -6.31 -63.24 -11.50
C PRO B 680 -5.84 -63.71 -12.85
N GLY B 681 -5.76 -62.78 -13.78
CA GLY B 681 -5.35 -63.05 -15.14
C GLY B 681 -6.42 -63.68 -16.00
N VAL B 682 -7.43 -64.33 -15.40
CA VAL B 682 -8.53 -64.85 -16.19
C VAL B 682 -9.42 -63.69 -16.62
N MET B 683 -9.84 -63.70 -17.89
CA MET B 683 -10.61 -62.61 -18.44
C MET B 683 -11.71 -63.14 -19.34
N ASP B 684 -12.95 -62.73 -19.08
CA ASP B 684 -14.10 -63.16 -19.86
C ASP B 684 -14.39 -62.04 -20.84
N ASN B 685 -14.18 -62.31 -22.12
CA ASN B 685 -14.36 -61.29 -23.15
C ASN B 685 -15.79 -60.77 -23.30
N PRO B 686 -16.85 -61.59 -23.24
CA PRO B 686 -18.19 -60.99 -23.30
C PRO B 686 -18.52 -60.10 -22.11
N LEU B 687 -18.17 -60.53 -20.90
CA LEU B 687 -18.49 -59.72 -19.72
C LEU B 687 -17.68 -58.43 -19.68
N VAL B 688 -16.43 -58.46 -20.15
CA VAL B 688 -15.65 -57.23 -20.23
C VAL B 688 -16.19 -56.31 -21.32
N MET B 689 -16.51 -56.86 -22.48
CA MET B 689 -17.07 -56.04 -23.55
C MET B 689 -18.39 -55.38 -23.14
N HIS B 690 -19.21 -56.07 -22.36
CA HIS B 690 -20.47 -55.47 -21.92
C HIS B 690 -20.25 -54.19 -21.14
N GLN B 691 -19.24 -54.17 -20.26
CA GLN B 691 -18.92 -52.95 -19.51
C GLN B 691 -18.22 -51.93 -20.40
N LEU B 692 -17.38 -52.38 -21.33
CA LEU B 692 -16.71 -51.43 -22.21
C LEU B 692 -17.74 -50.68 -23.05
N ARG B 693 -18.76 -51.39 -23.49
CA ARG B 693 -19.86 -50.80 -24.24
C ARG B 693 -20.65 -49.84 -23.37
N CYS B 694 -21.13 -50.31 -22.22
CA CYS B 694 -22.06 -49.52 -21.43
C CYS B 694 -21.42 -48.26 -20.84
N ASN B 695 -20.14 -48.29 -20.50
CA ASN B 695 -19.51 -47.08 -20.00
C ASN B 695 -19.14 -46.10 -21.10
N GLY B 696 -19.49 -46.39 -22.35
CA GLY B 696 -19.19 -45.48 -23.45
C GLY B 696 -17.72 -45.18 -23.65
N VAL B 697 -16.84 -46.14 -23.38
CA VAL B 697 -15.42 -45.88 -23.58
C VAL B 697 -15.10 -45.68 -25.06
N LEU B 698 -15.67 -46.51 -25.92
CA LEU B 698 -15.48 -46.34 -27.36
C LEU B 698 -16.02 -45.01 -27.85
N GLU B 699 -17.23 -44.64 -27.44
CA GLU B 699 -17.75 -43.35 -27.87
C GLU B 699 -16.89 -42.21 -27.33
N GLY B 700 -16.48 -42.31 -26.07
CA GLY B 700 -15.62 -41.27 -25.51
C GLY B 700 -14.31 -41.13 -26.24
N ILE B 701 -13.79 -42.22 -26.79
CA ILE B 701 -12.58 -42.06 -27.56
C ILE B 701 -12.92 -41.43 -28.90
N ARG B 702 -14.08 -41.79 -29.46
CA ARG B 702 -14.46 -41.23 -30.76
C ARG B 702 -14.51 -39.71 -30.71
N ILE B 703 -15.13 -39.19 -29.64
CA ILE B 703 -15.15 -37.75 -29.44
C ILE B 703 -13.78 -37.19 -29.07
N CYS B 704 -12.96 -37.92 -28.32
CA CYS B 704 -11.68 -37.31 -27.96
C CYS B 704 -10.79 -37.19 -29.18
N ARG B 705 -10.81 -38.19 -30.05
CA ARG B 705 -9.96 -38.17 -31.23
C ARG B 705 -10.46 -37.14 -32.24
N LYS B 706 -11.77 -37.11 -32.47
CA LYS B 706 -12.32 -36.17 -33.45
C LYS B 706 -12.48 -34.78 -32.87
N GLY B 707 -13.02 -34.65 -31.67
CA GLY B 707 -13.37 -33.35 -31.13
C GLY B 707 -12.20 -32.58 -30.56
N PHE B 708 -12.54 -31.62 -29.71
CA PHE B 708 -11.62 -30.63 -29.13
C PHE B 708 -11.74 -30.69 -27.60
N PRO B 709 -11.28 -31.77 -26.98
CA PRO B 709 -11.43 -31.93 -25.52
C PRO B 709 -10.68 -30.92 -24.66
N ASN B 710 -9.67 -30.24 -25.17
CA ASN B 710 -8.88 -29.32 -24.37
C ASN B 710 -9.29 -27.89 -24.68
N ARG B 711 -9.30 -27.04 -23.63
CA ARG B 711 -9.87 -25.71 -23.73
C ARG B 711 -9.27 -24.81 -22.65
N ILE B 712 -8.93 -23.58 -23.01
CA ILE B 712 -8.31 -22.64 -22.08
C ILE B 712 -8.99 -21.29 -22.21
N LEU B 713 -9.26 -20.62 -21.08
CA LEU B 713 -9.66 -19.22 -21.17
C LEU B 713 -8.48 -18.40 -21.68
N TYR B 714 -8.76 -17.41 -22.51
CA TYR B 714 -7.71 -16.61 -23.12
C TYR B 714 -6.83 -15.93 -22.08
N GLY B 715 -7.41 -15.55 -20.93
CA GLY B 715 -6.62 -14.93 -19.86
C GLY B 715 -5.74 -15.89 -19.10
N ASP B 716 -6.27 -17.05 -18.71
CA ASP B 716 -5.40 -18.04 -18.07
C ASP B 716 -4.40 -18.63 -19.04
N PHE B 717 -4.76 -18.72 -20.33
CA PHE B 717 -3.79 -19.18 -21.33
C PHE B 717 -2.63 -18.20 -21.40
N ARG B 718 -2.95 -16.91 -21.54
CA ARG B 718 -1.91 -15.89 -21.58
C ARG B 718 -1.06 -15.92 -20.31
N GLN B 719 -1.72 -15.97 -19.15
CA GLN B 719 -1.02 -15.98 -17.87
C GLN B 719 -0.07 -17.16 -17.73
N ARG B 720 -0.52 -18.35 -18.10
CA ARG B 720 0.29 -19.53 -17.83
C ARG B 720 1.35 -19.74 -18.90
N TYR B 721 0.98 -19.66 -20.16
CA TYR B 721 1.90 -20.05 -21.19
C TYR B 721 2.66 -18.86 -21.78
N ARG B 722 2.50 -17.66 -21.21
CA ARG B 722 3.35 -16.55 -21.62
C ARG B 722 4.82 -16.89 -21.48
N ILE B 723 5.16 -17.77 -20.53
CA ILE B 723 6.52 -18.27 -20.36
C ILE B 723 6.99 -19.03 -21.58
N LEU B 724 6.07 -19.45 -22.45
CA LEU B 724 6.46 -20.16 -23.65
C LEU B 724 6.99 -19.23 -24.73
N ASN B 725 6.50 -18.00 -24.80
CA ASN B 725 7.01 -17.02 -25.76
C ASN B 725 6.65 -15.61 -25.34
N PRO B 726 7.42 -15.01 -24.42
CA PRO B 726 7.08 -13.67 -23.95
C PRO B 726 7.07 -12.63 -25.06
N ALA B 727 7.73 -12.89 -26.18
CA ALA B 727 7.78 -11.90 -27.24
C ALA B 727 6.51 -11.91 -28.07
N ALA B 728 5.76 -13.02 -28.06
CA ALA B 728 4.52 -13.05 -28.82
C ALA B 728 3.46 -12.19 -28.15
N ILE B 729 3.56 -12.05 -26.83
CA ILE B 729 2.62 -11.23 -26.06
C ILE B 729 3.48 -10.23 -25.30
N PRO B 730 3.92 -9.15 -25.95
CA PRO B 730 4.71 -8.14 -25.24
C PRO B 730 3.85 -7.42 -24.21
N GLU B 731 4.36 -7.30 -22.99
CA GLU B 731 3.53 -6.59 -22.03
C GLU B 731 3.90 -5.11 -22.12
N GLY B 732 3.36 -4.31 -21.21
CA GLY B 732 3.58 -2.89 -21.28
C GLY B 732 2.74 -2.22 -22.34
N GLN B 733 1.99 -3.00 -23.11
CA GLN B 733 1.12 -2.52 -24.18
C GLN B 733 -0.12 -3.39 -24.22
N PHE B 734 -1.25 -2.78 -24.55
CA PHE B 734 -2.50 -3.50 -24.58
C PHE B 734 -2.63 -4.35 -25.84
N ILE B 735 -3.18 -5.56 -25.68
CA ILE B 735 -3.47 -6.46 -26.78
C ILE B 735 -4.65 -7.32 -26.32
N ASP B 736 -5.72 -7.33 -27.12
CA ASP B 736 -6.91 -8.11 -26.79
C ASP B 736 -6.59 -9.60 -26.62
N SER B 737 -7.30 -10.23 -25.70
CA SER B 737 -7.09 -11.63 -25.35
C SER B 737 -7.14 -12.52 -26.58
N ARG B 738 -8.12 -12.33 -27.48
CA ARG B 738 -8.25 -13.15 -28.68
C ARG B 738 -7.04 -13.06 -29.60
N LYS B 739 -6.56 -11.87 -29.98
CA LYS B 739 -5.47 -11.78 -30.97
C LYS B 739 -4.16 -12.18 -30.34
N GLY B 740 -4.03 -12.00 -29.02
CA GLY B 740 -2.82 -12.42 -28.36
C GLY B 740 -2.67 -13.92 -28.44
N ALA B 741 -3.71 -14.65 -28.05
CA ALA B 741 -3.67 -16.10 -28.10
C ALA B 741 -3.44 -16.55 -29.55
N GLU B 742 -3.97 -15.81 -30.51
CA GLU B 742 -3.78 -16.11 -31.94
C GLU B 742 -2.31 -16.04 -32.32
N LYS B 743 -1.63 -14.99 -31.90
CA LYS B 743 -0.22 -14.81 -32.22
C LYS B 743 0.66 -15.82 -31.48
N LEU B 744 0.44 -16.00 -30.19
CA LEU B 744 1.24 -16.95 -29.43
C LEU B 744 1.13 -18.36 -30.01
N LEU B 745 -0.10 -18.87 -30.13
CA LEU B 745 -0.21 -20.22 -30.67
C LEU B 745 0.28 -20.30 -32.10
N SER B 746 0.14 -19.23 -32.91
CA SER B 746 0.72 -19.32 -34.23
C SER B 746 2.24 -19.40 -34.16
N SER B 747 2.83 -18.79 -33.14
CA SER B 747 4.28 -18.78 -33.01
C SER B 747 4.83 -20.11 -32.52
N LEU B 748 3.99 -20.96 -31.95
CA LEU B 748 4.51 -22.19 -31.34
C LEU B 748 5.04 -23.20 -32.37
N ASP B 749 4.69 -23.06 -33.64
CA ASP B 749 5.17 -23.89 -34.75
C ASP B 749 4.64 -25.32 -34.69
N ILE B 750 3.67 -25.60 -33.83
CA ILE B 750 2.98 -26.89 -33.76
C ILE B 750 1.99 -26.97 -34.92
N ASP B 751 1.47 -28.17 -35.19
CA ASP B 751 0.50 -28.35 -36.26
C ASP B 751 -0.76 -27.54 -36.05
N HIS B 752 -0.95 -26.52 -36.89
CA HIS B 752 -2.09 -25.61 -36.80
C HIS B 752 -3.44 -26.26 -37.08
N ASN B 753 -3.47 -27.46 -37.65
CA ASN B 753 -4.77 -28.11 -37.85
C ASN B 753 -5.37 -28.65 -36.56
N GLN B 754 -4.57 -28.69 -35.49
CA GLN B 754 -4.99 -29.20 -34.19
C GLN B 754 -5.82 -28.22 -33.35
N TYR B 755 -6.02 -26.98 -33.76
CA TYR B 755 -6.82 -26.11 -32.91
C TYR B 755 -7.73 -25.17 -33.68
N LYS B 756 -8.77 -24.71 -32.98
CA LYS B 756 -9.77 -23.75 -33.44
C LYS B 756 -10.10 -22.84 -32.27
N PHE B 757 -10.51 -21.61 -32.57
CA PHE B 757 -10.75 -20.59 -31.54
C PHE B 757 -12.22 -20.32 -31.29
N GLY B 758 -12.59 -20.29 -30.00
CA GLY B 758 -13.94 -19.99 -29.59
C GLY B 758 -14.13 -18.52 -29.24
N HIS B 759 -15.37 -18.18 -28.88
CA HIS B 759 -15.68 -16.81 -28.49
C HIS B 759 -14.91 -16.36 -27.26
N THR B 760 -14.67 -17.27 -26.30
CA THR B 760 -13.98 -16.93 -25.07
C THR B 760 -12.94 -17.95 -24.63
N LYS B 761 -12.84 -19.11 -25.27
CA LYS B 761 -11.84 -20.12 -24.95
C LYS B 761 -11.15 -20.56 -26.23
N VAL B 762 -9.87 -20.87 -26.13
CA VAL B 762 -9.17 -21.54 -27.22
C VAL B 762 -9.46 -23.03 -27.11
N PHE B 763 -9.53 -23.70 -28.26
CA PHE B 763 -9.86 -25.12 -28.34
C PHE B 763 -8.79 -25.92 -29.06
N PHE B 764 -8.37 -27.04 -28.47
CA PHE B 764 -7.30 -27.90 -28.98
C PHE B 764 -7.77 -29.34 -29.16
N LYS B 765 -7.17 -30.02 -30.13
CA LYS B 765 -7.39 -31.45 -30.34
C LYS B 765 -6.93 -32.24 -29.12
N ALA B 766 -7.28 -33.53 -29.11
CA ALA B 766 -6.98 -34.42 -27.98
C ALA B 766 -5.55 -34.34 -27.46
N GLY B 767 -4.57 -34.51 -28.34
CA GLY B 767 -3.20 -34.63 -27.91
C GLY B 767 -2.37 -33.38 -27.74
N LEU B 768 -2.92 -32.19 -27.93
CA LEU B 768 -2.09 -31.00 -27.84
C LEU B 768 -1.77 -30.56 -26.41
N LEU B 769 -2.76 -30.54 -25.50
CA LEU B 769 -2.50 -29.97 -24.19
C LEU B 769 -1.37 -30.68 -23.45
N GLY B 770 -1.26 -32.00 -23.58
CA GLY B 770 -0.17 -32.68 -22.92
C GLY B 770 1.17 -32.20 -23.45
N LEU B 771 1.23 -31.99 -24.77
CA LEU B 771 2.46 -31.50 -25.38
C LEU B 771 2.77 -30.09 -24.91
N LEU B 772 1.73 -29.28 -24.65
CA LEU B 772 2.00 -27.94 -24.16
C LEU B 772 2.53 -27.95 -22.74
N GLU B 773 2.03 -28.86 -21.89
CA GLU B 773 2.60 -28.91 -20.55
C GLU B 773 4.00 -29.49 -20.55
N GLU B 774 4.28 -30.44 -21.45
CA GLU B 774 5.65 -30.91 -21.62
C GLU B 774 6.57 -29.77 -22.06
N MET B 775 6.10 -28.98 -23.01
CA MET B 775 6.85 -27.84 -23.52
C MET B 775 7.12 -26.83 -22.42
N ARG B 776 6.11 -26.54 -21.60
CA ARG B 776 6.27 -25.53 -20.57
C ARG B 776 7.23 -26.01 -19.49
N ASP B 777 7.10 -27.25 -19.04
CA ASP B 777 8.05 -27.69 -18.03
C ASP B 777 9.47 -27.81 -18.59
N GLU B 778 9.63 -28.15 -19.87
CA GLU B 778 10.97 -28.09 -20.46
C GLU B 778 11.51 -26.67 -20.44
N ARG B 779 10.65 -25.68 -20.70
CA ARG B 779 11.11 -24.30 -20.67
C ARG B 779 11.39 -23.85 -19.24
N LEU B 780 10.55 -24.25 -18.29
CA LEU B 780 10.79 -23.84 -16.91
C LEU B 780 12.10 -24.44 -16.42
N SER B 781 12.42 -25.66 -16.84
CA SER B 781 13.73 -26.22 -16.49
C SER B 781 14.84 -25.41 -17.13
N ARG B 782 14.71 -25.12 -18.43
CA ARG B 782 15.69 -24.33 -19.17
C ARG B 782 15.93 -22.99 -18.48
N ILE B 783 14.85 -22.33 -18.08
CA ILE B 783 14.94 -21.00 -17.50
C ILE B 783 15.46 -21.07 -16.06
N ILE B 784 14.92 -21.93 -15.20
CA ILE B 784 15.49 -21.92 -13.85
C ILE B 784 16.98 -22.27 -13.87
N THR B 785 17.42 -23.13 -14.80
CA THR B 785 18.86 -23.31 -14.97
C THR B 785 19.57 -22.10 -15.56
N ARG B 786 18.92 -21.32 -16.42
CA ARG B 786 19.60 -20.15 -16.97
C ARG B 786 19.56 -18.96 -16.02
N ILE B 787 18.54 -18.86 -15.18
CA ILE B 787 18.57 -17.86 -14.11
C ILE B 787 19.67 -18.27 -13.15
N GLN B 788 19.89 -19.58 -12.97
CA GLN B 788 21.00 -20.00 -12.13
C GLN B 788 22.31 -19.67 -12.82
N ALA B 789 22.34 -19.70 -14.15
CA ALA B 789 23.50 -19.23 -14.91
C ALA B 789 23.82 -17.79 -14.53
N GLN B 790 22.78 -16.97 -14.39
CA GLN B 790 22.95 -15.57 -14.01
C GLN B 790 23.30 -15.45 -12.53
N SER B 791 22.62 -16.20 -11.67
CA SER B 791 22.86 -16.16 -10.24
C SER B 791 24.30 -16.52 -9.95
N ARG B 792 24.79 -17.62 -10.53
CA ARG B 792 26.18 -18.01 -10.35
C ARG B 792 27.10 -17.01 -11.02
N GLY B 793 26.69 -16.41 -12.13
CA GLY B 793 27.57 -15.50 -12.85
C GLY B 793 27.84 -14.24 -12.05
N VAL B 794 26.80 -13.62 -11.54
CA VAL B 794 26.99 -12.42 -10.74
C VAL B 794 27.46 -12.73 -9.32
N LEU B 795 27.08 -13.88 -8.74
CA LEU B 795 27.62 -14.22 -7.42
C LEU B 795 29.12 -14.44 -7.53
N ALA B 796 29.55 -15.08 -8.61
CA ALA B 796 30.97 -15.22 -8.91
C ALA B 796 31.60 -13.87 -9.22
N ARG B 797 30.84 -12.93 -9.79
CA ARG B 797 31.37 -11.59 -9.96
C ARG B 797 31.63 -10.94 -8.61
N MET B 798 30.69 -11.12 -7.67
CA MET B 798 30.81 -10.55 -6.33
C MET B 798 32.04 -11.12 -5.64
N GLU B 799 32.22 -12.42 -5.76
CA GLU B 799 33.39 -13.12 -5.23
C GLU B 799 34.67 -12.62 -5.89
N TYR B 800 34.64 -12.50 -7.21
CA TYR B 800 35.78 -12.04 -8.01
C TYR B 800 36.23 -10.64 -7.59
N LYS B 801 35.27 -9.71 -7.49
CA LYS B 801 35.61 -8.33 -7.12
C LYS B 801 36.06 -8.26 -5.67
N LYS B 802 35.43 -9.02 -4.78
CA LYS B 802 35.85 -8.94 -3.38
C LYS B 802 37.27 -9.50 -3.24
N LEU B 803 37.57 -10.59 -3.95
CA LEU B 803 38.91 -11.16 -3.92
C LEU B 803 39.95 -10.21 -4.48
N LEU B 804 39.64 -9.52 -5.58
CA LEU B 804 40.62 -8.61 -6.16
C LEU B 804 40.85 -7.41 -5.23
N GLU B 805 39.79 -6.81 -4.70
CA GLU B 805 40.01 -5.64 -3.86
C GLU B 805 40.74 -6.04 -2.56
N ARG B 806 40.42 -7.21 -2.01
CA ARG B 806 41.05 -7.64 -0.77
C ARG B 806 42.52 -7.99 -1.00
N ARG B 807 42.82 -8.62 -2.14
CA ARG B 807 44.21 -8.93 -2.43
C ARG B 807 44.98 -7.68 -2.78
N ASP B 808 44.33 -6.69 -3.40
CA ASP B 808 45.04 -5.43 -3.63
C ASP B 808 45.40 -4.77 -2.31
N SER B 809 44.47 -4.82 -1.34
CA SER B 809 44.81 -4.28 -0.02
C SER B 809 45.96 -5.06 0.59
N LEU B 810 45.99 -6.37 0.33
CA LEU B 810 47.08 -7.22 0.81
C LEU B 810 48.39 -6.83 0.13
N LEU B 811 48.31 -6.37 -1.11
CA LEU B 811 49.47 -5.85 -1.84
C LEU B 811 49.95 -4.55 -1.20
N VAL B 812 49.01 -3.75 -0.68
CA VAL B 812 49.42 -2.55 0.05
C VAL B 812 50.12 -2.97 1.34
N ILE B 813 49.63 -4.01 2.00
CA ILE B 813 50.24 -4.52 3.23
C ILE B 813 51.64 -5.05 2.94
N GLN B 814 51.80 -5.66 1.76
CA GLN B 814 53.10 -6.14 1.30
C GLN B 814 54.01 -4.97 1.01
N TRP B 815 53.45 -3.87 0.47
CA TRP B 815 54.29 -2.71 0.24
C TRP B 815 54.75 -2.15 1.58
N ASN B 816 53.90 -2.23 2.60
CA ASN B 816 54.25 -1.76 3.94
C ASN B 816 55.48 -2.50 4.49
N ILE B 817 55.46 -3.82 4.41
CA ILE B 817 56.60 -4.60 4.93
C ILE B 817 57.82 -4.47 4.01
N ARG B 818 57.61 -4.40 2.69
CA ARG B 818 58.72 -4.20 1.79
C ARG B 818 59.37 -2.86 2.08
N ALA B 819 58.55 -1.84 2.34
CA ALA B 819 59.05 -0.52 2.69
C ALA B 819 59.91 -0.59 3.94
N PHE B 820 59.46 -1.32 4.96
CA PHE B 820 60.33 -1.45 6.14
C PHE B 820 61.67 -2.08 5.83
N MET B 821 61.69 -3.15 5.05
CA MET B 821 63.02 -3.68 4.75
C MET B 821 63.83 -2.66 3.95
N GLY B 822 63.18 -1.86 3.11
CA GLY B 822 63.90 -0.79 2.42
C GLY B 822 64.49 0.21 3.39
N VAL B 823 63.74 0.50 4.46
CA VAL B 823 64.10 1.38 5.57
C VAL B 823 65.11 0.76 6.54
N LYS B 824 65.41 -0.52 6.40
CA LYS B 824 66.40 -1.15 7.27
C LYS B 824 67.81 -0.85 6.74
N ASN B 825 67.95 0.34 6.15
CA ASN B 825 69.20 0.93 5.69
C ASN B 825 69.63 1.93 6.76
N TRP B 826 70.93 2.25 6.79
CA TRP B 826 71.39 3.16 7.86
C TRP B 826 71.50 4.65 7.53
N PRO B 827 70.42 5.43 7.71
CA PRO B 827 70.53 6.88 7.74
C PRO B 827 70.41 7.45 9.15
N TRP B 828 70.79 8.72 9.28
CA TRP B 828 70.71 9.43 10.55
C TRP B 828 69.31 9.32 11.15
N MET B 829 68.30 9.46 10.30
CA MET B 829 66.89 9.35 10.71
C MET B 829 66.50 8.00 11.28
N LYS B 830 67.11 6.89 10.83
CA LYS B 830 66.79 5.60 11.43
C LYS B 830 66.91 5.58 12.96
N LEU B 831 67.90 6.28 13.49
CA LEU B 831 68.09 6.38 14.93
C LEU B 831 67.07 7.27 15.62
N TYR B 832 66.86 8.47 15.08
CA TYR B 832 65.95 9.46 15.64
C TYR B 832 64.45 9.18 15.44
N PHE B 833 64.01 8.57 14.33
CA PHE B 833 62.57 8.38 14.13
C PHE B 833 62.01 7.28 15.03
N LYS B 834 62.73 6.15 15.14
CA LYS B 834 62.22 4.98 15.86
C LYS B 834 62.12 5.23 17.35
N ILE B 835 63.07 5.92 17.94
CA ILE B 835 63.03 6.25 19.36
C ILE B 835 62.54 7.69 19.42
N LYS B 836 61.92 8.08 20.55
CA LYS B 836 61.31 9.40 20.68
C LYS B 836 62.14 10.41 21.48
N PRO B 837 62.98 11.21 20.80
CA PRO B 837 63.67 12.32 21.45
C PRO B 837 63.35 13.67 20.79
N LEU B 838 62.93 13.62 19.53
CA LEU B 838 62.66 14.82 18.74
C LEU B 838 61.40 15.54 19.18
N LEU B 839 61.57 16.83 19.45
CA LEU B 839 60.56 17.70 20.04
C LEU B 839 59.46 18.09 19.05
N LYS B 840 59.79 18.82 17.99
CA LYS B 840 58.72 19.27 17.12
C LYS B 840 58.12 18.17 16.27
N SER B 841 58.93 17.24 15.76
CA SER B 841 58.35 16.19 14.94
C SER B 841 57.53 15.18 15.74
N ALA B 842 58.15 14.51 16.71
CA ALA B 842 57.40 13.54 17.52
C ALA B 842 56.43 14.21 18.49
N GLU B 843 56.86 15.25 19.18
CA GLU B 843 55.99 15.88 20.17
C GLU B 843 54.86 16.66 19.52
N ARG B 844 55.15 17.54 18.55
CA ARG B 844 54.05 18.26 17.92
C ARG B 844 53.19 17.35 17.05
N GLU B 845 53.71 16.28 16.45
CA GLU B 845 52.78 15.40 15.76
C GLU B 845 51.93 14.64 16.77
N LYS B 846 52.51 14.29 17.93
CA LYS B 846 51.72 13.65 18.97
C LYS B 846 50.63 14.56 19.47
N GLU B 847 50.90 15.87 19.51
CA GLU B 847 49.86 16.83 19.85
C GLU B 847 48.81 16.88 18.75
N MET B 848 49.23 16.83 17.50
CA MET B 848 48.29 16.81 16.38
C MET B 848 47.39 15.58 16.45
N ALA B 849 47.98 14.41 16.64
CA ALA B 849 47.24 13.15 16.72
C ALA B 849 46.35 13.08 17.95
N SER B 850 46.83 13.52 19.11
CA SER B 850 46.03 13.48 20.33
C SER B 850 44.89 14.47 20.27
N MET B 851 45.18 15.72 19.88
CA MET B 851 44.14 16.72 19.75
C MET B 851 43.12 16.31 18.71
N LYS B 852 43.57 15.89 17.52
CA LYS B 852 42.63 15.44 16.50
C LYS B 852 41.84 14.23 16.99
N GLU B 853 42.47 13.30 17.70
CA GLU B 853 41.76 12.13 18.21
C GLU B 853 40.62 12.55 19.13
N GLU B 854 40.91 13.46 20.06
CA GLU B 854 39.88 14.00 20.94
C GLU B 854 38.81 14.74 20.15
N PHE B 855 39.23 15.64 19.25
CA PHE B 855 38.25 16.42 18.49
C PHE B 855 37.37 15.50 17.66
N THR B 856 37.96 14.57 16.91
CA THR B 856 37.17 13.73 16.01
C THR B 856 36.23 12.82 16.78
N ARG B 857 36.71 12.21 17.88
CA ARG B 857 35.80 11.41 18.68
C ARG B 857 34.64 12.25 19.18
N LEU B 858 34.94 13.44 19.71
CA LEU B 858 33.82 14.25 20.14
C LEU B 858 33.01 14.72 18.94
N LYS B 859 33.64 14.84 17.77
CA LYS B 859 32.96 15.34 16.59
C LYS B 859 31.84 14.38 16.27
N GLU B 860 32.20 13.10 16.25
CA GLU B 860 31.25 12.01 16.06
C GLU B 860 30.15 12.19 17.09
N ALA B 861 30.54 12.07 18.37
CA ALA B 861 29.58 12.11 19.47
C ALA B 861 28.63 13.28 19.31
N LEU B 862 29.17 14.48 19.03
CA LEU B 862 28.42 15.72 18.92
C LEU B 862 27.45 15.70 17.73
N GLU B 863 27.90 15.21 16.58
CA GLU B 863 27.05 15.19 15.40
C GLU B 863 25.91 14.20 15.61
N LYS B 864 26.22 13.03 16.16
CA LYS B 864 25.20 12.01 16.39
C LYS B 864 24.27 12.47 17.50
N SER B 865 24.81 13.15 18.51
CA SER B 865 23.99 13.68 19.60
C SER B 865 23.08 14.79 19.09
N GLU B 866 23.63 15.72 18.29
CA GLU B 866 22.82 16.79 17.74
C GLU B 866 21.68 16.21 16.93
N ALA B 867 22.00 15.22 16.08
CA ALA B 867 20.96 14.50 15.36
C ALA B 867 19.95 13.89 16.32
N ARG B 868 20.41 13.26 17.41
CA ARG B 868 19.48 12.59 18.31
C ARG B 868 18.56 13.62 18.98
N ARG B 869 19.08 14.81 19.26
CA ARG B 869 18.27 15.87 19.85
C ARG B 869 17.24 16.35 18.83
N LYS B 870 17.67 16.55 17.59
CA LYS B 870 16.71 16.88 16.54
C LYS B 870 15.64 15.81 16.45
N GLU B 871 16.05 14.53 16.48
CA GLU B 871 15.10 13.44 16.33
C GLU B 871 14.06 13.50 17.45
N LEU B 872 14.52 13.81 18.67
CA LEU B 872 13.56 13.95 19.77
C LEU B 872 12.67 15.16 19.54
N GLU B 873 13.23 16.26 19.03
CA GLU B 873 12.40 17.43 18.80
C GLU B 873 11.27 17.08 17.84
N GLU B 874 11.64 16.44 16.73
CA GLU B 874 10.70 15.98 15.70
C GLU B 874 9.65 15.03 16.26
N LYS B 875 10.07 14.13 17.16
CA LYS B 875 9.16 13.33 17.97
C LYS B 875 8.29 14.14 18.91
N MET B 876 8.81 15.19 19.54
CA MET B 876 7.95 15.97 20.41
C MET B 876 6.98 16.83 19.62
N VAL B 877 7.40 17.36 18.47
CA VAL B 877 6.50 18.11 17.61
C VAL B 877 5.35 17.24 17.13
N SER B 878 5.68 16.05 16.63
CA SER B 878 4.65 15.12 16.20
C SER B 878 3.80 14.64 17.37
N LEU B 879 4.41 14.38 18.52
CA LEU B 879 3.61 13.99 19.67
C LEU B 879 2.72 15.13 20.13
N LEU B 880 3.14 16.39 19.93
CA LEU B 880 2.32 17.52 20.38
C LEU B 880 1.07 17.60 19.52
N GLN B 881 1.24 17.49 18.21
CA GLN B 881 0.10 17.33 17.31
C GLN B 881 -0.77 16.12 17.67
N GLU B 882 -0.17 14.97 17.95
CA GLU B 882 -0.97 13.79 18.28
C GLU B 882 -1.67 13.92 19.63
N LYS B 883 -1.02 14.50 20.62
CA LYS B 883 -1.66 14.79 21.91
C LYS B 883 -2.80 15.78 21.80
N ASN B 884 -2.65 16.82 20.99
CA ASN B 884 -3.80 17.70 20.79
C ASN B 884 -4.92 17.01 20.04
N ASP B 885 -4.59 16.29 18.96
CA ASP B 885 -5.65 15.60 18.23
C ASP B 885 -6.32 14.55 19.09
N LEU B 886 -5.56 13.96 20.01
CA LEU B 886 -6.13 12.96 20.92
C LEU B 886 -7.04 13.63 21.95
N GLN B 887 -6.65 14.83 22.42
CA GLN B 887 -7.54 15.58 23.32
C GLN B 887 -8.87 15.90 22.64
N LEU B 888 -8.81 16.33 21.38
CA LEU B 888 -10.04 16.53 20.61
C LEU B 888 -10.79 15.22 20.41
N GLN B 889 -10.04 14.15 20.15
CA GLN B 889 -10.58 12.82 19.94
C GLN B 889 -11.25 12.23 21.17
N VAL B 890 -10.82 12.57 22.38
CA VAL B 890 -11.54 12.06 23.54
C VAL B 890 -12.92 12.71 23.65
N GLN B 891 -13.03 13.99 23.30
CA GLN B 891 -14.35 14.61 23.22
C GLN B 891 -15.18 13.97 22.12
N ALA B 892 -14.56 13.70 20.97
CA ALA B 892 -15.26 12.99 19.88
C ALA B 892 -15.72 11.61 20.32
N GLU B 893 -14.87 10.90 21.07
CA GLU B 893 -15.24 9.59 21.56
C GLU B 893 -16.38 9.70 22.58
N GLN B 894 -16.31 10.66 23.50
CA GLN B 894 -17.43 10.87 24.41
C GLN B 894 -18.72 11.08 23.62
N ASP B 895 -18.62 11.76 22.47
CA ASP B 895 -19.78 11.89 21.58
C ASP B 895 -20.17 10.55 20.97
N ASN B 896 -19.19 9.69 20.68
CA ASN B 896 -19.48 8.33 20.25
C ASN B 896 -20.20 7.54 21.35
N LEU B 897 -19.77 7.73 22.59
CA LEU B 897 -20.45 7.06 23.70
C LEU B 897 -21.88 7.55 23.82
N ALA B 898 -22.08 8.87 23.70
CA ALA B 898 -23.44 9.40 23.77
C ALA B 898 -24.30 8.85 22.65
N ASP B 899 -23.72 8.76 21.45
CA ASP B 899 -24.41 8.18 20.29
C ASP B 899 -24.79 6.72 20.55
N ALA B 900 -23.83 5.92 21.01
CA ALA B 900 -24.05 4.50 21.29
C ALA B 900 -25.04 4.27 22.42
N GLU B 901 -24.99 5.09 23.46
CA GLU B 901 -25.94 4.94 24.57
C GLU B 901 -27.34 5.35 24.12
N GLU B 902 -27.47 6.45 23.39
CA GLU B 902 -28.80 6.83 22.94
C GLU B 902 -29.33 5.83 21.93
N ARG B 903 -28.45 5.26 21.10
CA ARG B 903 -28.89 4.22 20.18
C ARG B 903 -29.43 3.02 20.93
N CYS B 904 -28.71 2.56 21.95
CA CYS B 904 -29.19 1.41 22.71
C CYS B 904 -30.48 1.76 23.44
N ASP B 905 -30.56 2.97 24.01
CA ASP B 905 -31.75 3.39 24.73
C ASP B 905 -32.98 3.43 23.83
N GLN B 906 -32.84 4.00 22.62
CA GLN B 906 -33.98 4.00 21.71
C GLN B 906 -34.31 2.60 21.21
N LEU B 907 -33.32 1.71 21.03
CA LEU B 907 -33.61 0.34 20.63
C LEU B 907 -34.37 -0.37 21.73
N ILE B 908 -34.03 -0.13 22.99
CA ILE B 908 -34.77 -0.75 24.08
C ILE B 908 -36.18 -0.19 24.18
N LYS B 909 -36.36 1.13 24.05
CA LYS B 909 -37.71 1.68 24.12
C LYS B 909 -38.58 1.17 22.98
N ASN B 910 -38.01 1.12 21.77
CA ASN B 910 -38.77 0.64 20.63
C ASN B 910 -39.11 -0.84 20.84
N LYS B 911 -38.16 -1.62 21.34
CA LYS B 911 -38.43 -3.00 21.71
C LYS B 911 -39.54 -3.12 22.72
N ILE B 912 -39.63 -2.22 23.67
CA ILE B 912 -40.73 -2.24 24.63
C ILE B 912 -42.06 -2.09 23.92
N GLN B 913 -42.15 -1.11 23.02
CA GLN B 913 -43.41 -0.93 22.30
C GLN B 913 -43.67 -2.10 21.36
N LEU B 914 -42.61 -2.66 20.78
CA LEU B 914 -42.76 -3.78 19.87
C LEU B 914 -43.21 -5.03 20.62
N GLU B 915 -42.72 -5.21 21.85
CA GLU B 915 -43.19 -6.29 22.70
C GLU B 915 -44.66 -6.13 23.01
N ALA B 916 -45.10 -4.89 23.31
CA ALA B 916 -46.53 -4.69 23.54
C ALA B 916 -47.33 -5.06 22.30
N LYS B 917 -46.78 -4.74 21.12
CA LYS B 917 -47.42 -5.12 19.86
C LYS B 917 -47.55 -6.64 19.73
N VAL B 918 -46.47 -7.38 19.98
CA VAL B 918 -46.55 -8.83 19.80
C VAL B 918 -47.40 -9.44 20.90
N LYS B 919 -47.42 -8.84 22.09
CA LYS B 919 -48.28 -9.30 23.17
C LYS B 919 -49.74 -9.27 22.74
N GLU B 920 -50.17 -8.12 22.21
CA GLU B 920 -51.54 -8.02 21.73
C GLU B 920 -51.78 -8.94 20.55
N MET B 921 -50.77 -9.13 19.68
CA MET B 921 -51.04 -9.94 18.51
C MET B 921 -51.17 -11.39 18.93
N ASN B 922 -50.27 -11.88 19.78
CA ASN B 922 -50.27 -13.32 19.99
C ASN B 922 -51.51 -13.66 20.81
N GLU B 923 -51.92 -12.73 21.70
CA GLU B 923 -53.18 -12.89 22.41
C GLU B 923 -54.34 -13.01 21.43
N ARG B 924 -54.40 -12.12 20.43
CA ARG B 924 -55.55 -12.15 19.53
C ARG B 924 -55.52 -13.41 18.67
N LEU B 925 -54.33 -13.89 18.32
CA LEU B 925 -54.21 -15.14 17.58
C LEU B 925 -54.71 -16.32 18.39
N GLU B 926 -54.40 -16.33 19.69
CA GLU B 926 -54.91 -17.37 20.57
C GLU B 926 -56.42 -17.27 20.73
N ASP B 927 -56.95 -16.04 20.80
CA ASP B 927 -58.40 -15.87 20.86
C ASP B 927 -59.07 -16.40 19.60
N GLU B 928 -58.44 -16.16 18.44
CA GLU B 928 -58.99 -16.69 17.19
C GLU B 928 -58.95 -18.22 17.18
N GLU B 929 -57.88 -18.79 17.73
CA GLU B 929 -57.79 -20.25 17.84
C GLU B 929 -58.83 -20.82 18.80
N GLU B 930 -59.17 -20.09 19.86
CA GLU B 930 -60.23 -20.52 20.76
C GLU B 930 -61.60 -20.41 20.11
N MET B 931 -61.83 -19.37 19.32
CA MET B 931 -63.15 -19.15 18.73
C MET B 931 -63.36 -20.05 17.53
N GLU C 43 35.00 72.30 11.70
CA GLU C 43 35.81 71.08 11.63
C GLU C 43 34.95 69.83 11.75
N GLN C 44 33.97 69.84 12.65
CA GLN C 44 33.11 68.67 12.81
C GLN C 44 32.21 68.48 11.60
N GLN C 45 31.80 69.57 10.96
CA GLN C 45 31.01 69.47 9.74
C GLN C 45 31.85 68.91 8.59
N GLU C 46 33.13 69.29 8.53
CA GLU C 46 34.04 68.73 7.52
C GLU C 46 34.26 67.24 7.76
N ASP C 47 34.38 66.85 9.02
CA ASP C 47 34.48 65.44 9.38
C ASP C 47 33.21 64.69 8.97
N PHE C 48 32.05 65.29 9.20
CA PHE C 48 30.78 64.67 8.79
C PHE C 48 30.69 64.58 7.28
N LYS C 49 31.23 65.57 6.56
CA LYS C 49 31.24 65.56 5.11
C LYS C 49 32.08 64.41 4.57
N GLU C 50 33.27 64.20 5.13
CA GLU C 50 34.06 63.07 4.63
C GLU C 50 33.44 61.75 5.06
N ALA C 51 32.82 61.69 6.24
CA ALA C 51 32.13 60.47 6.63
C ALA C 51 30.96 60.19 5.69
N PHE C 52 30.32 61.23 5.18
CA PHE C 52 29.23 61.07 4.22
C PHE C 52 29.74 60.61 2.87
N LEU C 53 30.90 61.13 2.46
CA LEU C 53 31.52 60.68 1.22
C LEU C 53 31.88 59.20 1.32
N LEU C 54 32.33 58.76 2.50
CA LEU C 54 32.59 57.34 2.67
C LEU C 54 31.30 56.53 2.77
N PHE C 55 30.23 57.15 3.27
CA PHE C 55 28.92 56.50 3.30
C PHE C 55 28.34 56.29 1.90
N ASP C 56 28.49 57.28 1.01
CA ASP C 56 27.75 57.26 -0.24
C ASP C 56 27.99 55.98 -1.02
N ARG C 57 26.92 55.46 -1.64
CA ARG C 57 26.99 54.10 -2.18
C ARG C 57 27.80 54.05 -3.48
N THR C 58 27.68 55.04 -4.34
CA THR C 58 28.42 55.09 -5.59
C THR C 58 28.65 56.54 -5.97
N GLY C 59 29.71 56.80 -6.74
CA GLY C 59 29.97 58.17 -7.16
C GLY C 59 28.89 58.79 -8.02
N GLU C 60 27.99 57.98 -8.58
CA GLU C 60 26.90 58.51 -9.41
C GLU C 60 25.81 59.16 -8.58
N CYS C 61 25.78 58.91 -7.28
CA CYS C 61 24.86 59.52 -6.34
C CYS C 61 25.35 60.90 -5.89
N LYS C 62 24.83 61.95 -6.52
CA LYS C 62 25.21 63.28 -6.04
C LYS C 62 24.48 63.56 -4.74
N ILE C 63 23.30 62.91 -4.57
CA ILE C 63 22.54 62.64 -3.34
C ILE C 63 21.03 62.66 -3.60
N THR C 64 20.41 61.50 -3.36
CA THR C 64 18.97 61.26 -3.45
C THR C 64 18.35 61.53 -2.08
N LEU C 65 17.14 62.10 -2.05
CA LEU C 65 16.53 62.36 -0.75
C LEU C 65 16.38 61.09 0.06
N SER C 66 16.19 59.94 -0.61
CA SER C 66 16.15 58.65 0.07
C SER C 66 17.45 58.44 0.84
N GLN C 67 18.57 58.68 0.16
CA GLN C 67 19.89 58.62 0.78
C GLN C 67 20.06 59.75 1.79
N VAL C 68 19.41 60.89 1.58
CA VAL C 68 19.50 61.98 2.57
C VAL C 68 18.94 61.50 3.90
N GLY C 69 17.78 60.85 3.86
CA GLY C 69 17.22 60.25 5.05
C GLY C 69 18.12 59.16 5.61
N ASP C 70 18.73 58.36 4.73
CA ASP C 70 19.60 57.30 5.20
C ASP C 70 20.88 57.84 5.82
N VAL C 71 21.43 58.95 5.30
CA VAL C 71 22.64 59.49 5.90
C VAL C 71 22.28 60.14 7.22
N LEU C 72 21.09 60.72 7.32
CA LEU C 72 20.60 61.22 8.60
C LEU C 72 20.59 60.10 9.63
N ARG C 73 19.93 59.01 9.29
CA ARG C 73 19.72 57.90 10.22
C ARG C 73 21.02 57.20 10.54
N ALA C 74 21.93 57.08 9.58
CA ALA C 74 23.19 56.39 9.79
C ALA C 74 24.21 57.24 10.51
N LEU C 75 24.29 58.54 10.22
CA LEU C 75 25.17 59.37 11.02
C LEU C 75 24.63 59.41 12.45
N GLY C 76 25.38 60.02 13.37
CA GLY C 76 24.91 60.05 14.74
C GLY C 76 23.70 60.92 15.04
N THR C 77 22.68 60.85 14.19
CA THR C 77 21.40 61.51 14.38
C THR C 77 20.32 60.53 13.92
N ASN C 78 19.08 60.84 14.28
CA ASN C 78 17.93 60.04 13.85
C ASN C 78 16.65 60.82 14.05
N PRO C 79 16.52 61.99 13.43
CA PRO C 79 15.33 62.81 13.62
C PRO C 79 14.09 62.22 12.96
N THR C 80 12.93 62.61 13.50
CA THR C 80 11.66 62.28 12.90
C THR C 80 11.57 62.94 11.53
N ASN C 81 11.10 62.16 10.55
CA ASN C 81 11.14 62.57 9.15
C ASN C 81 10.25 63.76 8.81
N ALA C 82 9.10 63.91 9.46
CA ALA C 82 8.23 65.03 9.10
C ALA C 82 8.88 66.39 9.36
N GLU C 83 9.64 66.53 10.44
CA GLU C 83 10.33 67.78 10.74
C GLU C 83 11.44 68.11 9.75
N VAL C 84 12.28 67.13 9.42
CA VAL C 84 13.32 67.42 8.43
C VAL C 84 12.70 67.63 7.06
N LYS C 85 11.63 66.92 6.73
CA LYS C 85 10.97 67.20 5.46
C LYS C 85 10.36 68.59 5.48
N LYS C 86 9.95 69.06 6.66
CA LYS C 86 9.39 70.41 6.80
C LYS C 86 10.44 71.47 6.55
N VAL C 87 11.65 71.28 7.09
CA VAL C 87 12.69 72.28 6.82
C VAL C 87 13.13 72.20 5.36
N LEU C 88 13.11 71.01 4.75
CA LEU C 88 13.37 70.93 3.31
C LEU C 88 12.28 71.64 2.50
N GLY C 89 11.01 71.44 2.87
CA GLY C 89 9.92 72.11 2.18
C GLY C 89 8.72 71.22 1.90
N ASN C 90 8.67 70.08 2.57
CA ASN C 90 7.65 69.03 2.50
C ASN C 90 7.47 68.53 1.08
N PRO C 91 8.43 67.81 0.53
CA PRO C 91 8.26 67.27 -0.82
C PRO C 91 7.21 66.17 -0.85
N SER C 92 6.52 66.07 -1.98
CA SER C 92 5.58 64.97 -2.16
C SER C 92 6.35 63.67 -2.26
N ASN C 93 5.64 62.55 -2.10
CA ASN C 93 6.34 61.26 -2.14
C ASN C 93 6.92 61.00 -3.52
N GLU C 94 6.18 61.34 -4.58
CA GLU C 94 6.74 61.17 -5.92
C GLU C 94 7.82 62.20 -6.17
N GLU C 95 7.68 63.40 -5.58
CA GLU C 95 8.69 64.43 -5.76
C GLU C 95 9.98 64.02 -5.06
N MET C 96 9.86 63.48 -3.85
CA MET C 96 11.00 63.01 -3.07
C MET C 96 11.69 61.83 -3.73
N ASN C 97 10.93 60.99 -4.42
CA ASN C 97 11.50 59.84 -5.12
C ASN C 97 12.16 60.23 -6.44
N ALA C 98 11.45 60.96 -7.28
CA ALA C 98 11.95 61.33 -8.60
C ALA C 98 13.01 62.44 -8.58
N LYS C 99 12.78 63.55 -7.87
CA LYS C 99 13.74 64.63 -7.98
C LYS C 99 14.93 64.44 -7.04
N LYS C 100 16.02 65.13 -7.37
CA LYS C 100 17.27 65.09 -6.64
C LYS C 100 17.38 66.26 -5.65
N ILE C 101 18.38 66.15 -4.78
CA ILE C 101 18.70 67.13 -3.74
C ILE C 101 20.22 67.34 -3.75
N GLU C 102 20.65 68.49 -3.23
CA GLU C 102 22.07 68.76 -3.00
C GLU C 102 22.38 68.68 -1.49
N PHE C 103 23.44 67.95 -1.16
CA PHE C 103 23.87 67.76 0.23
C PHE C 103 24.36 69.04 0.89
N GLU C 104 24.86 70.00 0.10
CA GLU C 104 25.46 71.21 0.65
C GLU C 104 24.53 71.93 1.62
N GLN C 105 23.29 72.18 1.20
CA GLN C 105 22.31 72.80 2.09
C GLN C 105 21.82 71.82 3.15
N PHE C 106 21.81 70.52 2.83
CA PHE C 106 21.47 69.51 3.83
C PHE C 106 22.36 69.53 5.06
N LEU C 107 23.66 69.79 4.90
CA LEU C 107 24.53 69.78 6.08
C LEU C 107 24.19 70.83 7.13
N PRO C 108 23.88 72.10 6.77
CA PRO C 108 23.38 73.02 7.80
C PRO C 108 22.12 72.55 8.50
N MET C 109 21.11 72.06 7.77
CA MET C 109 19.91 71.63 8.46
C MET C 109 20.17 70.37 9.27
N MET C 110 21.10 69.53 8.81
CA MET C 110 21.51 68.37 9.58
C MET C 110 22.05 68.82 10.94
N GLN C 111 22.89 69.85 10.92
CA GLN C 111 23.45 70.41 12.15
C GLN C 111 22.34 71.00 13.03
N ALA C 112 21.42 71.73 12.41
CA ALA C 112 20.33 72.34 13.15
C ALA C 112 19.45 71.29 13.83
N ILE C 113 19.04 70.25 13.09
CA ILE C 113 18.23 69.21 13.73
C ILE C 113 19.04 68.48 14.80
N SER C 114 20.37 68.36 14.62
CA SER C 114 21.23 67.77 15.63
C SER C 114 21.20 68.61 16.91
N ASN C 115 21.15 69.94 16.73
CA ASN C 115 21.00 70.86 17.85
C ASN C 115 19.61 70.75 18.47
N ASN C 116 18.58 70.49 17.65
CA ASN C 116 17.26 70.28 18.21
C ASN C 116 17.25 69.03 19.08
N LYS C 117 18.06 68.03 18.73
CA LYS C 117 18.30 66.84 19.53
C LYS C 117 17.01 66.13 19.96
N ASP C 118 16.28 65.63 18.96
CA ASP C 118 15.06 64.89 19.26
C ASP C 118 15.36 63.44 19.62
N GLN C 119 16.64 63.15 19.88
CA GLN C 119 17.06 61.85 20.37
C GLN C 119 16.39 61.53 21.69
N GLY C 120 15.98 60.28 21.87
CA GLY C 120 15.38 59.83 23.10
C GLY C 120 16.37 59.64 24.23
N GLY C 121 15.94 58.86 25.22
CA GLY C 121 16.75 58.57 26.38
C GLY C 121 16.48 57.14 26.84
N TYR C 122 17.47 56.56 27.51
CA TYR C 122 17.36 55.16 27.90
C TYR C 122 16.12 54.92 28.77
N GLU C 123 15.86 55.80 29.74
CA GLU C 123 14.68 55.61 30.57
C GLU C 123 13.43 55.79 29.71
N ASP C 124 13.46 56.70 28.74
CA ASP C 124 12.30 56.94 27.89
C ASP C 124 12.01 55.72 27.03
N PHE C 125 13.06 55.10 26.49
CA PHE C 125 12.93 53.86 25.73
C PHE C 125 12.36 52.74 26.61
N VAL C 126 12.84 52.64 27.85
CA VAL C 126 12.30 51.61 28.74
C VAL C 126 10.83 51.88 29.07
N GLU C 127 10.47 53.15 29.24
CA GLU C 127 9.07 53.53 29.44
C GLU C 127 8.22 53.15 28.22
N GLY C 128 8.77 53.32 27.03
CA GLY C 128 8.06 52.97 25.81
C GLY C 128 7.89 51.48 25.59
N LEU C 129 9.00 50.74 25.64
CA LEU C 129 8.97 49.29 25.42
C LEU C 129 8.28 48.52 26.56
N ARG C 130 8.33 49.00 27.81
CA ARG C 130 7.69 48.27 28.90
C ARG C 130 6.20 48.03 28.68
N VAL C 131 5.53 48.88 27.88
CA VAL C 131 4.11 48.66 27.60
C VAL C 131 3.86 47.27 27.02
N PHE C 132 4.81 46.75 26.25
CA PHE C 132 4.70 45.41 25.66
C PHE C 132 4.93 44.27 26.64
N ASP C 133 5.61 44.53 27.77
CA ASP C 133 5.92 43.54 28.79
C ASP C 133 4.67 43.13 29.58
N LYS C 134 3.68 42.58 28.86
CA LYS C 134 2.35 42.31 29.43
C LYS C 134 2.39 41.39 30.65
N GLU C 135 3.24 40.36 30.64
CA GLU C 135 3.36 39.53 31.84
C GLU C 135 4.36 40.08 32.86
N GLY C 136 5.00 41.20 32.58
CA GLY C 136 5.89 41.85 33.53
C GLY C 136 7.13 41.08 33.95
N ASN C 137 7.76 40.36 33.03
CA ASN C 137 8.93 39.56 33.37
C ASN C 137 10.14 39.98 32.56
N GLY C 138 10.05 41.08 31.84
CA GLY C 138 11.12 41.59 31.01
C GLY C 138 11.16 41.03 29.62
N THR C 139 10.08 40.39 29.16
CA THR C 139 10.04 39.77 27.83
C THR C 139 8.87 40.33 27.02
N VAL C 140 9.12 40.51 25.73
CA VAL C 140 8.19 41.06 24.77
C VAL C 140 8.24 40.12 23.56
N MET C 141 7.13 40.05 22.83
CA MET C 141 7.06 39.11 21.71
C MET C 141 7.49 39.78 20.42
N GLY C 142 8.39 39.11 19.69
CA GLY C 142 8.97 39.67 18.48
C GLY C 142 7.96 39.95 17.39
N ALA C 143 6.89 39.15 17.31
CA ALA C 143 5.87 39.44 16.31
C ALA C 143 5.16 40.74 16.62
N GLU C 144 4.95 41.03 17.90
CA GLU C 144 4.32 42.30 18.27
C GLU C 144 5.22 43.46 17.87
N LEU C 145 6.52 43.32 18.12
CA LEU C 145 7.47 44.37 17.73
C LEU C 145 7.50 44.58 16.23
N ARG C 146 7.53 43.51 15.43
CA ARG C 146 7.49 43.73 13.99
C ARG C 146 6.17 44.35 13.54
N HIS C 147 5.06 43.98 14.19
CA HIS C 147 3.77 44.54 13.82
C HIS C 147 3.73 46.04 14.05
N VAL C 148 4.05 46.48 15.27
CA VAL C 148 3.97 47.91 15.55
C VAL C 148 5.08 48.68 14.87
N LEU C 149 6.30 48.13 14.82
CA LEU C 149 7.39 48.89 14.21
C LEU C 149 7.21 49.03 12.71
N ALA C 150 6.63 48.04 12.03
CA ALA C 150 6.31 48.16 10.61
C ALA C 150 5.08 49.01 10.33
N THR C 151 3.96 48.67 10.97
CA THR C 151 2.64 49.24 10.73
C THR C 151 2.36 50.61 11.35
N LEU C 152 2.67 50.78 12.64
CA LEU C 152 2.19 51.96 13.37
C LEU C 152 2.95 53.26 13.15
N GLY C 153 4.27 53.28 13.25
CA GLY C 153 4.94 54.57 13.01
C GLY C 153 5.44 54.75 11.60
N GLU C 154 6.65 55.32 11.49
CA GLU C 154 7.33 55.38 10.20
C GLU C 154 7.46 53.94 9.73
N LYS C 155 6.72 53.60 8.68
CA LYS C 155 6.63 52.23 8.23
C LYS C 155 7.94 51.69 7.67
N MET C 156 8.18 50.42 7.97
CA MET C 156 9.25 49.59 7.43
C MET C 156 8.62 48.31 6.92
N LYS C 157 9.08 47.85 5.77
CA LYS C 157 8.58 46.58 5.24
C LYS C 157 9.04 45.42 6.12
N GLU C 158 8.36 44.29 5.96
CA GLU C 158 8.70 43.09 6.71
C GLU C 158 10.16 42.67 6.48
N GLU C 159 10.71 42.97 5.30
CA GLU C 159 12.09 42.61 5.01
C GLU C 159 13.09 43.35 5.89
N GLU C 160 12.99 44.68 5.98
CA GLU C 160 13.92 45.38 6.84
C GLU C 160 13.63 45.16 8.32
N VAL C 161 12.38 44.95 8.72
CA VAL C 161 12.21 44.65 10.15
C VAL C 161 12.79 43.26 10.44
N GLU C 162 12.74 42.35 9.46
CA GLU C 162 13.36 41.05 9.66
C GLU C 162 14.87 41.22 9.83
N ALA C 163 15.50 42.03 8.98
CA ALA C 163 16.92 42.30 9.15
C ALA C 163 17.18 42.93 10.51
N LEU C 164 16.27 43.81 10.95
CA LEU C 164 16.34 44.47 12.25
C LEU C 164 16.38 43.48 13.39
N LEU C 165 15.71 42.34 13.24
CA LEU C 165 15.68 41.32 14.29
C LEU C 165 16.55 40.12 13.97
N ALA C 166 17.05 40.02 12.74
CA ALA C 166 17.94 38.96 12.29
C ALA C 166 19.19 38.85 13.15
N GLY C 167 19.42 37.66 13.72
CA GLY C 167 20.58 37.42 14.55
C GLY C 167 20.41 37.70 16.03
N GLN C 168 19.27 38.23 16.46
CA GLN C 168 19.06 38.49 17.87
C GLN C 168 17.71 37.98 18.36
N GLU C 169 16.81 37.58 17.46
CA GLU C 169 15.50 37.09 17.88
C GLU C 169 15.65 35.74 18.56
N ASP C 170 14.92 35.55 19.64
CA ASP C 170 15.01 34.36 20.47
C ASP C 170 14.37 33.16 19.78
N SER C 171 14.84 31.96 20.17
CA SER C 171 14.37 30.71 19.57
C SER C 171 12.92 30.38 19.92
N ASN C 172 12.44 30.83 21.08
CA ASN C 172 11.03 30.69 21.40
C ASN C 172 10.21 31.80 20.77
N GLY C 173 10.80 32.99 20.66
CA GLY C 173 10.18 34.15 20.05
C GLY C 173 9.97 35.30 21.00
N CYS C 174 10.40 35.19 22.26
CA CYS C 174 10.22 36.26 23.24
C CYS C 174 11.58 36.91 23.46
N ILE C 175 11.64 38.20 23.21
CA ILE C 175 12.86 38.98 23.35
C ILE C 175 12.83 39.64 24.72
N ASN C 176 14.00 39.87 25.30
CA ASN C 176 14.10 40.50 26.60
C ASN C 176 14.39 41.97 26.34
N TYR C 177 13.47 42.84 26.79
CA TYR C 177 13.50 44.24 26.39
C TYR C 177 14.77 44.95 26.82
N GLU C 178 15.34 44.61 27.98
CA GLU C 178 16.55 45.31 28.40
C GLU C 178 17.69 45.05 27.42
N ALA C 179 17.76 43.86 26.85
CA ALA C 179 18.76 43.57 25.83
C ALA C 179 18.43 44.26 24.52
N PHE C 180 17.14 44.41 24.21
CA PHE C 180 16.77 45.08 22.97
C PHE C 180 17.03 46.58 23.06
N VAL C 181 16.66 47.21 24.16
CA VAL C 181 16.98 48.62 24.35
C VAL C 181 18.48 48.82 24.36
N LYS C 182 19.24 47.92 25.00
CA LYS C 182 20.70 48.05 24.96
C LYS C 182 21.24 47.93 23.54
N HIS C 183 20.62 47.04 22.74
CA HIS C 183 21.01 46.91 21.34
C HIS C 183 20.74 48.20 20.59
N ILE C 184 19.62 48.86 20.90
CA ILE C 184 19.34 50.14 20.28
C ILE C 184 20.36 51.17 20.73
N MET C 185 20.70 51.14 22.02
CA MET C 185 21.73 51.99 22.64
C MET C 185 23.08 51.84 21.99
N SER C 186 23.35 50.71 21.33
CA SER C 186 24.64 50.51 20.67
C SER C 186 25.02 51.59 19.66
N VAL C 187 24.09 52.44 19.21
CA VAL C 187 24.50 53.49 18.29
C VAL C 187 25.42 54.48 19.01
N PHE D 40 37.31 -10.51 -29.28
CA PHE D 40 37.72 -9.57 -28.24
C PHE D 40 38.96 -8.78 -28.66
N SER D 41 39.12 -7.61 -28.06
CA SER D 41 40.33 -6.81 -28.26
C SER D 41 41.55 -7.49 -27.62
N LYS D 42 42.72 -7.15 -28.17
CA LYS D 42 43.97 -7.67 -27.63
C LYS D 42 44.21 -7.20 -26.21
N GLU D 43 43.63 -6.05 -25.83
CA GLU D 43 43.70 -5.56 -24.46
C GLU D 43 42.66 -6.22 -23.56
N GLN D 44 41.71 -6.94 -24.14
CA GLN D 44 40.68 -7.68 -23.40
C GLN D 44 41.25 -8.99 -22.87
N GLN D 45 42.04 -9.68 -23.70
CA GLN D 45 42.64 -10.95 -23.32
C GLN D 45 43.67 -10.76 -22.21
N GLU D 46 44.37 -9.63 -22.16
CA GLU D 46 45.32 -9.39 -21.08
C GLU D 46 44.61 -9.30 -19.73
N ASP D 47 43.51 -8.55 -19.67
CA ASP D 47 42.83 -8.45 -18.39
C ASP D 47 42.06 -9.72 -18.08
N PHE D 48 41.77 -10.53 -19.10
CA PHE D 48 41.24 -11.86 -18.84
C PHE D 48 42.33 -12.72 -18.23
N LYS D 49 43.54 -12.62 -18.80
CA LYS D 49 44.71 -13.37 -18.34
C LYS D 49 45.01 -13.12 -16.89
N GLU D 50 44.87 -11.88 -16.44
CA GLU D 50 45.33 -11.67 -15.08
C GLU D 50 44.32 -12.15 -14.05
N ALA D 51 43.12 -12.53 -14.46
CA ALA D 51 42.22 -13.22 -13.56
C ALA D 51 42.81 -14.58 -13.23
N PHE D 52 43.25 -15.29 -14.28
CA PHE D 52 43.91 -16.57 -14.09
C PHE D 52 45.21 -16.40 -13.34
N LEU D 53 45.87 -15.26 -13.52
CA LEU D 53 47.15 -15.04 -12.86
C LEU D 53 46.99 -14.78 -11.37
N LEU D 54 45.85 -14.21 -10.95
CA LEU D 54 45.59 -14.10 -9.52
C LEU D 54 45.09 -15.42 -8.94
N PHE D 55 44.27 -16.16 -9.71
CA PHE D 55 43.73 -17.42 -9.20
C PHE D 55 44.73 -18.58 -9.20
N ASP D 56 45.65 -18.62 -10.16
CA ASP D 56 46.79 -19.53 -10.10
C ASP D 56 47.68 -19.38 -8.86
N ARG D 57 47.67 -20.36 -7.94
CA ARG D 57 48.63 -20.24 -6.85
C ARG D 57 50.06 -20.64 -7.21
N THR D 58 50.27 -21.25 -8.38
CA THR D 58 51.58 -21.70 -8.86
C THR D 58 52.26 -20.48 -9.44
N GLY D 59 53.59 -20.49 -9.54
CA GLY D 59 54.16 -19.27 -10.04
C GLY D 59 53.94 -19.09 -11.53
N GLU D 60 54.05 -20.16 -12.37
CA GLU D 60 53.40 -20.01 -13.67
C GLU D 60 52.74 -21.20 -14.38
N CYS D 61 52.80 -22.46 -13.93
CA CYS D 61 51.99 -23.56 -14.45
C CYS D 61 50.58 -23.87 -13.88
N LYS D 62 49.80 -22.99 -13.26
CA LYS D 62 48.41 -23.37 -12.98
C LYS D 62 47.31 -22.58 -13.66
N ILE D 63 46.28 -23.25 -14.17
CA ILE D 63 44.96 -22.63 -14.25
C ILE D 63 43.91 -23.65 -13.83
N THR D 64 42.92 -23.18 -13.08
CA THR D 64 42.01 -24.01 -12.28
C THR D 64 40.99 -24.81 -13.12
N LEU D 65 41.27 -26.03 -13.56
CA LEU D 65 40.26 -26.74 -14.36
C LEU D 65 38.88 -26.80 -13.68
N SER D 66 38.85 -26.95 -12.36
CA SER D 66 37.56 -27.01 -11.67
C SER D 66 36.90 -25.67 -11.43
N GLN D 67 37.67 -24.60 -11.42
CA GLN D 67 37.14 -23.29 -11.06
C GLN D 67 37.20 -22.27 -12.18
N VAL D 68 37.82 -22.59 -13.32
CA VAL D 68 38.04 -21.57 -14.33
C VAL D 68 36.74 -21.20 -15.04
N GLY D 69 35.95 -22.19 -15.47
CA GLY D 69 34.67 -21.88 -16.08
C GLY D 69 33.79 -21.03 -15.18
N ASP D 70 33.89 -21.25 -13.88
CA ASP D 70 33.13 -20.47 -12.92
C ASP D 70 33.54 -19.00 -12.95
N VAL D 71 34.82 -18.74 -13.20
CA VAL D 71 35.30 -17.37 -13.31
C VAL D 71 34.95 -16.75 -14.66
N LEU D 72 34.90 -17.52 -15.75
CA LEU D 72 34.57 -16.89 -17.04
C LEU D 72 33.20 -16.22 -17.03
N ARG D 73 32.29 -16.66 -16.15
CA ARG D 73 31.03 -15.93 -15.96
C ARG D 73 31.27 -14.45 -15.72
N ALA D 74 32.26 -14.12 -14.87
CA ALA D 74 32.55 -12.74 -14.51
C ALA D 74 33.19 -11.96 -15.66
N LEU D 75 34.18 -12.54 -16.33
CA LEU D 75 34.86 -11.82 -17.41
C LEU D 75 34.00 -11.67 -18.66
N GLY D 76 33.12 -12.62 -18.93
CA GLY D 76 32.31 -12.56 -20.13
C GLY D 76 30.84 -12.81 -19.85
N THR D 77 30.25 -13.79 -20.54
CA THR D 77 28.87 -14.13 -20.30
C THR D 77 28.82 -15.42 -19.50
N ASN D 78 27.63 -15.78 -19.04
CA ASN D 78 27.55 -16.93 -18.18
C ASN D 78 26.77 -18.09 -18.77
N PRO D 79 27.40 -19.26 -18.82
CA PRO D 79 26.75 -20.45 -19.35
C PRO D 79 26.09 -21.29 -18.28
N THR D 80 25.52 -22.40 -18.75
CA THR D 80 25.12 -23.50 -17.89
C THR D 80 26.35 -24.39 -17.74
N ASN D 81 26.56 -24.92 -16.53
CA ASN D 81 27.78 -25.71 -16.33
C ASN D 81 27.80 -26.93 -17.23
N ALA D 82 26.62 -27.50 -17.51
CA ALA D 82 26.58 -28.65 -18.40
C ALA D 82 27.19 -28.30 -19.75
N GLU D 83 27.04 -27.06 -20.22
CA GLU D 83 27.66 -26.71 -21.50
C GLU D 83 29.18 -26.69 -21.39
N VAL D 84 29.69 -26.26 -20.24
CA VAL D 84 31.12 -26.33 -19.97
C VAL D 84 31.57 -27.78 -20.05
N LYS D 85 30.79 -28.68 -19.43
CA LYS D 85 31.12 -30.09 -19.44
C LYS D 85 31.02 -30.66 -20.84
N LYS D 86 30.14 -30.13 -21.68
CA LYS D 86 30.02 -30.64 -23.04
C LYS D 86 31.20 -30.19 -23.89
N VAL D 87 31.71 -28.97 -23.66
CA VAL D 87 32.89 -28.55 -24.41
C VAL D 87 34.12 -29.31 -23.93
N LEU D 88 34.18 -29.63 -22.63
CA LEU D 88 35.24 -30.53 -22.14
C LEU D 88 35.05 -31.95 -22.66
N GLY D 89 33.80 -32.36 -22.86
CA GLY D 89 33.45 -33.68 -23.34
C GLY D 89 33.13 -34.69 -22.24
N ASN D 90 32.46 -34.22 -21.20
CA ASN D 90 32.00 -35.00 -20.04
C ASN D 90 33.15 -35.68 -19.30
N PRO D 91 33.96 -34.95 -18.54
CA PRO D 91 35.05 -35.62 -17.83
C PRO D 91 34.54 -36.31 -16.57
N SER D 92 35.45 -36.82 -15.75
CA SER D 92 35.07 -37.52 -14.53
C SER D 92 35.00 -36.55 -13.35
N ASN D 93 34.19 -36.88 -12.35
CA ASN D 93 34.13 -36.04 -11.16
C ASN D 93 35.49 -35.97 -10.47
N GLU D 94 36.23 -37.08 -10.49
CA GLU D 94 37.56 -37.07 -9.92
C GLU D 94 38.48 -36.17 -10.72
N GLU D 95 38.24 -36.08 -12.04
CA GLU D 95 38.98 -35.13 -12.86
C GLU D 95 38.65 -33.71 -12.44
N MET D 96 37.36 -33.44 -12.22
CA MET D 96 36.93 -32.14 -11.71
C MET D 96 37.58 -31.80 -10.38
N ASN D 97 37.93 -32.80 -9.58
CA ASN D 97 38.56 -32.45 -8.31
C ASN D 97 40.08 -32.42 -8.35
N ALA D 98 40.72 -33.21 -9.21
CA ALA D 98 42.18 -33.33 -9.26
C ALA D 98 42.87 -32.65 -10.44
N LYS D 99 42.28 -32.66 -11.63
CA LYS D 99 42.91 -32.09 -12.81
C LYS D 99 43.03 -30.56 -12.79
N LYS D 100 44.16 -30.08 -13.34
CA LYS D 100 44.41 -28.70 -13.72
C LYS D 100 44.86 -28.66 -15.18
N ILE D 101 44.18 -27.82 -15.96
CA ILE D 101 44.33 -27.69 -17.41
C ILE D 101 45.28 -26.57 -17.80
N GLU D 102 45.71 -26.63 -19.07
CA GLU D 102 46.69 -25.72 -19.67
C GLU D 102 46.02 -24.54 -20.35
N PHE D 103 46.53 -23.34 -20.04
CA PHE D 103 45.88 -22.05 -20.38
C PHE D 103 45.78 -21.78 -21.88
N GLU D 104 46.80 -22.15 -22.67
CA GLU D 104 46.74 -21.81 -24.09
C GLU D 104 45.60 -22.53 -24.79
N GLN D 105 45.29 -23.76 -24.38
CA GLN D 105 44.12 -24.44 -24.92
C GLN D 105 42.83 -23.81 -24.42
N PHE D 106 42.89 -23.22 -23.22
CA PHE D 106 41.74 -22.52 -22.65
C PHE D 106 41.39 -21.20 -23.31
N LEU D 107 42.34 -20.50 -23.92
CA LEU D 107 41.95 -19.26 -24.62
C LEU D 107 40.84 -19.52 -25.64
N PRO D 108 40.92 -20.52 -26.53
CA PRO D 108 39.74 -20.84 -27.35
C PRO D 108 38.49 -21.15 -26.54
N MET D 109 38.63 -21.82 -25.40
CA MET D 109 37.47 -22.14 -24.56
C MET D 109 36.78 -20.88 -24.06
N MET D 110 37.52 -19.79 -23.86
CA MET D 110 36.92 -18.52 -23.45
C MET D 110 35.85 -18.08 -24.45
N GLN D 111 36.22 -18.08 -25.73
CA GLN D 111 35.30 -17.72 -26.80
C GLN D 111 34.19 -18.76 -26.93
N ALA D 112 34.54 -20.04 -26.91
CA ALA D 112 33.50 -21.06 -27.06
C ALA D 112 32.45 -20.94 -25.96
N ILE D 113 32.87 -20.76 -24.71
CA ILE D 113 31.90 -20.62 -23.63
C ILE D 113 31.11 -19.32 -23.79
N SER D 114 31.74 -18.27 -24.33
CA SER D 114 31.04 -17.03 -24.65
C SER D 114 30.00 -17.22 -25.75
N ASN D 115 30.25 -18.21 -26.62
CA ASN D 115 29.48 -18.46 -27.84
C ASN D 115 28.04 -18.88 -27.61
N ASN D 116 27.67 -19.43 -26.45
CA ASN D 116 26.33 -19.99 -26.38
C ASN D 116 25.31 -18.91 -26.04
N LYS D 117 24.80 -18.32 -27.13
CA LYS D 117 23.78 -17.31 -27.30
C LYS D 117 22.41 -17.93 -27.06
N ASP D 118 21.38 -17.09 -27.05
CA ASP D 118 20.02 -17.45 -26.63
C ASP D 118 19.92 -17.62 -25.12
N GLN D 119 20.81 -16.94 -24.40
CA GLN D 119 20.62 -16.77 -22.97
C GLN D 119 19.30 -16.02 -22.77
N GLY D 120 18.67 -16.24 -21.63
CA GLY D 120 17.37 -15.64 -21.37
C GLY D 120 17.44 -14.19 -20.98
N GLY D 121 16.42 -13.45 -21.39
CA GLY D 121 16.33 -12.03 -21.11
C GLY D 121 15.63 -11.76 -19.80
N TYR D 122 15.40 -10.48 -19.53
CA TYR D 122 14.78 -10.09 -18.27
C TYR D 122 13.37 -10.65 -18.14
N GLU D 123 12.55 -10.50 -19.18
CA GLU D 123 11.18 -10.99 -19.07
C GLU D 123 11.14 -12.51 -18.99
N ASP D 124 12.10 -13.15 -19.65
CA ASP D 124 12.23 -14.60 -19.61
C ASP D 124 12.52 -15.07 -18.19
N PHE D 125 13.34 -14.34 -17.47
CA PHE D 125 13.68 -14.71 -16.10
C PHE D 125 12.56 -14.36 -15.14
N VAL D 126 11.91 -13.21 -15.34
CA VAL D 126 10.94 -12.74 -14.36
C VAL D 126 9.66 -13.56 -14.44
N GLU D 127 9.39 -14.18 -15.59
CA GLU D 127 8.22 -15.05 -15.65
C GLU D 127 8.51 -16.41 -15.05
N GLY D 128 9.79 -16.71 -14.82
CA GLY D 128 10.22 -17.96 -14.23
C GLY D 128 9.76 -18.04 -12.79
N LEU D 129 10.30 -17.17 -11.93
CA LEU D 129 9.97 -17.23 -10.52
C LEU D 129 8.50 -16.96 -10.22
N ARG D 130 7.74 -16.42 -11.18
CA ARG D 130 6.31 -16.29 -10.93
C ARG D 130 5.63 -17.65 -10.80
N VAL D 131 6.21 -18.72 -11.34
CA VAL D 131 5.54 -20.00 -11.23
C VAL D 131 5.72 -20.53 -9.81
N PHE D 132 6.79 -20.11 -9.15
CA PHE D 132 7.00 -20.39 -7.74
C PHE D 132 6.14 -19.48 -6.87
N ASP D 133 5.82 -18.30 -7.37
CA ASP D 133 4.92 -17.36 -6.69
C ASP D 133 3.48 -17.87 -6.78
N LYS D 134 2.97 -18.35 -5.65
CA LYS D 134 1.61 -18.87 -5.56
C LYS D 134 0.65 -17.83 -4.98
N GLU D 135 1.00 -16.56 -5.10
CA GLU D 135 0.22 -15.42 -4.62
C GLU D 135 -0.08 -14.41 -5.72
N GLY D 136 0.86 -14.17 -6.63
CA GLY D 136 0.63 -13.29 -7.76
C GLY D 136 0.84 -11.82 -7.52
N ASN D 137 1.33 -11.41 -6.35
CA ASN D 137 1.45 -10.01 -6.00
C ASN D 137 2.83 -9.44 -6.28
N GLY D 138 3.84 -10.29 -6.43
CA GLY D 138 5.19 -9.88 -6.62
C GLY D 138 6.17 -10.22 -5.51
N THR D 139 5.81 -11.16 -4.63
CA THR D 139 6.69 -11.61 -3.57
C THR D 139 6.89 -13.11 -3.68
N VAL D 140 8.06 -13.58 -3.25
CA VAL D 140 8.38 -15.00 -3.20
C VAL D 140 8.95 -15.31 -1.83
N MET D 141 8.33 -16.25 -1.11
CA MET D 141 8.78 -16.60 0.22
C MET D 141 10.13 -17.32 0.16
N GLY D 142 11.06 -16.88 1.00
CA GLY D 142 12.42 -17.40 0.93
C GLY D 142 12.56 -18.82 1.42
N ALA D 143 11.56 -19.31 2.17
CA ALA D 143 11.56 -20.70 2.63
C ALA D 143 11.41 -21.65 1.45
N GLU D 144 10.68 -21.24 0.42
CA GLU D 144 10.57 -22.05 -0.78
C GLU D 144 11.43 -21.52 -1.90
N LEU D 145 11.91 -20.27 -1.79
CA LEU D 145 12.80 -19.74 -2.82
C LEU D 145 14.17 -20.40 -2.70
N ARG D 146 14.71 -20.48 -1.47
CA ARG D 146 15.99 -21.14 -1.35
C ARG D 146 15.86 -22.61 -1.67
N HIS D 147 14.71 -23.21 -1.32
CA HIS D 147 14.46 -24.60 -1.64
C HIS D 147 14.52 -24.83 -3.14
N VAL D 148 13.84 -23.98 -3.90
CA VAL D 148 13.84 -24.06 -5.37
C VAL D 148 15.24 -23.90 -5.93
N LEU D 149 15.96 -22.88 -5.49
CA LEU D 149 17.29 -22.62 -6.03
C LEU D 149 18.30 -23.72 -5.68
N ALA D 150 18.20 -24.30 -4.48
CA ALA D 150 19.08 -25.39 -4.07
C ALA D 150 18.76 -26.76 -4.67
N THR D 151 17.51 -27.22 -4.49
CA THR D 151 17.04 -28.57 -4.85
C THR D 151 16.74 -28.81 -6.32
N LEU D 152 16.11 -27.86 -7.01
CA LEU D 152 15.48 -28.16 -8.30
C LEU D 152 16.33 -27.93 -9.55
N GLY D 153 17.10 -26.86 -9.66
CA GLY D 153 17.88 -26.67 -10.88
C GLY D 153 19.23 -27.36 -10.87
N GLU D 154 20.20 -26.71 -11.49
CA GLU D 154 21.57 -27.19 -11.40
C GLU D 154 22.06 -27.04 -9.97
N LYS D 155 23.08 -27.83 -9.61
CA LYS D 155 23.65 -27.69 -8.28
C LYS D 155 24.25 -26.31 -8.07
N MET D 156 24.11 -25.80 -6.85
CA MET D 156 24.75 -24.58 -6.41
C MET D 156 25.41 -24.80 -5.05
N LYS D 157 26.54 -24.13 -4.83
CA LYS D 157 27.17 -24.18 -3.51
C LYS D 157 26.24 -23.47 -2.54
N GLU D 158 25.74 -24.21 -1.54
CA GLU D 158 24.62 -23.73 -0.76
C GLU D 158 24.93 -22.46 0.04
N GLU D 159 26.16 -22.31 0.52
CA GLU D 159 26.49 -21.07 1.24
C GLU D 159 26.24 -19.85 0.37
N GLU D 160 26.47 -19.96 -0.95
CA GLU D 160 26.18 -18.86 -1.84
C GLU D 160 24.68 -18.56 -1.86
N VAL D 161 23.85 -19.60 -1.75
CA VAL D 161 22.40 -19.40 -1.76
C VAL D 161 21.96 -18.72 -0.48
N GLU D 162 22.60 -19.06 0.63
CA GLU D 162 22.40 -18.35 1.90
C GLU D 162 22.76 -16.87 1.80
N ALA D 163 23.95 -16.56 1.28
CA ALA D 163 24.43 -15.19 1.26
C ALA D 163 23.93 -14.33 0.10
N LEU D 164 23.37 -14.89 -0.97
CA LEU D 164 22.90 -14.02 -2.06
C LEU D 164 21.65 -13.25 -1.67
N LEU D 165 20.70 -13.90 -1.00
CA LEU D 165 19.47 -13.27 -0.54
C LEU D 165 19.59 -12.59 0.81
N ALA D 166 20.71 -12.79 1.51
CA ALA D 166 20.92 -12.21 2.83
C ALA D 166 21.02 -10.70 2.69
N GLY D 167 20.18 -9.98 3.44
CA GLY D 167 20.10 -8.54 3.35
C GLY D 167 19.08 -8.06 2.33
N GLN D 168 18.62 -8.94 1.45
CA GLN D 168 17.65 -8.61 0.40
C GLN D 168 16.23 -8.96 0.83
N GLU D 169 16.07 -9.72 1.91
CA GLU D 169 14.77 -10.10 2.43
C GLU D 169 14.04 -8.88 2.99
N ASP D 170 12.74 -9.04 3.22
CA ASP D 170 11.91 -8.04 3.88
C ASP D 170 11.54 -8.57 5.27
N SER D 171 10.86 -7.74 6.06
CA SER D 171 10.50 -8.21 7.40
C SER D 171 9.44 -9.31 7.40
N ASN D 172 8.65 -9.43 6.34
CA ASN D 172 7.65 -10.50 6.31
C ASN D 172 8.24 -11.85 5.88
N GLY D 173 9.43 -11.86 5.31
CA GLY D 173 10.09 -13.09 4.90
C GLY D 173 9.79 -13.44 3.46
N CYS D 174 10.01 -12.49 2.55
CA CYS D 174 9.76 -12.68 1.13
C CYS D 174 10.81 -11.90 0.34
N ILE D 175 10.67 -11.93 -0.99
CA ILE D 175 11.58 -11.26 -1.92
C ILE D 175 10.79 -10.57 -3.01
N ASN D 176 11.24 -9.37 -3.37
CA ASN D 176 10.72 -8.58 -4.48
C ASN D 176 11.51 -9.08 -5.68
N TYR D 177 11.05 -10.19 -6.25
CA TYR D 177 11.83 -10.86 -7.28
C TYR D 177 12.00 -10.03 -8.53
N GLU D 178 11.07 -9.13 -8.87
CA GLU D 178 11.38 -8.32 -10.04
C GLU D 178 12.58 -7.41 -9.75
N ALA D 179 12.84 -7.16 -8.47
CA ALA D 179 14.05 -6.46 -8.11
C ALA D 179 15.22 -7.42 -8.09
N PHE D 180 15.01 -8.66 -7.63
CA PHE D 180 16.10 -9.63 -7.60
C PHE D 180 16.60 -9.90 -9.01
N VAL D 181 15.69 -9.96 -9.98
CA VAL D 181 16.11 -10.15 -11.36
C VAL D 181 16.78 -8.90 -11.90
N LYS D 182 16.25 -7.71 -11.57
CA LYS D 182 16.92 -6.55 -12.15
C LYS D 182 18.22 -6.25 -11.42
N HIS D 183 18.41 -6.88 -10.26
CA HIS D 183 19.68 -6.89 -9.54
C HIS D 183 20.69 -7.79 -10.24
N ILE D 184 20.30 -9.05 -10.50
CA ILE D 184 21.24 -10.03 -11.00
C ILE D 184 21.51 -9.88 -12.48
N MET D 185 20.62 -9.26 -13.24
CA MET D 185 20.95 -9.00 -14.63
C MET D 185 21.94 -7.85 -14.75
N SER D 186 21.82 -6.84 -13.89
CA SER D 186 22.69 -5.66 -13.98
C SER D 186 24.08 -5.92 -13.41
N VAL D 187 24.16 -6.21 -12.11
CA VAL D 187 25.44 -6.35 -11.43
C VAL D 187 25.72 -7.78 -10.97
N PHE E 18 58.69 48.03 8.07
CA PHE E 18 58.39 46.78 8.74
C PHE E 18 57.00 46.76 9.38
N SER E 19 56.48 47.91 9.81
CA SER E 19 55.15 47.96 10.41
C SER E 19 54.07 47.40 9.49
N MET E 20 54.28 47.42 8.17
CA MET E 20 53.29 46.85 7.27
C MET E 20 53.21 45.32 7.39
N PHE E 21 54.32 44.65 7.72
CA PHE E 21 54.32 43.21 7.69
C PHE E 21 53.91 42.57 9.01
N ASP E 22 53.15 41.47 8.90
CA ASP E 22 52.93 40.59 10.03
C ASP E 22 54.22 39.81 10.23
N GLN E 23 54.62 39.63 11.49
CA GLN E 23 55.89 38.96 11.76
C GLN E 23 55.91 37.54 11.19
N THR E 24 54.75 36.90 11.03
CA THR E 24 54.71 35.59 10.40
C THR E 24 55.35 35.61 9.01
N GLN E 25 54.96 36.57 8.15
CA GLN E 25 55.53 36.61 6.81
C GLN E 25 57.02 36.93 6.84
N ILE E 26 57.46 37.74 7.80
CA ILE E 26 58.88 38.06 7.93
C ILE E 26 59.67 36.80 8.27
N GLN E 27 59.18 36.02 9.23
CA GLN E 27 59.86 34.77 9.57
C GLN E 27 59.82 33.79 8.41
N GLU E 28 58.72 33.76 7.66
CA GLU E 28 58.66 32.89 6.48
C GLU E 28 59.67 33.31 5.42
N PHE E 29 59.83 34.61 5.21
CA PHE E 29 60.85 35.11 4.28
C PHE E 29 62.24 34.75 4.77
N LYS E 30 62.46 34.78 6.08
CA LYS E 30 63.74 34.39 6.65
C LYS E 30 64.00 32.89 6.45
N GLU E 31 62.97 32.07 6.64
CA GLU E 31 63.08 30.63 6.40
C GLU E 31 63.38 30.34 4.94
N ALA E 32 62.70 31.04 4.03
CA ALA E 32 62.92 30.84 2.59
C ALA E 32 64.32 31.29 2.19
N PHE E 33 64.75 32.45 2.68
CA PHE E 33 66.08 32.94 2.35
C PHE E 33 67.16 31.99 2.87
N THR E 34 67.02 31.50 4.10
CA THR E 34 68.05 30.61 4.64
C THR E 34 68.05 29.23 3.99
N VAL E 35 66.89 28.72 3.57
CA VAL E 35 66.86 27.45 2.81
C VAL E 35 67.33 27.61 1.37
N ILE E 36 67.13 28.78 0.75
CA ILE E 36 67.48 28.95 -0.66
C ILE E 36 68.99 29.04 -0.90
N ASP E 37 69.77 29.52 0.07
CA ASP E 37 71.22 29.60 -0.03
C ASP E 37 71.83 28.20 0.06
N GLN E 38 71.79 27.49 -1.08
CA GLN E 38 72.16 26.08 -1.12
C GLN E 38 73.63 25.80 -0.80
N ASN E 39 74.52 26.73 -1.10
CA ASN E 39 75.96 26.53 -0.88
C ASN E 39 76.46 27.25 0.36
N ARG E 40 75.55 27.71 1.23
CA ARG E 40 75.92 28.50 2.39
C ARG E 40 76.57 29.81 1.95
N ASP E 41 76.17 30.25 0.75
CA ASP E 41 76.76 31.43 0.10
C ASP E 41 76.43 32.72 0.81
N GLY E 42 75.23 32.82 1.37
CA GLY E 42 74.82 34.09 1.92
C GLY E 42 74.32 35.02 0.85
N ILE E 43 74.29 34.55 -0.40
CA ILE E 43 73.89 35.31 -1.59
C ILE E 43 73.33 34.29 -2.59
N ILE E 44 72.59 34.79 -3.58
CA ILE E 44 71.96 33.97 -4.60
C ILE E 44 72.66 34.14 -5.94
N ASP E 45 72.93 33.01 -6.62
CA ASP E 45 73.53 33.01 -7.93
C ASP E 45 72.74 32.11 -8.88
N LYS E 46 73.11 32.18 -10.16
CA LYS E 46 72.48 31.38 -11.22
C LYS E 46 72.41 29.89 -10.90
N GLU E 47 73.52 29.31 -10.42
CA GLU E 47 73.55 27.87 -10.14
C GLU E 47 72.56 27.50 -9.04
N ASP E 48 72.38 28.40 -8.08
CA ASP E 48 71.42 28.14 -7.02
C ASP E 48 70.03 28.07 -7.61
N LEU E 49 69.74 28.93 -8.58
CA LEU E 49 68.45 28.93 -9.26
C LEU E 49 68.27 27.63 -10.05
N ARG E 50 69.33 27.13 -10.70
CA ARG E 50 69.23 25.88 -11.44
C ARG E 50 68.88 24.71 -10.53
N ASP E 51 69.59 24.57 -9.40
CA ASP E 51 69.24 23.49 -8.48
C ASP E 51 67.85 23.69 -7.88
N THR E 52 67.47 24.93 -7.56
CA THR E 52 66.15 25.16 -6.98
C THR E 52 65.04 24.76 -7.94
N PHE E 53 65.14 25.18 -9.21
CA PHE E 53 64.13 24.80 -10.20
C PHE E 53 64.15 23.32 -10.53
N ALA E 54 65.32 22.68 -10.56
CA ALA E 54 65.34 21.26 -10.87
C ALA E 54 64.81 20.41 -9.72
N ALA E 55 65.15 20.77 -8.48
CA ALA E 55 64.64 20.02 -7.33
C ALA E 55 63.17 20.30 -7.08
N MET E 56 62.79 21.59 -7.04
CA MET E 56 61.40 21.97 -6.78
C MET E 56 60.50 21.69 -7.98
N GLY E 57 60.94 22.03 -9.18
CA GLY E 57 60.06 21.92 -10.33
C GLY E 57 60.15 20.68 -11.18
N ARG E 58 60.63 20.85 -12.42
CA ARG E 58 60.65 19.76 -13.39
C ARG E 58 61.74 20.03 -14.44
N LEU E 59 62.08 18.99 -15.19
CA LEU E 59 63.08 19.07 -16.25
C LEU E 59 62.70 20.01 -17.38
N ASN E 60 61.46 20.50 -17.42
CA ASN E 60 61.01 21.42 -18.47
C ASN E 60 61.61 22.82 -18.32
N VAL E 61 62.34 23.09 -17.25
CA VAL E 61 62.95 24.39 -16.97
C VAL E 61 64.22 24.66 -17.79
N LYS E 62 64.41 23.92 -18.87
CA LYS E 62 65.60 24.10 -19.73
C LYS E 62 65.60 25.39 -20.53
N ASN E 63 64.49 26.13 -20.56
CA ASN E 63 64.41 27.36 -21.35
C ASN E 63 65.39 28.42 -20.83
N GLU E 64 65.81 29.30 -21.74
CA GLU E 64 66.71 30.43 -21.50
C GLU E 64 66.20 31.39 -20.43
N GLU E 65 64.90 31.39 -20.16
CA GLU E 65 64.26 32.26 -19.18
C GLU E 65 64.95 32.23 -17.83
N LEU E 66 65.61 31.12 -17.50
CA LEU E 66 66.38 31.05 -16.26
C LEU E 66 67.48 32.10 -16.20
N ASP E 67 68.08 32.46 -17.33
CA ASP E 67 69.08 33.53 -17.37
C ASP E 67 68.45 34.91 -17.19
N ALA E 68 67.22 35.09 -17.66
CA ALA E 68 66.47 36.34 -17.48
C ALA E 68 66.12 36.60 -16.03
N MET E 69 66.00 35.56 -15.21
CA MET E 69 65.69 35.74 -13.79
C MET E 69 66.78 36.52 -13.05
N MET E 70 68.04 36.38 -13.45
CA MET E 70 69.10 37.17 -12.81
C MET E 70 69.00 38.64 -13.19
N LYS E 71 68.47 38.94 -14.38
CA LYS E 71 68.32 40.33 -14.82
C LYS E 71 67.43 41.13 -13.87
N GLU E 72 66.45 40.46 -13.26
CA GLU E 72 65.55 41.13 -12.31
C GLU E 72 66.29 41.68 -11.10
N ALA E 73 67.32 40.99 -10.61
CA ALA E 73 68.04 41.52 -9.45
C ALA E 73 69.48 41.02 -9.50
N SER E 74 70.26 41.65 -10.38
CA SER E 74 71.67 41.31 -10.55
C SER E 74 72.46 41.63 -9.29
N GLY E 75 73.48 40.80 -9.03
CA GLY E 75 74.35 40.94 -7.90
C GLY E 75 73.76 40.45 -6.60
N PRO E 76 74.61 40.28 -5.60
CA PRO E 76 74.15 39.84 -4.27
C PRO E 76 73.13 40.78 -3.64
N ILE E 77 72.14 40.18 -2.98
CA ILE E 77 71.09 40.91 -2.29
C ILE E 77 70.91 40.26 -0.91
N ASN E 78 70.79 41.10 0.12
CA ASN E 78 70.65 40.67 1.50
C ASN E 78 69.17 40.61 1.90
N PHE E 79 68.93 40.07 3.10
CA PHE E 79 67.58 39.91 3.61
C PHE E 79 66.86 41.24 3.76
N THR E 80 67.58 42.32 4.06
CA THR E 80 66.96 43.63 4.17
C THR E 80 66.42 44.08 2.82
N VAL E 81 67.24 43.99 1.76
CA VAL E 81 66.75 44.37 0.45
C VAL E 81 65.70 43.36 -0.02
N PHE E 82 65.82 42.11 0.39
CA PHE E 82 64.79 41.11 0.08
C PHE E 82 63.44 41.55 0.61
N LEU E 83 63.42 41.96 1.88
CA LEU E 83 62.21 42.45 2.54
C LEU E 83 61.67 43.72 1.90
N THR E 84 62.55 44.66 1.56
CA THR E 84 62.06 45.91 0.94
C THR E 84 61.55 45.67 -0.48
N MET E 85 62.21 44.81 -1.26
CA MET E 85 61.76 44.52 -2.61
C MET E 85 60.44 43.76 -2.58
N PHE E 86 60.31 42.77 -1.70
CA PHE E 86 59.03 42.09 -1.59
C PHE E 86 57.96 43.03 -1.05
N GLY E 87 58.29 43.86 -0.07
CA GLY E 87 57.31 44.79 0.48
C GLY E 87 56.73 45.71 -0.57
N GLU E 88 57.58 46.28 -1.42
CA GLU E 88 57.04 47.12 -2.49
C GLU E 88 56.29 46.27 -3.51
N LYS E 89 56.74 45.03 -3.74
CA LYS E 89 56.03 44.13 -4.64
C LYS E 89 54.71 43.65 -4.06
N LEU E 90 54.62 43.56 -2.73
CA LEU E 90 53.46 43.18 -1.89
C LEU E 90 52.37 44.21 -1.85
N LYS E 91 52.46 45.30 -2.61
CA LYS E 91 51.38 46.29 -2.62
C LYS E 91 50.09 45.60 -3.01
N GLY E 92 49.04 45.84 -2.23
CA GLY E 92 47.79 45.16 -2.47
C GLY E 92 47.68 43.77 -1.87
N ALA E 93 48.68 43.33 -1.11
CA ALA E 93 48.64 42.04 -0.45
C ALA E 93 48.42 42.24 1.05
N ASP E 94 47.71 41.29 1.66
CA ASP E 94 47.31 41.36 3.05
C ASP E 94 47.32 39.96 3.65
N PRO E 95 47.43 39.85 4.98
CA PRO E 95 47.53 38.54 5.62
C PRO E 95 46.31 37.67 5.33
N GLU E 96 46.58 36.41 5.03
CA GLU E 96 45.54 35.45 4.66
C GLU E 96 44.43 35.34 5.70
N ASP E 97 44.78 35.31 6.99
CA ASP E 97 43.76 35.16 8.03
C ASP E 97 42.72 36.29 7.98
N VAL E 98 43.17 37.53 7.75
CA VAL E 98 42.18 38.59 7.67
C VAL E 98 41.42 38.48 6.36
N ILE E 99 42.06 38.00 5.29
CA ILE E 99 41.32 37.87 4.04
C ILE E 99 40.24 36.79 4.17
N THR E 100 40.52 35.71 4.91
CA THR E 100 39.52 34.67 5.14
C THR E 100 38.33 35.24 5.91
N GLY E 101 38.62 36.01 6.96
CA GLY E 101 37.55 36.64 7.72
C GLY E 101 36.75 37.62 6.88
N ALA E 102 37.45 38.40 6.06
CA ALA E 102 36.80 39.39 5.20
C ALA E 102 35.93 38.73 4.15
N PHE E 103 36.38 37.62 3.57
CA PHE E 103 35.53 36.89 2.63
C PHE E 103 34.32 36.29 3.33
N LYS E 104 34.48 35.77 4.54
CA LYS E 104 33.34 35.19 5.24
C LYS E 104 32.32 36.25 5.62
N VAL E 105 32.79 37.47 5.93
CA VAL E 105 31.90 38.61 6.18
C VAL E 105 31.23 39.11 4.90
N LEU E 106 31.98 39.15 3.80
CA LEU E 106 31.43 39.60 2.52
C LEU E 106 30.27 38.74 2.06
N ASP E 107 30.36 37.43 2.21
CA ASP E 107 29.26 36.60 1.78
C ASP E 107 28.03 36.86 2.64
N PRO E 108 26.86 37.05 2.04
CA PRO E 108 25.64 37.18 2.85
C PRO E 108 25.34 35.92 3.62
N GLU E 109 25.52 34.76 2.98
CA GLU E 109 25.32 33.48 3.62
C GLU E 109 26.54 33.05 4.43
N GLY E 110 27.68 33.72 4.26
CA GLY E 110 28.84 33.35 5.03
C GLY E 110 29.45 32.01 4.68
N LYS E 111 29.15 31.47 3.49
CA LYS E 111 29.59 30.11 3.19
C LYS E 111 29.98 29.89 1.73
N GLY E 112 30.17 30.94 0.94
CA GLY E 112 30.63 30.77 -0.43
C GLY E 112 29.69 30.30 -1.51
N THR E 113 28.47 30.84 -1.55
CA THR E 113 27.45 30.33 -2.46
C THR E 113 26.84 31.39 -3.37
N ILE E 114 27.31 32.64 -3.30
CA ILE E 114 26.84 33.66 -4.24
C ILE E 114 27.34 33.41 -5.66
N LYS E 115 26.58 33.92 -6.62
CA LYS E 115 26.85 33.81 -8.05
C LYS E 115 27.81 34.92 -8.48
N LYS E 116 28.60 34.64 -9.52
CA LYS E 116 29.60 35.61 -9.98
C LYS E 116 28.97 36.92 -10.44
N GLN E 117 27.80 36.88 -11.08
CA GLN E 117 27.29 38.09 -11.74
C GLN E 117 26.98 39.18 -10.72
N PHE E 118 26.56 38.76 -9.53
CA PHE E 118 26.25 39.66 -8.43
C PHE E 118 27.51 40.35 -7.94
N LEU E 119 28.55 39.55 -7.68
CA LEU E 119 29.81 40.09 -7.18
C LEU E 119 30.54 40.93 -8.23
N GLU E 120 30.58 40.51 -9.50
CA GLU E 120 31.30 41.35 -10.46
C GLU E 120 30.56 42.64 -10.74
N GLU E 121 29.22 42.60 -10.73
CA GLU E 121 28.50 43.84 -10.93
C GLU E 121 28.75 44.78 -9.75
N LEU E 122 28.66 44.26 -8.53
CA LEU E 122 28.85 45.15 -7.40
C LEU E 122 30.28 45.67 -7.34
N LEU E 123 31.29 44.80 -7.50
CA LEU E 123 32.65 45.31 -7.39
C LEU E 123 32.93 46.39 -8.41
N THR E 124 32.46 46.22 -9.65
CA THR E 124 32.72 47.28 -10.63
C THR E 124 31.93 48.55 -10.35
N THR E 125 30.72 48.42 -9.83
CA THR E 125 29.88 49.59 -9.51
C THR E 125 30.35 50.37 -8.28
N GLN E 126 30.61 49.69 -7.16
CA GLN E 126 30.75 50.40 -5.90
C GLN E 126 32.05 51.20 -5.78
N CYS E 127 33.17 50.73 -6.32
CA CYS E 127 34.38 51.54 -6.27
C CYS E 127 35.39 51.05 -7.27
N ASP E 128 36.36 51.94 -7.57
CA ASP E 128 37.52 51.62 -8.38
C ASP E 128 37.20 50.85 -9.65
N ARG E 129 36.72 51.53 -10.69
CA ARG E 129 36.38 50.91 -11.97
C ARG E 129 37.65 50.43 -12.66
N PHE E 130 38.18 49.30 -12.20
CA PHE E 130 39.26 48.62 -12.90
C PHE E 130 38.75 48.04 -14.20
N SER E 131 39.65 47.42 -14.98
CA SER E 131 39.19 46.69 -16.14
C SER E 131 38.29 45.53 -15.70
N GLN E 132 37.20 45.32 -16.43
CA GLN E 132 36.31 44.22 -16.10
C GLN E 132 36.87 42.87 -16.48
N GLU E 133 37.69 42.82 -17.53
CA GLU E 133 38.17 41.57 -18.12
C GLU E 133 38.94 40.64 -17.19
N GLU E 134 39.70 41.14 -16.22
CA GLU E 134 40.40 40.20 -15.34
C GLU E 134 39.46 39.52 -14.33
N ILE E 135 38.55 40.29 -13.75
CA ILE E 135 37.62 39.67 -12.81
C ILE E 135 36.64 38.79 -13.58
N LYS E 136 36.22 39.26 -14.76
CA LYS E 136 35.33 38.47 -15.57
C LYS E 136 35.97 37.16 -16.00
N ASN E 137 37.24 37.17 -16.41
CA ASN E 137 37.86 35.91 -16.80
C ASN E 137 37.99 34.93 -15.64
N MET E 138 38.27 35.42 -14.43
CA MET E 138 38.34 34.47 -13.32
C MET E 138 36.96 33.94 -12.95
N TRP E 139 35.99 34.82 -12.78
CA TRP E 139 34.67 34.44 -12.29
C TRP E 139 33.85 33.72 -13.37
N ALA E 140 34.09 34.00 -14.64
CA ALA E 140 33.45 33.26 -15.72
C ALA E 140 34.28 32.09 -16.20
N ALA E 141 35.39 31.81 -15.50
CA ALA E 141 36.18 30.64 -15.85
C ALA E 141 35.33 29.40 -15.60
N PHE E 142 34.30 29.54 -14.77
CA PHE E 142 33.29 28.55 -14.42
C PHE E 142 31.90 29.13 -14.70
N PRO E 143 31.00 28.34 -15.27
CA PRO E 143 29.63 28.82 -15.55
C PRO E 143 28.88 29.25 -14.30
N PRO E 144 28.44 30.51 -14.24
CA PRO E 144 27.78 31.02 -13.03
C PRO E 144 26.38 30.50 -12.79
N ASP E 145 25.74 29.90 -13.78
CA ASP E 145 24.38 29.39 -13.64
C ASP E 145 24.30 27.99 -13.04
N VAL E 146 25.38 27.20 -13.14
CA VAL E 146 25.39 25.84 -12.61
C VAL E 146 26.58 25.67 -11.66
N GLY E 147 27.51 26.62 -11.69
CA GLY E 147 28.67 26.57 -10.81
C GLY E 147 29.14 27.92 -10.33
N GLY E 148 28.20 28.84 -10.12
CA GLY E 148 28.48 30.20 -9.70
C GLY E 148 28.99 30.35 -8.28
N ASN E 149 28.89 29.30 -7.47
CA ASN E 149 29.29 29.36 -6.06
C ASN E 149 30.76 29.70 -5.91
N VAL E 150 31.03 30.91 -5.42
CA VAL E 150 32.36 31.41 -5.11
C VAL E 150 32.79 30.89 -3.74
N ASP E 151 33.25 29.63 -3.72
CA ASP E 151 33.77 28.97 -2.53
C ASP E 151 35.11 29.64 -2.19
N TYR E 152 35.00 30.78 -1.50
CA TYR E 152 36.10 31.72 -1.34
C TYR E 152 37.40 31.09 -0.85
N LYS E 153 37.34 30.00 -0.09
CA LYS E 153 38.59 29.33 0.29
C LYS E 153 39.39 28.92 -0.94
N ASN E 154 38.72 28.41 -1.98
CA ASN E 154 39.44 28.04 -3.19
C ASN E 154 40.01 29.28 -3.88
N ILE E 155 39.27 30.40 -3.85
CA ILE E 155 39.74 31.62 -4.49
C ILE E 155 40.98 32.14 -3.80
N CYS E 156 40.93 32.28 -2.48
CA CYS E 156 42.07 32.80 -1.75
C CYS E 156 43.27 31.86 -1.89
N TYR E 157 43.06 30.54 -1.79
CA TYR E 157 44.19 29.64 -1.99
C TYR E 157 44.75 29.68 -3.42
N VAL E 158 43.89 29.80 -4.44
CA VAL E 158 44.43 29.88 -5.80
C VAL E 158 45.25 31.13 -5.97
N ILE E 159 44.86 32.22 -5.29
CA ILE E 159 45.70 33.40 -5.29
C ILE E 159 47.04 33.11 -4.63
N THR E 160 47.08 32.22 -3.64
CA THR E 160 48.28 32.03 -2.83
C THR E 160 48.81 30.60 -2.72
N HIS E 161 48.13 29.77 -1.93
CA HIS E 161 48.53 28.40 -1.61
C HIS E 161 48.31 27.39 -2.72
N SER F 15 62.20 11.77 -10.10
CA SER F 15 61.45 10.65 -9.55
C SER F 15 61.46 10.66 -8.03
N ASN F 16 62.66 10.52 -7.45
CA ASN F 16 62.77 10.39 -6.01
C ASN F 16 62.33 11.64 -5.27
N VAL F 17 62.33 12.80 -5.94
CA VAL F 17 61.94 14.03 -5.29
C VAL F 17 60.43 14.16 -5.16
N PHE F 18 59.67 13.38 -5.94
CA PHE F 18 58.21 13.49 -5.96
C PHE F 18 57.58 12.91 -4.71
N SER F 19 58.16 11.85 -4.13
CA SER F 19 57.65 11.30 -2.88
C SER F 19 57.55 12.39 -1.81
N MET F 20 58.58 13.24 -1.72
CA MET F 20 58.56 14.37 -0.80
C MET F 20 57.39 15.30 -1.04
N PHE F 21 56.84 15.30 -2.26
CA PHE F 21 55.73 16.18 -2.62
C PHE F 21 54.37 15.51 -2.49
N ASP F 22 54.30 14.18 -2.61
CA ASP F 22 53.00 13.54 -2.63
C ASP F 22 52.41 13.47 -1.22
N GLN F 23 53.14 12.88 -0.29
CA GLN F 23 52.68 12.76 1.09
C GLN F 23 52.96 14.05 1.87
N THR F 24 52.40 14.10 3.08
CA THR F 24 52.51 15.25 3.97
C THR F 24 52.97 14.75 5.33
N GLN F 25 52.96 15.62 6.36
CA GLN F 25 53.48 15.24 7.68
C GLN F 25 54.96 14.90 7.64
N ILE F 26 55.65 15.34 6.59
CA ILE F 26 57.05 15.05 6.39
C ILE F 26 57.93 16.29 6.50
N GLN F 27 57.39 17.47 6.16
CA GLN F 27 58.14 18.72 6.34
C GLN F 27 58.45 18.93 7.81
N GLU F 28 57.60 18.38 8.69
CA GLU F 28 57.82 18.41 10.14
C GLU F 28 59.04 17.60 10.53
N PHE F 29 59.35 16.52 9.80
CA PHE F 29 60.55 15.74 10.11
C PHE F 29 61.82 16.53 9.84
N LYS F 30 61.79 17.55 8.99
CA LYS F 30 62.98 18.35 8.77
C LYS F 30 63.48 19.00 10.07
N GLU F 31 62.64 19.10 11.10
CA GLU F 31 63.10 19.63 12.38
C GLU F 31 64.09 18.66 13.01
N ALA F 32 63.93 17.36 12.74
CA ALA F 32 64.75 16.23 13.20
C ALA F 32 66.12 16.19 12.56
N PHE F 33 66.37 17.34 11.94
CA PHE F 33 67.61 17.72 11.28
C PHE F 33 67.89 19.11 11.84
N THR F 34 67.20 20.10 11.28
CA THR F 34 67.28 21.52 11.61
C THR F 34 67.51 21.88 13.08
N VAL F 35 66.78 21.27 14.00
CA VAL F 35 66.85 21.58 15.42
C VAL F 35 67.56 20.51 16.27
N ILE F 36 68.06 19.43 15.65
CA ILE F 36 68.85 18.46 16.39
C ILE F 36 70.32 18.58 16.01
N ASP F 37 70.63 19.34 14.96
CA ASP F 37 71.99 19.69 14.59
C ASP F 37 72.72 20.31 15.77
N GLN F 38 74.00 19.95 15.93
CA GLN F 38 74.76 20.46 17.06
C GLN F 38 75.35 21.82 16.77
N ASN F 39 75.63 22.11 15.51
CA ASN F 39 76.24 23.37 15.09
C ASN F 39 75.22 24.47 14.83
N ARG F 40 73.95 24.11 14.68
CA ARG F 40 72.85 25.05 14.39
C ARG F 40 73.16 25.97 13.23
N ASP F 41 74.10 25.57 12.37
CA ASP F 41 74.53 26.40 11.25
C ASP F 41 73.82 26.04 9.95
N GLY F 42 73.38 24.79 9.80
CA GLY F 42 72.64 24.42 8.62
C GLY F 42 73.01 23.08 8.01
N ILE F 43 73.99 22.37 8.56
CA ILE F 43 74.45 21.13 7.93
C ILE F 43 74.88 20.07 8.93
N ILE F 44 74.77 18.82 8.48
CA ILE F 44 75.24 17.63 9.17
C ILE F 44 76.76 17.64 9.10
N ASP F 45 77.45 17.85 10.20
CA ASP F 45 78.90 17.80 10.09
C ASP F 45 79.40 16.38 10.34
N LYS F 46 80.70 16.18 10.19
CA LYS F 46 81.34 14.89 10.31
C LYS F 46 81.49 14.44 11.77
N GLU F 47 80.89 15.18 12.70
CA GLU F 47 80.99 14.84 14.12
C GLU F 47 79.64 14.90 14.84
N ASP F 48 78.53 14.93 14.11
CA ASP F 48 77.22 14.92 14.76
C ASP F 48 76.97 13.62 15.53
N LEU F 49 77.69 12.55 15.19
CA LEU F 49 77.54 11.29 15.93
C LEU F 49 77.74 11.51 17.44
N ARG F 50 78.58 12.48 17.81
CA ARG F 50 78.85 12.71 19.22
C ARG F 50 77.56 12.92 19.99
N ASP F 51 76.54 13.54 19.37
CA ASP F 51 75.32 13.72 20.11
C ASP F 51 74.28 12.67 19.76
N THR F 52 74.54 11.82 18.76
CA THR F 52 73.61 10.74 18.49
C THR F 52 73.76 9.69 19.57
N PHE F 53 75.00 9.51 20.03
CA PHE F 53 75.29 8.60 21.13
C PHE F 53 74.58 9.03 22.40
N ALA F 54 74.39 10.34 22.59
CA ALA F 54 73.65 10.83 23.74
C ALA F 54 72.14 10.76 23.50
N ALA F 55 71.71 10.94 22.25
CA ALA F 55 70.29 10.84 21.94
C ALA F 55 69.80 9.40 22.13
N MET F 56 70.66 8.41 21.88
CA MET F 56 70.28 7.03 22.14
C MET F 56 70.52 6.68 23.61
N GLY F 57 71.71 6.96 24.12
CA GLY F 57 72.03 6.78 25.52
C GLY F 57 72.68 5.47 25.91
N ARG F 58 72.37 4.38 25.21
CA ARG F 58 72.86 3.06 25.57
C ARG F 58 74.03 2.58 24.71
N LEU F 59 74.44 3.35 23.71
CA LEU F 59 75.54 3.00 22.82
C LEU F 59 76.51 4.17 22.70
N ASN F 60 77.72 3.88 22.24
CA ASN F 60 78.77 4.89 22.17
C ASN F 60 79.50 4.93 20.82
N VAL F 61 80.62 5.65 20.78
CA VAL F 61 81.33 5.90 19.54
C VAL F 61 81.78 4.62 18.85
N LYS F 62 81.53 4.55 17.54
CA LYS F 62 81.92 3.46 16.67
C LYS F 62 82.19 4.04 15.28
N ASN F 63 83.11 3.40 14.53
CA ASN F 63 83.42 3.88 13.19
C ASN F 63 82.26 3.63 12.24
N GLU F 64 81.42 2.64 12.56
CA GLU F 64 80.26 2.34 11.73
C GLU F 64 79.37 3.55 11.58
N GLU F 65 79.34 4.44 12.57
CA GLU F 65 78.57 5.68 12.41
C GLU F 65 79.16 6.53 11.30
N LEU F 66 80.48 6.52 11.15
CA LEU F 66 81.11 7.23 10.05
C LEU F 66 80.77 6.56 8.72
N ASP F 67 80.67 5.22 8.73
CA ASP F 67 80.24 4.53 7.51
C ASP F 67 78.80 4.88 7.18
N ALA F 68 77.98 5.12 8.21
CA ALA F 68 76.62 5.59 8.03
C ALA F 68 76.63 6.97 7.39
N MET F 69 77.40 7.89 7.97
CA MET F 69 77.45 9.27 7.50
C MET F 69 77.92 9.35 6.06
N MET F 70 78.79 8.42 5.64
CA MET F 70 79.29 8.36 4.27
C MET F 70 78.32 7.66 3.32
N LYS F 71 77.61 6.63 3.78
CA LYS F 71 76.64 5.92 2.94
C LYS F 71 75.38 6.76 2.71
N GLU F 72 74.78 7.26 3.79
CA GLU F 72 73.56 8.04 3.67
C GLU F 72 73.80 9.40 3.01
N ALA F 73 74.98 10.00 3.17
CA ALA F 73 75.18 11.34 2.65
C ALA F 73 76.62 11.59 2.25
N SER F 74 76.78 12.57 1.37
CA SER F 74 78.03 13.12 0.86
C SER F 74 78.72 14.06 1.84
N GLY F 75 78.17 14.27 3.03
CA GLY F 75 78.72 15.22 3.97
C GLY F 75 78.32 16.64 3.60
N PRO F 76 78.97 17.64 4.20
CA PRO F 76 78.57 19.02 3.91
C PRO F 76 78.95 19.54 2.54
N ILE F 77 77.99 19.48 1.61
CA ILE F 77 78.09 20.03 0.27
C ILE F 77 76.80 20.76 -0.10
N ASN F 78 75.68 20.05 0.10
CA ASN F 78 74.33 20.44 -0.29
C ASN F 78 73.38 20.19 0.88
N PHE F 79 72.61 21.23 1.26
CA PHE F 79 71.65 21.09 2.36
C PHE F 79 70.46 20.21 1.99
N THR F 80 69.93 20.40 0.78
CA THR F 80 68.75 19.69 0.30
C THR F 80 68.93 18.18 0.17
N VAL F 81 70.15 17.68 -0.07
CA VAL F 81 70.29 16.23 -0.26
C VAL F 81 69.90 15.45 1.00
N PHE F 82 70.13 16.00 2.19
CA PHE F 82 69.67 15.34 3.41
C PHE F 82 68.14 15.32 3.47
N LEU F 83 67.53 16.48 3.23
CA LEU F 83 66.08 16.63 3.24
C LEU F 83 65.44 15.73 2.20
N THR F 84 66.03 15.61 1.02
CA THR F 84 65.46 14.74 0.00
C THR F 84 65.75 13.27 0.29
N MET F 85 66.80 12.95 1.04
CA MET F 85 66.99 11.58 1.45
C MET F 85 65.82 11.17 2.34
N PHE F 86 65.45 12.06 3.28
CA PHE F 86 64.27 11.78 4.10
C PHE F 86 63.01 11.75 3.23
N GLY F 87 62.98 12.54 2.16
CA GLY F 87 61.82 12.45 1.29
C GLY F 87 61.80 11.15 0.50
N GLU F 88 62.97 10.52 0.35
CA GLU F 88 63.05 9.21 -0.29
C GLU F 88 62.52 8.14 0.63
N LYS F 89 62.82 8.24 1.92
CA LYS F 89 62.28 7.30 2.91
C LYS F 89 60.77 7.47 3.09
N LEU F 90 60.25 8.70 2.91
CA LEU F 90 58.85 9.04 3.16
C LEU F 90 57.81 8.07 2.58
N LYS F 91 58.07 7.46 1.42
CA LYS F 91 57.04 6.76 0.64
C LYS F 91 56.18 5.78 1.43
N GLY F 92 56.73 5.18 2.49
CA GLY F 92 55.95 4.31 3.37
C GLY F 92 54.69 4.87 4.01
N ALA F 93 54.63 6.17 4.32
CA ALA F 93 53.49 6.78 5.02
C ALA F 93 52.10 6.69 4.36
N ASP F 94 51.99 6.42 3.06
CA ASP F 94 50.67 6.32 2.40
C ASP F 94 49.60 5.33 2.91
N PRO F 95 49.91 4.15 3.50
CA PRO F 95 48.87 3.15 3.75
C PRO F 95 47.87 3.28 4.89
N GLU F 96 48.17 3.98 5.99
CA GLU F 96 47.29 3.95 7.17
C GLU F 96 45.85 4.36 6.90
N ASP F 97 45.60 5.21 5.91
CA ASP F 97 44.21 5.51 5.52
C ASP F 97 43.45 4.26 5.08
N VAL F 98 44.08 3.44 4.24
CA VAL F 98 43.54 2.20 3.69
C VAL F 98 43.61 1.01 4.66
N ILE F 99 44.72 0.89 5.39
CA ILE F 99 45.00 -0.28 6.23
C ILE F 99 43.90 -0.56 7.25
N THR F 100 43.35 0.47 7.90
CA THR F 100 42.27 0.20 8.85
C THR F 100 41.07 -0.46 8.18
N GLY F 101 40.69 0.04 7.01
CA GLY F 101 39.59 -0.58 6.26
C GLY F 101 39.95 -1.98 5.80
N ALA F 102 41.18 -2.16 5.29
CA ALA F 102 41.63 -3.47 4.84
C ALA F 102 41.56 -4.51 5.94
N PHE F 103 41.91 -4.12 7.17
CA PHE F 103 41.81 -5.05 8.29
C PHE F 103 40.36 -5.30 8.69
N LYS F 104 39.51 -4.27 8.67
CA LYS F 104 38.11 -4.50 9.00
C LYS F 104 37.42 -5.38 7.96
N VAL F 105 37.78 -5.25 6.68
CA VAL F 105 37.22 -6.12 5.64
C VAL F 105 37.82 -7.51 5.72
N LEU F 106 39.06 -7.62 6.19
CA LEU F 106 39.70 -8.92 6.35
C LEU F 106 38.98 -9.74 7.42
N ASP F 107 38.71 -9.13 8.56
CA ASP F 107 37.95 -9.80 9.61
C ASP F 107 37.23 -8.74 10.42
N PRO F 108 35.91 -8.62 10.23
CA PRO F 108 35.12 -7.61 10.94
C PRO F 108 34.70 -8.00 12.35
N GLU F 109 34.86 -9.26 12.76
CA GLU F 109 34.35 -9.66 14.06
C GLU F 109 35.19 -9.04 15.19
N GLY F 110 36.49 -8.84 14.95
CA GLY F 110 37.36 -8.21 15.93
C GLY F 110 38.55 -9.07 16.35
N LYS F 111 38.40 -10.39 16.32
CA LYS F 111 39.49 -11.26 16.75
C LYS F 111 40.74 -11.05 15.92
N GLY F 112 40.60 -10.95 14.60
CA GLY F 112 41.78 -10.73 13.76
C GLY F 112 42.89 -11.72 14.02
N THR F 113 42.55 -12.98 14.30
CA THR F 113 43.53 -14.01 14.60
C THR F 113 44.13 -14.58 13.32
N ILE F 114 44.76 -13.69 12.56
CA ILE F 114 45.47 -14.06 11.33
C ILE F 114 46.79 -14.74 11.70
N LYS F 115 46.88 -16.04 11.43
CA LYS F 115 48.03 -16.84 11.82
C LYS F 115 49.28 -16.39 11.08
N LYS F 116 50.43 -16.45 11.76
CA LYS F 116 51.68 -15.97 11.17
C LYS F 116 52.09 -16.82 9.97
N GLN F 117 52.18 -18.14 10.14
CA GLN F 117 52.60 -18.99 9.03
C GLN F 117 51.51 -19.12 7.99
N PHE F 118 50.28 -18.78 8.37
CA PHE F 118 49.18 -18.70 7.42
C PHE F 118 49.44 -17.55 6.47
N LEU F 119 49.61 -16.33 7.00
CA LEU F 119 49.76 -15.21 6.08
C LEU F 119 51.14 -15.26 5.42
N GLU F 120 52.12 -15.88 6.10
CA GLU F 120 53.45 -16.11 5.54
C GLU F 120 53.36 -16.92 4.26
N GLU F 121 52.40 -17.85 4.17
CA GLU F 121 52.28 -18.59 2.94
C GLU F 121 51.19 -18.01 2.05
N LEU F 122 50.36 -17.12 2.60
CA LEU F 122 49.32 -16.46 1.81
C LEU F 122 49.90 -15.44 0.85
N LEU F 123 50.71 -14.49 1.36
CA LEU F 123 51.19 -13.42 0.49
C LEU F 123 52.13 -13.92 -0.60
N THR F 124 52.88 -14.99 -0.34
CA THR F 124 53.77 -15.54 -1.35
C THR F 124 52.98 -16.00 -2.58
N THR F 125 51.86 -16.70 -2.32
CA THR F 125 50.84 -17.09 -3.29
C THR F 125 50.03 -15.93 -3.86
N GLN F 126 49.82 -14.86 -3.11
CA GLN F 126 48.96 -13.75 -3.49
C GLN F 126 49.72 -12.62 -4.17
N CYS F 127 50.76 -12.12 -3.54
CA CYS F 127 51.57 -11.07 -4.13
C CYS F 127 52.69 -11.71 -4.96
N ASP F 128 53.77 -10.97 -5.19
CA ASP F 128 54.86 -11.44 -6.02
C ASP F 128 55.63 -12.62 -5.40
N ARG F 129 56.57 -13.11 -6.20
CA ARG F 129 57.41 -14.28 -5.96
C ARG F 129 58.55 -13.96 -4.99
N PHE F 130 58.34 -14.29 -3.72
CA PHE F 130 59.30 -14.00 -2.67
C PHE F 130 60.36 -15.08 -2.59
N SER F 131 61.62 -14.65 -2.59
CA SER F 131 62.82 -15.46 -2.59
C SER F 131 63.31 -15.69 -1.16
N GLN F 132 64.52 -16.26 -1.02
CA GLN F 132 65.06 -16.62 0.28
C GLN F 132 65.40 -15.40 1.13
N GLU F 133 66.02 -14.37 0.56
CA GLU F 133 66.33 -13.19 1.36
C GLU F 133 65.06 -12.45 1.75
N GLU F 134 64.04 -12.48 0.90
CA GLU F 134 62.75 -11.87 1.19
C GLU F 134 61.97 -12.67 2.21
N ILE F 135 62.07 -14.00 2.19
CA ILE F 135 61.36 -14.76 3.22
C ILE F 135 62.16 -14.71 4.52
N LYS F 136 63.47 -14.47 4.44
CA LYS F 136 64.30 -14.26 5.62
C LYS F 136 63.84 -12.99 6.32
N ASN F 137 63.61 -11.95 5.53
CA ASN F 137 63.12 -10.66 6.03
C ASN F 137 61.70 -10.78 6.54
N MET F 138 60.90 -11.68 5.94
CA MET F 138 59.51 -11.83 6.34
C MET F 138 59.41 -12.57 7.66
N TRP F 139 60.25 -13.59 7.84
CA TRP F 139 60.25 -14.31 9.11
C TRP F 139 60.83 -13.42 10.21
N ALA F 140 61.93 -12.72 9.92
CA ALA F 140 62.50 -11.80 10.90
C ALA F 140 61.50 -10.70 11.27
N ALA F 141 60.62 -10.33 10.34
CA ALA F 141 59.62 -9.30 10.60
C ALA F 141 58.71 -9.63 11.78
N PHE F 142 58.39 -10.91 11.99
CA PHE F 142 57.64 -11.30 13.18
C PHE F 142 57.80 -12.79 13.45
N PRO F 143 58.68 -13.18 14.38
CA PRO F 143 58.76 -14.57 14.78
C PRO F 143 57.43 -15.05 15.31
N PRO F 144 57.01 -16.27 14.96
CA PRO F 144 55.72 -16.78 15.43
C PRO F 144 55.67 -16.83 16.95
N ASP F 145 54.75 -16.04 17.52
CA ASP F 145 54.58 -16.03 18.96
C ASP F 145 53.76 -17.25 19.39
N VAL F 146 53.78 -17.54 20.69
CA VAL F 146 53.00 -18.67 21.18
C VAL F 146 51.52 -18.46 20.96
N GLY F 147 51.08 -17.21 20.77
CA GLY F 147 49.70 -16.96 20.42
C GLY F 147 49.37 -17.45 19.03
N GLY F 148 50.36 -17.46 18.13
CA GLY F 148 50.16 -17.95 16.79
C GLY F 148 49.45 -17.01 15.85
N ASN F 149 49.24 -15.75 16.24
CA ASN F 149 48.52 -14.82 15.39
C ASN F 149 49.20 -13.47 15.35
N VAL F 150 49.25 -12.88 14.17
CA VAL F 150 49.85 -11.55 14.01
C VAL F 150 48.92 -10.52 14.63
N ASP F 151 49.40 -9.80 15.65
CA ASP F 151 48.54 -8.78 16.24
C ASP F 151 48.42 -7.59 15.29
N TYR F 152 47.23 -7.36 14.74
CA TYR F 152 47.01 -6.24 13.83
C TYR F 152 47.40 -4.89 14.45
N LYS F 153 47.19 -4.73 15.76
CA LYS F 153 47.55 -3.50 16.46
C LYS F 153 49.05 -3.33 16.59
N ASN F 154 49.76 -4.42 16.94
CA ASN F 154 51.21 -4.36 17.06
C ASN F 154 51.82 -4.06 15.71
N ILE F 155 51.30 -4.70 14.66
CA ILE F 155 51.76 -4.44 13.29
C ILE F 155 51.57 -2.98 12.92
N CYS F 156 50.37 -2.42 13.16
CA CYS F 156 50.17 -1.01 12.81
C CYS F 156 51.08 -0.10 13.62
N TYR F 157 51.28 -0.38 14.92
CA TYR F 157 52.19 0.43 15.72
C TYR F 157 53.63 0.28 15.24
N VAL F 158 53.96 -0.89 14.72
CA VAL F 158 55.28 -1.14 14.14
C VAL F 158 55.44 -0.30 12.88
N ILE F 159 54.43 -0.34 12.00
CA ILE F 159 54.41 0.51 10.82
C ILE F 159 54.45 1.97 11.24
N THR F 160 53.85 2.30 12.39
CA THR F 160 53.85 3.65 12.90
C THR F 160 55.27 4.12 13.20
#